data_4UO3
#
_entry.id   4UO3
#
_cell.length_a   79.820
_cell.length_b   129.620
_cell.length_c   195.240
_cell.angle_alpha   90.00
_cell.angle_beta   90.00
_cell.angle_gamma   90.00
#
_symmetry.space_group_name_H-M   'P 21 21 21'
#
loop_
_entity.id
_entity.type
_entity.pdbx_description
1 polymer 'H3 HAEMAGGLUTININ HA1 CHAIN'
2 polymer 'H3 HAEMAGGLUTININ HA2 CHAIN'
3 branched beta-D-mannopyranose-(1-4)-2-acetamido-2-deoxy-beta-D-glucopyranose-(1-4)-[alpha-L-fucopyranose-(1-6)]2-acetamido-2-deoxy-beta-D-glucopyranose
4 branched alpha-D-mannopyranose-(1-3)-[alpha-D-mannopyranose-(1-6)]beta-D-mannopyranose-(1-4)-2-acetamido-2-deoxy-beta-D-glucopyranose-(1-4)-2-acetamido-2-deoxy-beta-D-glucopyranose
5 branched alpha-D-mannopyranose-(1-3)-[alpha-D-mannopyranose-(1-6)]beta-D-mannopyranose-(1-4)-2-acetamido-2-deoxy-beta-D-glucopyranose-(1-4)-[alpha-L-fucopyranose-(1-6)]2-acetamido-2-deoxy-beta-D-glucopyranose
6 branched alpha-L-fucopyranose-(1-6)-2-acetamido-2-deoxy-beta-D-glucopyranose
7 branched 2-acetamido-2-deoxy-beta-D-glucopyranose-(1-4)-2-acetamido-2-deoxy-beta-D-glucopyranose
8 branched beta-D-mannopyranose-(1-4)-2-acetamido-2-deoxy-beta-D-glucopyranose-(1-4)-2-acetamido-2-deoxy-beta-D-glucopyranose
9 non-polymer 2-acetamido-2-deoxy-beta-D-glucopyranose
10 non-polymer 1,2-ETHANEDIOL
11 water water
#
loop_
_entity_poly.entity_id
_entity_poly.type
_entity_poly.pdbx_seq_one_letter_code
_entity_poly.pdbx_strand_id
1 'polypeptide(L)'
;NPISNNNTATLCLGHHAVANGTLVKTITDDQIEVTNATELVQSISMGKICNNSYRILDGRNCTLIDAMLGDPHCDVFQYE
NWDLFIERSSAFSNCYPYDIPDYASLRSIVASSGTLEFTAEGFTWTGVTQNGRSGACKRGSADSFFSRLNWLTKSGNSYP
TLNVTMPNNKNFDKLYIWGIHHPSSNQEQTKLYIQESGRVTVSTKRSQQTIIPNIGSRPWVRGQSGRISIYWTIVKPGDI
LMINSNGNLVAPRGYFKLKTGKSSVMRSDVPIDICVSECITPNGSISNEKPFQNVNKVTYGKCPKYIRQNTLKLATGMRN
VPEKQIR
;
A,C,E
2 'polypeptide(L)'
;GIFGAIAGFIENGWEGMVDGWYGFRYQNSEGTGQAADLKSTQTAIDQINEKLNRVIERTNEKFHQIEKEFSEVEGRIQDL
EKYVEDTKIDLWSYNAELLVALENQHTIDLTDAEMNKLFEKTRRQLRENAEDMGGGCFKIYHKCDNACIGSIRNGTYDHY
IYRDEALNNRFQ
;
B,D,F
#
# COMPACT_ATOMS: atom_id res chain seq x y z
N PRO A 2 -65.65 7.29 -20.45
CA PRO A 2 -65.03 8.61 -20.70
C PRO A 2 -65.09 9.56 -19.50
N ILE A 3 -66.09 9.41 -18.63
CA ILE A 3 -66.12 10.14 -17.37
C ILE A 3 -65.93 9.15 -16.24
N SER A 4 -64.82 9.27 -15.52
CA SER A 4 -64.54 8.48 -14.32
C SER A 4 -65.82 8.22 -13.54
N ASN A 5 -66.18 6.95 -13.41
CA ASN A 5 -67.25 6.52 -12.52
C ASN A 5 -66.98 7.06 -11.11
N ASN A 6 -68.02 7.57 -10.45
CA ASN A 6 -67.89 8.11 -9.10
C ASN A 6 -67.54 7.07 -8.05
N ASN A 7 -67.73 5.80 -8.38
CA ASN A 7 -67.34 4.69 -7.51
C ASN A 7 -66.02 4.07 -7.96
N THR A 8 -65.20 4.86 -8.65
CA THR A 8 -63.80 4.53 -8.87
C THR A 8 -62.95 5.72 -8.50
N ALA A 9 -61.66 5.47 -8.39
CA ALA A 9 -60.64 6.48 -8.17
C ALA A 9 -59.33 5.91 -8.66
N THR A 10 -58.43 6.80 -9.08
CA THR A 10 -57.13 6.41 -9.57
C THR A 10 -56.05 6.94 -8.62
N LEU A 11 -55.11 6.07 -8.26
CA LEU A 11 -54.06 6.38 -7.29
C LEU A 11 -52.70 5.99 -7.85
N CYS A 12 -51.86 6.97 -8.11
CA CYS A 12 -50.57 6.70 -8.73
C CYS A 12 -49.45 7.03 -7.77
N LEU A 13 -48.47 6.13 -7.67
CA LEU A 13 -47.23 6.40 -6.94
C LEU A 13 -46.11 6.82 -7.88
N GLY A 14 -45.15 7.56 -7.35
CA GLY A 14 -44.10 8.10 -8.18
C GLY A 14 -43.02 8.79 -7.39
N HIS A 15 -42.06 9.36 -8.12
CA HIS A 15 -40.89 9.96 -7.52
C HIS A 15 -40.62 11.26 -8.24
N HIS A 16 -39.77 12.10 -7.67
CA HIS A 16 -39.48 13.40 -8.25
C HIS A 16 -38.40 13.32 -9.35
N ALA A 17 -38.28 14.42 -10.08
CA ALA A 17 -37.25 14.59 -11.08
C ALA A 17 -36.86 16.07 -11.11
N VAL A 18 -35.71 16.38 -11.68
CA VAL A 18 -35.26 17.76 -11.78
C VAL A 18 -34.91 18.17 -13.20
N ALA A 19 -34.91 19.48 -13.44
CA ALA A 19 -34.35 20.03 -14.67
C ALA A 19 -32.83 19.79 -14.75
N ASN A 20 -32.09 20.24 -13.75
CA ASN A 20 -30.62 20.11 -13.74
C ASN A 20 -30.11 18.76 -13.22
N GLY A 21 -30.27 17.71 -14.03
CA GLY A 21 -29.69 16.41 -13.67
C GLY A 21 -28.17 16.45 -13.74
N THR A 22 -27.50 15.50 -13.10
CA THR A 22 -26.04 15.41 -13.24
C THR A 22 -25.53 13.97 -13.35
N LEU A 23 -24.48 13.83 -14.16
CA LEU A 23 -23.94 12.53 -14.54
C LEU A 23 -22.96 12.02 -13.49
N VAL A 24 -23.13 10.76 -13.11
CA VAL A 24 -22.23 10.08 -12.19
C VAL A 24 -21.93 8.67 -12.69
N LYS A 25 -20.96 8.02 -12.08
CA LYS A 25 -20.45 6.74 -12.54
C LYS A 25 -20.88 5.68 -11.57
N THR A 26 -21.31 4.53 -12.07
CA THR A 26 -21.66 3.41 -11.18
C THR A 26 -20.87 2.15 -11.55
N ILE A 27 -21.32 1.01 -11.02
CA ILE A 27 -20.77 -0.29 -11.39
C ILE A 27 -21.25 -0.69 -12.79
N THR A 28 -22.57 -0.62 -13.00
CA THR A 28 -23.20 -1.03 -14.25
C THR A 28 -23.17 0.02 -15.35
N ASP A 29 -23.16 1.30 -14.98
CA ASP A 29 -23.21 2.39 -15.96
C ASP A 29 -22.00 3.32 -15.86
N ASP A 30 -21.35 3.56 -16.99
CA ASP A 30 -20.24 4.50 -17.06
C ASP A 30 -20.67 5.92 -16.69
N GLN A 31 -21.78 6.37 -17.26
CA GLN A 31 -22.40 7.64 -16.85
C GLN A 31 -23.90 7.46 -16.72
N ILE A 32 -24.48 8.04 -15.67
CA ILE A 32 -25.91 7.97 -15.46
C ILE A 32 -26.42 9.20 -14.70
N GLU A 33 -27.59 9.70 -15.09
CA GLU A 33 -28.12 10.93 -14.52
C GLU A 33 -28.84 10.70 -13.20
N VAL A 34 -28.48 11.49 -12.18
CA VAL A 34 -29.17 11.48 -10.89
C VAL A 34 -29.63 12.90 -10.53
N THR A 35 -30.54 13.01 -9.56
CA THR A 35 -31.11 14.31 -9.23
C THR A 35 -30.06 15.23 -8.58
N ASN A 36 -29.13 14.67 -7.82
CA ASN A 36 -28.09 15.51 -7.25
C ASN A 36 -26.78 14.74 -7.06
N ALA A 37 -25.65 15.46 -7.07
CA ALA A 37 -24.34 14.86 -6.80
C ALA A 37 -23.50 15.78 -5.94
N THR A 38 -22.32 15.30 -5.56
CA THR A 38 -21.35 16.11 -4.85
C THR A 38 -19.92 15.66 -5.10
N GLU A 39 -19.09 16.63 -5.46
CA GLU A 39 -17.70 16.40 -5.78
C GLU A 39 -16.94 15.97 -4.53
N LEU A 40 -16.17 14.88 -4.66
CA LEU A 40 -15.34 14.36 -3.58
C LEU A 40 -13.85 14.59 -3.86
N VAL A 41 -13.52 15.16 -5.01
CA VAL A 41 -12.12 15.47 -5.31
C VAL A 41 -11.89 16.98 -5.33
N GLN A 42 -10.96 17.40 -4.49
CA GLN A 42 -10.58 18.78 -4.35
C GLN A 42 -9.41 19.07 -5.30
N SER A 43 -9.68 19.79 -6.38
CA SER A 43 -8.66 20.09 -7.38
C SER A 43 -8.30 21.57 -7.45
N ILE A 44 -8.62 22.34 -6.40
CA ILE A 44 -8.42 23.79 -6.42
C ILE A 44 -7.84 24.26 -5.09
N SER A 45 -6.80 25.08 -5.15
CA SER A 45 -6.13 25.58 -3.95
C SER A 45 -6.50 27.04 -3.74
N MET A 46 -6.13 27.56 -2.57
CA MET A 46 -6.37 28.96 -2.25
C MET A 46 -5.31 29.89 -2.85
N GLY A 47 -4.25 29.31 -3.43
CA GLY A 47 -3.16 30.08 -4.03
C GLY A 47 -2.34 30.87 -3.02
N LYS A 48 -2.36 30.43 -1.77
CA LYS A 48 -1.59 31.04 -0.68
C LYS A 48 -1.61 30.09 0.51
N ILE A 49 -0.78 30.37 1.52
CA ILE A 49 -0.72 29.53 2.71
C ILE A 49 -1.28 30.29 3.92
N CYS A 50 -2.22 29.67 4.61
CA CYS A 50 -2.87 30.25 5.77
C CYS A 50 -2.02 30.07 7.05
N ASN A 51 -1.71 31.19 7.71
CA ASN A 51 -0.90 31.19 8.94
C ASN A 51 -1.71 31.03 10.24
N ASN A 52 -3.04 31.08 10.17
CA ASN A 52 -3.86 31.14 11.40
C ASN A 52 -4.15 29.81 12.10
N SER A 53 -3.84 28.69 11.46
CA SER A 53 -3.96 27.41 12.15
C SER A 53 -2.58 27.00 12.67
N TYR A 54 -1.80 26.36 11.82
CA TYR A 54 -0.44 25.96 12.18
C TYR A 54 0.49 27.17 12.10
N ARG A 55 1.47 27.19 12.99
CA ARG A 55 2.51 28.22 12.95
C ARG A 55 3.37 28.04 11.70
N ILE A 56 3.25 28.97 10.75
CA ILE A 56 4.05 28.94 9.54
C ILE A 56 5.20 29.92 9.64
N LEU A 57 6.39 29.52 9.21
CA LEU A 57 7.55 30.39 9.27
C LEU A 57 8.12 30.55 7.88
N ASP A 58 8.23 31.79 7.43
CA ASP A 58 8.76 32.08 6.11
C ASP A 58 10.29 32.13 6.14
N GLY A 59 10.94 31.18 5.49
CA GLY A 59 12.40 31.13 5.43
C GLY A 59 13.03 32.22 4.59
N ARG A 60 12.24 32.78 3.66
CA ARG A 60 12.70 33.86 2.79
C ARG A 60 13.95 33.40 2.03
N ASN A 61 15.01 34.20 2.08
CA ASN A 61 16.29 33.88 1.47
C ASN A 61 17.08 32.72 2.13
N CYS A 62 16.56 32.16 3.22
CA CYS A 62 17.30 31.17 3.99
C CYS A 62 16.72 29.78 3.87
N THR A 63 17.60 28.79 3.80
CA THR A 63 17.21 27.40 4.01
C THR A 63 17.28 27.13 5.50
N LEU A 64 16.48 26.18 5.95
CA LEU A 64 16.53 25.72 7.34
C LEU A 64 17.94 25.39 7.83
N ILE A 65 18.81 24.92 6.93
CA ILE A 65 20.16 24.53 7.31
C ILE A 65 21.03 25.75 7.58
N ASP A 66 20.92 26.75 6.71
CA ASP A 66 21.64 28.02 6.90
C ASP A 66 21.12 28.79 8.10
N ALA A 67 19.84 28.60 8.41
CA ALA A 67 19.24 29.22 9.59
C ALA A 67 19.80 28.57 10.83
N MET A 68 20.05 27.27 10.74
CA MET A 68 20.57 26.52 11.86
C MET A 68 22.04 26.82 12.11
N LEU A 69 22.82 26.91 11.05
CA LEU A 69 24.26 27.11 11.20
C LEU A 69 24.57 28.53 11.67
N GLY A 70 23.80 29.49 11.18
CA GLY A 70 24.02 30.89 11.54
C GLY A 70 24.70 31.66 10.43
N ASP A 71 24.25 31.41 9.21
CA ASP A 71 24.60 32.23 8.06
C ASP A 71 24.20 33.68 8.42
N PRO A 72 25.14 34.64 8.26
CA PRO A 72 24.87 36.02 8.65
C PRO A 72 23.49 36.55 8.29
N HIS A 73 23.12 36.49 7.02
CA HIS A 73 21.82 37.06 6.59
C HIS A 73 20.61 36.23 7.07
N CYS A 74 20.86 35.21 7.88
CA CYS A 74 19.80 34.41 8.47
C CYS A 74 19.73 34.63 9.98
N ASP A 75 20.26 35.73 10.48
CA ASP A 75 20.26 35.98 11.93
C ASP A 75 18.86 36.10 12.55
N VAL A 76 17.90 36.65 11.81
CA VAL A 76 16.53 36.80 12.32
C VAL A 76 15.87 35.46 12.76
N PHE A 77 16.42 34.33 12.33
CA PHE A 77 15.84 33.02 12.68
C PHE A 77 16.36 32.38 13.98
N GLN A 78 17.07 33.13 14.81
CA GLN A 78 17.54 32.59 16.09
C GLN A 78 16.38 32.22 17.02
N TYR A 79 16.53 31.08 17.70
CA TYR A 79 15.53 30.58 18.67
C TYR A 79 14.16 30.31 18.06
N GLU A 80 14.05 30.39 16.73
CA GLU A 80 12.76 30.26 16.06
C GLU A 80 12.20 28.86 16.19
N ASN A 81 10.94 28.73 15.84
CA ASN A 81 10.24 27.45 15.93
C ASN A 81 9.01 27.49 15.04
N TRP A 82 8.57 26.31 14.64
CA TRP A 82 7.59 26.23 13.60
C TRP A 82 6.78 24.97 13.76
N ASP A 83 5.60 24.98 13.17
CA ASP A 83 4.96 23.75 12.79
C ASP A 83 5.40 23.46 11.36
N LEU A 84 5.54 24.50 10.54
CA LEU A 84 5.92 24.32 9.15
C LEU A 84 6.89 25.38 8.65
N PHE A 85 8.13 24.96 8.42
CA PHE A 85 9.15 25.85 7.87
C PHE A 85 9.07 25.84 6.34
N ILE A 86 9.01 27.03 5.75
CA ILE A 86 8.86 27.16 4.30
C ILE A 86 10.21 27.59 3.70
N GLU A 87 10.75 26.75 2.82
CA GLU A 87 11.96 27.08 2.05
C GLU A 87 11.62 27.63 0.68
N ARG A 88 12.20 28.79 0.34
CA ARG A 88 11.97 29.41 -0.96
C ARG A 88 13.02 28.96 -1.96
N SER A 89 12.66 28.97 -3.24
CA SER A 89 13.60 28.59 -4.29
C SER A 89 14.63 29.71 -4.58
N SER A 90 14.36 30.92 -4.10
CA SER A 90 15.32 32.02 -4.20
C SER A 90 16.41 31.91 -3.12
N ALA A 91 16.16 31.08 -2.11
CA ALA A 91 17.07 30.96 -0.96
C ALA A 91 18.54 30.75 -1.33
N PHE A 92 19.41 31.65 -0.85
CA PHE A 92 20.85 31.52 -1.12
C PHE A 92 21.67 31.45 0.17
N SER A 93 22.93 31.05 0.00
CA SER A 93 23.90 31.06 1.09
C SER A 93 24.89 32.19 0.86
N ASN A 94 25.40 32.76 1.96
CA ASN A 94 26.33 33.86 1.85
C ASN A 94 27.40 33.80 2.91
N CYS A 95 27.84 32.59 3.22
CA CYS A 95 28.89 32.38 4.18
C CYS A 95 30.00 31.57 3.51
N TYR A 96 30.83 30.92 4.34
CA TYR A 96 31.90 30.06 3.86
C TYR A 96 31.27 28.83 3.17
N PRO A 97 31.81 28.44 2.00
CA PRO A 97 31.20 27.34 1.28
C PRO A 97 31.34 26.04 2.04
N TYR A 98 30.25 25.26 2.07
CA TYR A 98 30.20 24.04 2.86
C TYR A 98 29.51 22.91 2.12
N ASP A 99 29.70 21.68 2.62
CA ASP A 99 28.94 20.52 2.14
C ASP A 99 28.57 19.68 3.34
N ILE A 100 27.50 18.90 3.20
CA ILE A 100 27.00 18.08 4.32
C ILE A 100 26.72 16.64 3.90
N PRO A 101 27.63 15.72 4.26
CA PRO A 101 27.33 14.32 4.03
C PRO A 101 25.97 13.99 4.64
N ASP A 102 25.07 13.46 3.83
CA ASP A 102 23.72 13.13 4.29
C ASP A 102 22.94 14.38 4.73
N TYR A 103 23.13 15.47 3.98
CA TYR A 103 22.39 16.70 4.14
C TYR A 103 20.91 16.44 4.43
N ALA A 104 20.25 15.74 3.50
CA ALA A 104 18.84 15.36 3.60
C ALA A 104 18.42 14.94 5.00
N SER A 105 19.16 14.01 5.61
CA SER A 105 18.82 13.50 6.95
C SER A 105 18.83 14.59 8.03
N LEU A 106 19.86 15.42 8.02
CA LEU A 106 19.99 16.52 8.97
C LEU A 106 18.79 17.48 8.89
N ARG A 107 18.45 17.88 7.66
CA ARG A 107 17.30 18.75 7.35
C ARG A 107 16.02 18.17 7.94
N SER A 108 15.76 16.91 7.62
CA SER A 108 14.63 16.20 8.21
C SER A 108 14.67 16.27 9.74
N ILE A 109 15.79 15.87 10.33
CA ILE A 109 15.90 15.81 11.79
C ILE A 109 15.53 17.13 12.47
N VAL A 110 16.01 18.24 11.92
CA VAL A 110 15.77 19.56 12.49
C VAL A 110 14.32 20.00 12.27
N ALA A 111 13.91 19.95 11.00
CA ALA A 111 12.55 20.27 10.58
C ALA A 111 11.52 19.52 11.43
N SER A 112 11.86 18.29 11.82
CA SER A 112 10.98 17.45 12.62
C SER A 112 10.89 17.98 14.05
N SER A 113 12.05 18.25 14.64
CA SER A 113 12.14 18.80 15.99
C SER A 113 11.28 20.06 16.12
N GLY A 114 11.41 20.97 15.15
CA GLY A 114 10.58 22.18 15.12
C GLY A 114 11.11 23.40 15.88
N THR A 115 12.43 23.51 16.01
CA THR A 115 13.03 24.59 16.77
C THR A 115 14.53 24.73 16.57
N LEU A 116 15.02 25.96 16.77
CA LEU A 116 16.47 26.28 16.75
C LEU A 116 16.94 26.81 18.11
N GLU A 117 16.18 26.47 19.15
CA GLU A 117 16.55 26.71 20.54
C GLU A 117 17.95 26.18 20.75
N PHE A 118 18.91 27.09 20.87
CA PHE A 118 20.32 26.75 20.99
C PHE A 118 20.85 27.24 22.31
N THR A 119 21.62 26.40 22.97
CA THR A 119 22.18 26.74 24.26
C THR A 119 23.69 26.64 24.19
N ALA A 120 24.38 27.73 24.53
CA ALA A 120 25.84 27.76 24.44
C ALA A 120 26.42 27.09 25.67
N GLU A 121 27.47 26.30 25.46
CA GLU A 121 28.19 25.65 26.56
C GLU A 121 29.65 26.08 26.56
N GLY A 122 30.16 26.37 27.75
CA GLY A 122 31.54 26.76 27.90
C GLY A 122 32.46 25.59 27.59
N PHE A 123 32.80 25.46 26.30
CA PHE A 123 33.84 24.53 25.90
C PHE A 123 35.15 25.23 26.20
N THR A 124 36.17 24.47 26.60
CA THR A 124 37.48 25.02 26.95
C THR A 124 38.51 24.62 25.90
N TRP A 125 38.87 25.58 25.05
CA TRP A 125 39.81 25.32 23.96
C TRP A 125 41.16 25.87 24.39
N THR A 126 41.95 25.01 25.02
CA THR A 126 43.21 25.39 25.59
C THR A 126 44.30 25.28 24.54
N GLY A 127 45.08 26.35 24.38
CA GLY A 127 46.21 26.37 23.46
C GLY A 127 45.84 26.69 22.02
N VAL A 128 44.67 27.29 21.80
CA VAL A 128 44.26 27.67 20.44
C VAL A 128 43.52 29.00 20.34
N THR A 129 43.59 29.60 19.15
CA THR A 129 42.92 30.86 18.87
C THR A 129 41.50 30.57 18.40
N GLN A 130 40.52 31.22 19.03
CA GLN A 130 39.10 31.00 18.70
C GLN A 130 38.53 32.06 17.76
N ASN A 131 37.32 31.77 17.28
CA ASN A 131 36.50 32.71 16.50
C ASN A 131 37.13 33.09 15.17
N GLY A 132 37.70 32.09 14.49
CA GLY A 132 38.18 32.26 13.14
C GLY A 132 37.07 32.80 12.27
N ARG A 133 37.43 33.70 11.36
CA ARG A 133 36.48 34.36 10.48
C ARG A 133 37.02 34.39 9.05
N SER A 134 36.26 34.96 8.13
CA SER A 134 36.62 34.92 6.70
C SER A 134 35.77 35.91 5.91
N GLY A 135 36.41 36.55 4.94
CA GLY A 135 35.73 37.50 4.06
C GLY A 135 34.59 36.90 3.25
N ALA A 136 34.57 35.57 3.11
CA ALA A 136 33.48 34.86 2.43
C ALA A 136 32.16 34.93 3.21
N CYS A 137 32.25 35.24 4.50
CA CYS A 137 31.11 35.29 5.39
C CYS A 137 31.00 36.67 6.05
N LYS A 138 30.43 37.63 5.32
CA LYS A 138 30.28 39.00 5.83
C LYS A 138 29.14 39.08 6.83
N ARG A 139 29.46 39.50 8.06
CA ARG A 139 28.44 39.97 8.99
C ARG A 139 28.56 41.49 8.99
N GLY A 140 27.45 42.18 8.79
CA GLY A 140 27.47 43.62 8.59
C GLY A 140 28.55 44.06 7.60
N SER A 141 29.60 44.69 8.11
CA SER A 141 30.67 45.23 7.27
C SER A 141 32.05 44.68 7.68
N ALA A 142 32.09 43.44 8.19
CA ALA A 142 33.34 42.81 8.63
C ALA A 142 33.41 41.31 8.32
N ASP A 143 34.59 40.74 8.48
CA ASP A 143 34.76 39.29 8.37
C ASP A 143 34.09 38.61 9.56
N SER A 144 33.45 37.48 9.30
CA SER A 144 32.74 36.75 10.34
C SER A 144 32.66 35.27 9.98
N PHE A 145 31.63 34.58 10.52
CA PHE A 145 31.49 33.14 10.39
C PHE A 145 30.10 32.68 10.85
N PHE A 146 29.79 31.40 10.63
CA PHE A 146 28.58 30.79 11.14
C PHE A 146 28.48 31.02 12.64
N SER A 147 27.39 31.65 13.08
CA SER A 147 27.27 32.03 14.48
C SER A 147 27.23 30.84 15.46
N ARG A 148 26.77 29.68 15.02
CA ARG A 148 26.67 28.52 15.91
C ARG A 148 27.91 27.61 15.82
N LEU A 149 28.91 28.04 15.03
CA LEU A 149 30.20 27.34 14.94
C LEU A 149 31.38 28.22 15.35
N ASN A 150 32.43 27.56 15.82
CA ASN A 150 33.63 28.22 16.31
C ASN A 150 34.85 27.70 15.56
N TRP A 151 35.36 28.49 14.64
CA TRP A 151 36.54 28.10 13.85
C TRP A 151 37.82 28.29 14.67
N LEU A 152 38.47 27.17 14.99
CA LEU A 152 39.70 27.18 15.76
C LEU A 152 40.92 27.09 14.84
N THR A 153 41.99 27.78 15.25
CA THR A 153 43.26 27.84 14.53
C THR A 153 44.40 27.79 15.57
N LYS A 154 45.64 27.79 15.08
CA LYS A 154 46.80 27.70 15.98
C LYS A 154 46.87 28.87 16.96
N SER A 155 47.76 28.73 17.94
CA SER A 155 48.16 29.84 18.77
C SER A 155 49.69 29.84 18.88
N GLY A 156 50.35 30.76 18.17
CA GLY A 156 51.80 30.82 18.14
C GLY A 156 52.44 29.72 17.30
N ASN A 157 53.21 28.84 17.97
CA ASN A 157 53.93 27.73 17.34
C ASN A 157 53.13 26.46 17.23
N SER A 158 51.95 26.42 17.85
CA SER A 158 51.30 25.14 18.04
C SER A 158 49.78 25.18 18.02
N TYR A 159 49.26 23.98 17.82
CA TYR A 159 47.86 23.63 17.94
C TYR A 159 47.95 22.29 18.66
N PRO A 160 47.83 22.28 20.00
CA PRO A 160 47.99 21.03 20.76
C PRO A 160 46.88 20.04 20.47
N THR A 161 47.00 18.80 20.95
CA THR A 161 45.95 17.80 20.72
C THR A 161 44.79 18.10 21.66
N LEU A 162 43.78 18.80 21.13
CA LEU A 162 42.58 19.17 21.88
C LEU A 162 41.81 17.92 22.31
N ASN A 163 41.46 17.88 23.60
CA ASN A 163 40.71 16.77 24.16
C ASN A 163 39.70 17.31 25.17
N VAL A 164 38.54 17.71 24.67
CA VAL A 164 37.49 18.32 25.48
C VAL A 164 36.26 17.40 25.59
N THR A 165 35.59 17.49 26.73
CA THR A 165 34.49 16.61 27.06
C THR A 165 33.31 17.44 27.57
N MET A 166 32.10 16.99 27.29
CA MET A 166 30.89 17.71 27.70
C MET A 166 29.74 16.75 28.01
N PRO A 167 29.48 16.47 29.31
CA PRO A 167 28.42 15.51 29.67
C PRO A 167 27.04 16.05 29.38
N ASN A 168 26.10 15.16 29.07
CA ASN A 168 24.71 15.53 28.91
C ASN A 168 23.92 15.09 30.14
N ASN A 169 23.79 16.00 31.10
CA ASN A 169 23.04 15.76 32.32
C ASN A 169 21.55 16.05 32.21
N LYS A 170 21.08 16.33 30.99
CA LYS A 170 19.68 16.69 30.78
C LYS A 170 18.84 15.42 30.67
N ASN A 171 17.55 15.59 30.37
CA ASN A 171 16.67 14.46 30.11
C ASN A 171 16.20 14.44 28.65
N PHE A 172 16.83 15.25 27.80
CA PHE A 172 16.52 15.29 26.35
C PHE A 172 17.80 15.15 25.51
N ASP A 173 17.65 14.60 24.31
CA ASP A 173 18.77 14.36 23.41
C ASP A 173 19.31 15.70 22.95
N LYS A 174 20.62 15.89 23.09
CA LYS A 174 21.29 17.06 22.55
C LYS A 174 21.84 16.74 21.17
N LEU A 175 21.82 17.73 20.30
CA LEU A 175 22.37 17.63 18.95
C LEU A 175 23.51 18.62 18.89
N TYR A 176 24.70 18.16 18.50
CA TYR A 176 25.85 19.03 18.35
C TYR A 176 26.24 19.08 16.87
N ILE A 177 26.24 20.29 16.31
CA ILE A 177 26.67 20.50 14.93
C ILE A 177 28.13 20.93 14.99
N TRP A 178 28.97 20.25 14.23
CA TRP A 178 30.39 20.55 14.19
C TRP A 178 30.90 20.35 12.78
N GLY A 179 32.19 20.56 12.57
CA GLY A 179 32.72 20.45 11.23
C GLY A 179 34.22 20.35 11.18
N ILE A 180 34.73 20.37 9.97
CA ILE A 180 36.14 20.22 9.74
C ILE A 180 36.45 21.07 8.53
N HIS A 181 37.52 21.86 8.60
CA HIS A 181 37.85 22.74 7.50
C HIS A 181 38.82 21.97 6.60
N HIS A 182 38.63 22.11 5.30
CA HIS A 182 39.50 21.51 4.28
C HIS A 182 40.26 22.61 3.55
N PRO A 183 41.53 22.82 3.89
CA PRO A 183 42.27 23.88 3.21
C PRO A 183 42.48 23.68 1.70
N SER A 184 42.78 24.79 1.03
CA SER A 184 43.04 24.82 -0.41
CA SER A 184 43.03 24.79 -0.41
C SER A 184 44.43 24.30 -0.77
N SER A 185 45.40 24.49 0.12
CA SER A 185 46.78 24.10 -0.16
C SER A 185 47.51 23.67 1.09
N ASN A 186 48.65 23.02 0.90
CA ASN A 186 49.49 22.57 2.02
C ASN A 186 50.02 23.71 2.87
N GLN A 187 50.29 24.85 2.24
CA GLN A 187 50.79 26.02 2.94
C GLN A 187 49.73 26.55 3.89
N GLU A 188 48.50 26.69 3.39
CA GLU A 188 47.38 27.13 4.21
C GLU A 188 47.18 26.19 5.40
N GLN A 189 47.31 24.89 5.18
CA GLN A 189 47.19 23.88 6.23
C GLN A 189 48.14 24.12 7.40
N THR A 190 49.43 24.13 7.11
CA THR A 190 50.48 24.29 8.14
C THR A 190 50.46 25.67 8.77
N LYS A 191 50.09 26.67 7.99
CA LYS A 191 49.94 28.04 8.50
C LYS A 191 48.86 28.11 9.58
N LEU A 192 47.69 27.57 9.27
CA LEU A 192 46.56 27.56 10.19
C LEU A 192 46.71 26.61 11.39
N TYR A 193 47.19 25.40 11.16
CA TYR A 193 47.08 24.34 12.16
C TYR A 193 48.39 23.70 12.60
N ILE A 194 49.48 24.01 11.93
CA ILE A 194 50.80 23.47 12.29
C ILE A 194 50.97 22.02 11.84
N GLN A 195 50.20 21.10 12.41
CA GLN A 195 50.21 19.73 11.92
C GLN A 195 49.88 19.72 10.43
N GLU A 196 50.65 18.98 9.64
CA GLU A 196 50.48 18.97 8.19
C GLU A 196 49.24 18.20 7.72
N SER A 197 48.58 17.49 8.62
CA SER A 197 47.30 16.87 8.33
C SER A 197 46.47 16.73 9.61
N GLY A 198 45.26 17.27 9.59
CA GLY A 198 44.42 17.29 10.78
C GLY A 198 43.69 15.99 11.03
N ARG A 199 42.98 15.95 12.16
CA ARG A 199 42.19 14.79 12.56
CA ARG A 199 42.14 14.82 12.50
C ARG A 199 41.08 15.28 13.47
N VAL A 200 39.87 14.74 13.30
CA VAL A 200 38.77 15.04 14.21
C VAL A 200 38.07 13.75 14.57
N THR A 201 38.21 13.35 15.84
CA THR A 201 37.42 12.25 16.40
C THR A 201 36.40 12.82 17.38
N VAL A 202 35.12 12.72 17.03
CA VAL A 202 34.04 13.04 17.95
C VAL A 202 33.36 11.76 18.38
N SER A 203 33.24 11.58 19.69
CA SER A 203 32.78 10.33 20.28
C SER A 203 31.77 10.50 21.42
N THR A 204 31.02 9.43 21.67
CA THR A 204 30.22 9.30 22.89
C THR A 204 30.60 7.95 23.51
N LYS A 205 29.83 7.49 24.50
CA LYS A 205 30.06 6.15 25.05
C LYS A 205 29.75 5.04 24.04
N ARG A 206 29.04 5.39 22.97
CA ARG A 206 28.51 4.41 22.01
C ARG A 206 28.91 4.69 20.55
N SER A 207 28.87 5.95 20.12
CA SER A 207 29.21 6.30 18.73
C SER A 207 30.65 6.82 18.62
N GLN A 208 31.12 6.98 17.39
CA GLN A 208 32.31 7.79 17.13
C GLN A 208 32.42 8.10 15.65
N GLN A 209 33.08 9.21 15.33
CA GLN A 209 33.22 9.63 13.96
C GLN A 209 34.56 10.31 13.84
N THR A 210 35.38 9.84 12.92
CA THR A 210 36.65 10.50 12.63
C THR A 210 36.61 10.95 11.20
N ILE A 211 36.94 12.22 10.99
CA ILE A 211 37.06 12.78 9.67
C ILE A 211 38.49 13.28 9.51
N ILE A 212 39.18 12.81 8.47
CA ILE A 212 40.47 13.39 8.11
CA ILE A 212 40.48 13.38 8.10
C ILE A 212 40.24 14.46 7.02
N PRO A 213 40.89 15.63 7.18
CA PRO A 213 40.78 16.63 6.12
C PRO A 213 41.44 16.20 4.81
N ASN A 214 41.08 16.91 3.75
CA ASN A 214 41.47 16.60 2.38
C ASN A 214 41.89 17.90 1.71
N ILE A 215 43.16 18.02 1.36
CA ILE A 215 43.71 19.27 0.87
C ILE A 215 43.74 19.23 -0.63
N GLY A 216 43.58 20.38 -1.26
CA GLY A 216 43.50 20.48 -2.73
C GLY A 216 42.58 21.62 -3.08
N SER A 217 42.64 22.09 -4.32
CA SER A 217 41.79 23.20 -4.74
C SER A 217 40.40 22.71 -5.11
N ARG A 218 39.40 23.49 -4.71
CA ARG A 218 38.02 23.35 -5.21
C ARG A 218 37.61 24.64 -5.90
N PRO A 219 36.55 24.58 -6.74
CA PRO A 219 36.03 25.78 -7.39
C PRO A 219 35.89 26.99 -6.47
N TRP A 220 36.33 28.14 -6.97
CA TRP A 220 36.22 29.41 -6.27
C TRP A 220 34.76 29.65 -5.93
N VAL A 221 34.45 29.83 -4.66
CA VAL A 221 33.11 30.21 -4.24
C VAL A 221 33.18 31.24 -3.12
N ARG A 222 32.87 32.49 -3.46
CA ARG A 222 32.94 33.60 -2.51
C ARG A 222 34.35 33.73 -1.93
N GLY A 223 35.32 33.78 -2.83
CA GLY A 223 36.69 33.95 -2.43
C GLY A 223 37.41 32.66 -2.15
N GLN A 224 36.67 31.63 -1.73
CA GLN A 224 37.29 30.43 -1.17
C GLN A 224 37.40 29.26 -2.13
N SER A 225 38.59 28.67 -2.13
CA SER A 225 38.85 27.43 -2.87
CA SER A 225 38.87 27.44 -2.86
C SER A 225 38.85 26.26 -1.90
N GLY A 226 38.85 26.56 -0.60
CA GLY A 226 38.75 25.56 0.43
C GLY A 226 37.27 25.36 0.75
N ARG A 227 36.99 24.49 1.71
CA ARG A 227 35.62 24.12 2.04
C ARG A 227 35.51 23.80 3.49
N ILE A 228 34.28 23.66 3.97
CA ILE A 228 34.03 23.16 5.31
C ILE A 228 33.03 22.04 5.13
N SER A 229 33.16 21.00 5.94
CA SER A 229 32.23 19.88 5.90
C SER A 229 31.58 19.82 7.25
N ILE A 230 30.24 19.81 7.25
CA ILE A 230 29.49 19.83 8.49
C ILE A 230 29.04 18.43 8.86
N TYR A 231 29.26 18.07 10.11
CA TYR A 231 28.76 16.83 10.64
C TYR A 231 28.01 17.13 11.93
N TRP A 232 27.09 16.26 12.30
CA TRP A 232 26.36 16.44 13.55
C TRP A 232 26.55 15.21 14.43
N THR A 233 26.26 15.37 15.72
CA THR A 233 26.24 14.25 16.65
C THR A 233 25.15 14.46 17.69
N ILE A 234 24.50 13.37 18.10
CA ILE A 234 23.39 13.40 19.04
C ILE A 234 23.78 12.64 20.29
N VAL A 235 23.99 13.36 21.37
CA VAL A 235 24.34 12.76 22.65
C VAL A 235 23.07 12.59 23.47
N LYS A 236 22.86 11.39 24.00
CA LYS A 236 21.61 11.08 24.70
C LYS A 236 21.78 11.32 26.19
N PRO A 237 20.64 11.53 26.88
CA PRO A 237 20.73 11.77 28.32
C PRO A 237 21.51 10.66 28.99
N GLY A 238 22.43 11.01 29.90
CA GLY A 238 23.27 10.02 30.59
C GLY A 238 24.59 9.75 29.89
N ASP A 239 24.69 10.15 28.63
CA ASP A 239 25.86 9.93 27.80
C ASP A 239 26.79 11.13 27.96
N ILE A 240 27.77 11.26 27.06
CA ILE A 240 28.81 12.28 27.20
C ILE A 240 29.58 12.47 25.89
N LEU A 241 29.55 13.69 25.37
CA LEU A 241 30.30 14.01 24.15
C LEU A 241 31.77 14.08 24.48
N MET A 242 32.61 13.79 23.49
CA MET A 242 34.04 14.02 23.62
C MET A 242 34.59 14.38 22.27
N ILE A 243 35.47 15.36 22.25
CA ILE A 243 36.07 15.82 21.02
C ILE A 243 37.58 15.77 21.17
N ASN A 244 38.23 15.18 20.18
CA ASN A 244 39.66 14.99 20.19
C ASN A 244 40.16 15.39 18.81
N SER A 245 40.71 16.59 18.72
CA SER A 245 41.27 17.05 17.44
C SER A 245 42.68 17.56 17.62
N ASN A 246 43.49 17.46 16.58
CA ASN A 246 44.79 18.11 16.58
C ASN A 246 44.98 18.88 15.29
N GLY A 247 43.87 19.44 14.79
CA GLY A 247 43.87 20.30 13.60
C GLY A 247 42.56 20.25 12.82
N ASN A 248 42.25 21.39 12.18
CA ASN A 248 41.14 21.51 11.23
C ASN A 248 39.72 21.52 11.82
N LEU A 249 39.61 21.45 13.14
CA LEU A 249 38.31 21.40 13.80
C LEU A 249 37.59 22.74 13.72
N VAL A 250 36.40 22.68 13.13
CA VAL A 250 35.39 23.71 13.30
C VAL A 250 34.51 23.27 14.48
N ALA A 251 34.60 24.00 15.58
CA ALA A 251 34.05 23.56 16.85
C ALA A 251 32.61 23.98 17.06
N PRO A 252 31.86 23.22 17.86
CA PRO A 252 30.53 23.61 18.31
C PRO A 252 30.61 24.60 19.45
N ARG A 253 29.62 25.47 19.57
CA ARG A 253 29.54 26.44 20.68
C ARG A 253 28.49 26.01 21.69
N GLY A 254 27.83 24.88 21.42
CA GLY A 254 26.71 24.42 22.21
C GLY A 254 25.82 23.41 21.49
N TYR A 255 24.65 23.20 22.06
CA TYR A 255 23.75 22.19 21.57
C TYR A 255 22.39 22.74 21.19
N PHE A 256 21.65 21.90 20.47
CA PHE A 256 20.29 22.16 20.07
C PHE A 256 19.41 21.18 20.81
N LYS A 257 18.32 21.69 21.38
CA LYS A 257 17.33 20.83 21.99
C LYS A 257 16.58 20.08 20.88
N LEU A 258 16.51 18.75 21.03
CA LEU A 258 15.65 17.92 20.19
C LEU A 258 14.29 17.66 20.88
N LYS A 259 13.22 17.68 20.10
CA LYS A 259 11.88 17.41 20.62
C LYS A 259 11.14 16.50 19.66
N THR A 260 10.51 15.43 20.16
CA THR A 260 9.60 14.65 19.34
C THR A 260 8.41 15.56 19.14
N GLY A 261 8.10 15.82 17.88
CA GLY A 261 7.12 16.84 17.56
C GLY A 261 6.54 16.64 16.19
N LYS A 262 5.48 17.39 15.93
CA LYS A 262 4.66 17.24 14.75
C LYS A 262 5.01 18.27 13.68
N SER A 263 6.25 18.75 13.68
CA SER A 263 6.67 19.88 12.83
C SER A 263 7.37 19.40 11.57
N SER A 264 7.52 20.29 10.58
CA SER A 264 8.09 19.93 9.29
C SER A 264 8.61 21.09 8.42
N VAL A 265 8.96 20.76 7.18
CA VAL A 265 9.52 21.71 6.22
C VAL A 265 8.96 21.44 4.83
N MET A 266 8.66 22.49 4.07
CA MET A 266 8.09 22.36 2.74
C MET A 266 8.67 23.38 1.78
N ARG A 267 8.83 22.96 0.54
CA ARG A 267 9.37 23.78 -0.53
C ARG A 267 8.24 24.38 -1.33
N SER A 268 8.11 25.69 -1.29
CA SER A 268 7.12 26.38 -2.09
C SER A 268 7.47 27.83 -2.26
N ASP A 269 6.92 28.42 -3.31
CA ASP A 269 7.13 29.83 -3.60
C ASP A 269 5.82 30.61 -3.69
N VAL A 270 4.75 30.12 -3.06
CA VAL A 270 3.51 30.91 -3.00
C VAL A 270 3.52 31.77 -1.73
N PRO A 271 2.77 32.89 -1.73
CA PRO A 271 2.78 33.78 -0.58
C PRO A 271 2.06 33.20 0.66
N ILE A 272 2.29 33.83 1.81
CA ILE A 272 1.65 33.45 3.06
C ILE A 272 0.72 34.59 3.48
N ASP A 273 -0.46 34.25 3.97
CA ASP A 273 -1.50 35.25 4.24
C ASP A 273 -2.36 34.82 5.43
N ILE A 274 -3.10 35.78 5.99
CA ILE A 274 -4.06 35.48 7.07
C ILE A 274 -5.36 34.88 6.52
N CYS A 275 -5.52 33.58 6.71
CA CYS A 275 -6.79 32.89 6.44
C CYS A 275 -6.84 31.66 7.36
N VAL A 276 -7.80 30.76 7.16
CA VAL A 276 -7.86 29.53 7.95
C VAL A 276 -7.90 28.30 7.06
N SER A 277 -7.05 27.34 7.40
CA SER A 277 -6.96 26.06 6.70
C SER A 277 -6.08 25.14 7.53
N GLU A 278 -6.38 23.85 7.50
CA GLU A 278 -5.65 22.85 8.25
C GLU A 278 -4.84 21.91 7.34
N CYS A 279 -4.71 22.26 6.07
CA CYS A 279 -3.94 21.45 5.13
C CYS A 279 -3.14 22.38 4.26
N ILE A 280 -1.85 22.10 4.13
CA ILE A 280 -0.98 22.91 3.32
C ILE A 280 -0.28 22.07 2.23
N THR A 281 -0.18 22.65 1.03
CA THR A 281 0.61 22.07 -0.06
C THR A 281 1.53 23.13 -0.68
N PRO A 282 2.45 22.71 -1.56
CA PRO A 282 3.24 23.67 -2.33
C PRO A 282 2.44 24.62 -3.23
N ASN A 283 1.23 24.24 -3.63
CA ASN A 283 0.38 25.10 -4.45
C ASN A 283 -0.40 26.09 -3.59
N GLY A 284 -0.31 25.89 -2.28
CA GLY A 284 -0.99 26.71 -1.28
C GLY A 284 -1.77 25.84 -0.31
N SER A 285 -2.40 26.48 0.67
CA SER A 285 -3.39 25.81 1.50
C SER A 285 -4.56 25.31 0.64
N ILE A 286 -5.22 24.26 1.13
CA ILE A 286 -6.41 23.70 0.48
CA ILE A 286 -6.37 23.63 0.48
C ILE A 286 -7.47 23.40 1.51
N SER A 287 -8.72 23.34 1.04
CA SER A 287 -9.86 22.97 1.87
CA SER A 287 -9.86 22.96 1.88
C SER A 287 -9.80 21.47 2.17
N ASN A 288 -10.17 21.07 3.38
CA ASN A 288 -10.14 19.67 3.74
C ASN A 288 -11.57 19.13 3.97
N GLU A 289 -12.53 19.66 3.23
CA GLU A 289 -13.94 19.27 3.37
C GLU A 289 -14.13 17.90 2.70
N LYS A 290 -13.59 17.78 1.50
CA LYS A 290 -13.62 16.53 0.76
C LYS A 290 -12.52 15.59 1.28
N PRO A 291 -12.66 14.28 1.03
CA PRO A 291 -11.68 13.28 1.52
C PRO A 291 -10.49 13.04 0.60
N PHE A 292 -10.61 13.45 -0.66
CA PHE A 292 -9.53 13.30 -1.61
C PHE A 292 -9.24 14.64 -2.30
N GLN A 293 -8.05 14.72 -2.89
CA GLN A 293 -7.60 15.94 -3.54
C GLN A 293 -6.67 15.59 -4.67
N ASN A 294 -6.61 16.47 -5.67
CA ASN A 294 -5.75 16.29 -6.81
C ASN A 294 -4.70 17.39 -6.91
N VAL A 295 -4.55 18.20 -5.87
CA VAL A 295 -3.69 19.39 -5.93
C VAL A 295 -2.19 19.06 -5.82
N ASN A 296 -1.80 18.23 -4.85
CA ASN A 296 -0.39 17.82 -4.73
C ASN A 296 -0.16 16.64 -3.78
N LYS A 297 0.79 15.79 -4.11
CA LYS A 297 1.17 14.65 -3.24
C LYS A 297 1.81 15.11 -1.91
N VAL A 298 2.54 16.22 -1.95
CA VAL A 298 3.19 16.78 -0.76
C VAL A 298 2.15 17.52 0.03
N THR A 299 1.92 17.08 1.26
CA THR A 299 0.94 17.71 2.14
C THR A 299 1.42 17.78 3.60
N TYR A 300 0.67 18.54 4.40
CA TYR A 300 0.94 18.75 5.81
C TYR A 300 -0.31 19.18 6.54
N GLY A 301 -0.58 18.52 7.66
CA GLY A 301 -1.76 18.83 8.47
C GLY A 301 -2.92 17.87 8.25
N LYS A 302 -4.14 18.38 8.38
CA LYS A 302 -5.37 17.63 8.12
C LYS A 302 -5.67 17.69 6.64
N CYS A 303 -5.22 16.67 5.90
CA CYS A 303 -5.27 16.70 4.44
C CYS A 303 -6.12 15.62 3.84
N PRO A 304 -6.85 15.95 2.77
CA PRO A 304 -7.41 14.91 1.92
C PRO A 304 -6.28 14.08 1.26
N LYS A 305 -6.57 12.83 0.97
CA LYS A 305 -5.57 11.94 0.39
C LYS A 305 -5.35 12.25 -1.09
N TYR A 306 -4.09 12.26 -1.50
CA TYR A 306 -3.81 12.55 -2.88
C TYR A 306 -4.15 11.32 -3.70
N ILE A 307 -4.88 11.58 -4.78
CA ILE A 307 -5.24 10.57 -5.78
C ILE A 307 -4.99 11.17 -7.17
N ARG A 308 -5.03 10.32 -8.20
CA ARG A 308 -4.75 10.77 -9.58
C ARG A 308 -5.94 11.40 -10.28
N GLN A 309 -7.15 11.01 -9.87
CA GLN A 309 -8.37 11.49 -10.50
C GLN A 309 -8.60 12.94 -10.10
N ASN A 310 -9.22 13.74 -10.98
CA ASN A 310 -9.51 15.14 -10.65
C ASN A 310 -10.98 15.42 -10.32
N THR A 311 -11.82 14.40 -10.46
CA THR A 311 -13.24 14.51 -10.21
C THR A 311 -13.82 13.14 -9.91
N LEU A 312 -14.58 13.07 -8.83
CA LEU A 312 -15.38 11.90 -8.49
C LEU A 312 -16.69 12.38 -7.91
N LYS A 313 -17.79 12.14 -8.61
CA LYS A 313 -19.08 12.63 -8.16
C LYS A 313 -19.79 11.53 -7.42
N LEU A 314 -20.07 11.79 -6.16
CA LEU A 314 -20.87 10.88 -5.34
C LEU A 314 -22.32 11.29 -5.46
N ALA A 315 -23.20 10.36 -5.81
CA ALA A 315 -24.60 10.69 -6.00
C ALA A 315 -25.29 10.95 -4.67
N THR A 316 -26.07 12.02 -4.59
CA THR A 316 -26.78 12.38 -3.37
C THR A 316 -28.27 12.47 -3.65
N GLY A 317 -28.76 11.49 -4.41
CA GLY A 317 -30.12 11.49 -4.92
C GLY A 317 -30.35 10.39 -5.94
N MET A 318 -31.61 10.06 -6.13
CA MET A 318 -32.03 8.95 -6.98
C MET A 318 -31.74 9.20 -8.44
N ARG A 319 -31.98 8.17 -9.26
CA ARG A 319 -31.91 8.29 -10.71
C ARG A 319 -32.87 9.38 -11.16
N ASN A 320 -32.41 10.27 -12.04
CA ASN A 320 -33.25 11.35 -12.55
C ASN A 320 -33.87 10.90 -13.86
N VAL A 321 -35.19 11.05 -13.98
CA VAL A 321 -35.89 10.64 -15.19
C VAL A 321 -36.89 11.75 -15.56
N PRO A 322 -36.52 12.63 -16.50
CA PRO A 322 -37.41 13.73 -16.88
C PRO A 322 -38.73 13.30 -17.54
N GLU A 323 -39.72 14.20 -17.50
CA GLU A 323 -40.99 14.02 -18.21
C GLU A 323 -40.82 14.42 -19.68
N LYS A 324 -41.74 13.96 -20.53
CA LYS A 324 -41.76 14.32 -21.96
C LYS A 324 -40.49 13.87 -22.68
N GLY B 1 -32.87 0.05 -12.22
CA GLY B 1 -32.59 -0.53 -10.89
C GLY B 1 -32.91 -2.01 -10.88
N ILE B 2 -32.50 -2.67 -9.81
CA ILE B 2 -32.77 -4.10 -9.64
C ILE B 2 -34.26 -4.41 -9.39
N PHE B 3 -35.01 -3.43 -8.88
CA PHE B 3 -36.46 -3.60 -8.67
C PHE B 3 -37.31 -3.21 -9.87
N GLY B 4 -36.73 -2.43 -10.77
CA GLY B 4 -37.41 -2.09 -12.03
C GLY B 4 -38.54 -1.09 -11.87
N ALA B 5 -38.48 -0.28 -10.81
CA ALA B 5 -39.52 0.70 -10.48
C ALA B 5 -39.16 2.07 -11.04
N ILE B 6 -38.07 2.65 -10.57
CA ILE B 6 -37.52 3.88 -11.18
C ILE B 6 -36.90 3.51 -12.52
N ALA B 7 -37.23 4.29 -13.54
CA ALA B 7 -36.77 4.05 -14.90
C ALA B 7 -37.17 2.63 -15.38
N GLY B 8 -38.35 2.20 -14.95
CA GLY B 8 -38.83 0.87 -15.28
C GLY B 8 -40.34 0.90 -15.38
N PHE B 9 -41.04 0.19 -14.49
CA PHE B 9 -42.50 0.12 -14.55
C PHE B 9 -43.14 1.44 -14.18
N ILE B 10 -42.38 2.32 -13.52
CA ILE B 10 -42.72 3.75 -13.48
C ILE B 10 -42.01 4.48 -14.62
N GLU B 11 -42.82 5.03 -15.53
CA GLU B 11 -42.39 5.69 -16.76
CA GLU B 11 -42.29 5.60 -16.76
C GLU B 11 -41.37 6.79 -16.47
N ASN B 12 -41.71 7.62 -15.48
CA ASN B 12 -40.86 8.76 -15.15
C ASN B 12 -41.16 9.44 -13.82
N GLY B 13 -40.23 10.31 -13.41
CA GLY B 13 -40.39 11.13 -12.23
C GLY B 13 -41.30 12.33 -12.47
N TRP B 14 -41.68 12.98 -11.38
CA TRP B 14 -42.51 14.17 -11.43
C TRP B 14 -41.70 15.41 -11.08
N GLU B 15 -41.43 16.28 -12.05
CA GLU B 15 -40.74 17.54 -11.75
C GLU B 15 -41.57 18.46 -10.86
N GLY B 16 -42.90 18.36 -10.99
CA GLY B 16 -43.83 19.15 -10.19
C GLY B 16 -43.89 18.81 -8.72
N MET B 17 -43.29 17.65 -8.34
CA MET B 17 -43.23 17.17 -6.95
CA MET B 17 -43.24 17.21 -6.95
C MET B 17 -41.98 17.75 -6.28
N VAL B 18 -42.13 18.89 -5.61
CA VAL B 18 -40.95 19.55 -5.02
C VAL B 18 -40.85 19.47 -3.50
N ASP B 19 -41.88 18.98 -2.84
CA ASP B 19 -41.91 18.94 -1.38
C ASP B 19 -41.62 17.54 -0.82
N GLY B 20 -41.01 16.70 -1.64
CA GLY B 20 -40.75 15.31 -1.27
C GLY B 20 -40.17 14.54 -2.44
N TRP B 21 -39.58 13.39 -2.14
CA TRP B 21 -38.85 12.62 -3.14
C TRP B 21 -39.75 11.54 -3.72
N TYR B 22 -40.61 11.00 -2.88
CA TYR B 22 -41.62 10.04 -3.28
C TYR B 22 -42.98 10.59 -2.92
N GLY B 23 -44.05 10.01 -3.49
CA GLY B 23 -45.39 10.52 -3.24
C GLY B 23 -46.47 9.99 -4.14
N PHE B 24 -47.65 10.60 -4.03
CA PHE B 24 -48.85 10.16 -4.71
C PHE B 24 -49.47 11.25 -5.56
N ARG B 25 -49.98 10.85 -6.71
CA ARG B 25 -50.92 11.64 -7.47
C ARG B 25 -52.23 10.86 -7.53
N TYR B 26 -53.35 11.57 -7.51
CA TYR B 26 -54.65 10.91 -7.41
C TYR B 26 -55.74 11.69 -8.09
N GLN B 27 -56.82 10.97 -8.40
CA GLN B 27 -58.00 11.52 -9.07
C GLN B 27 -59.26 10.82 -8.59
N ASN B 28 -60.25 11.61 -8.19
CA ASN B 28 -61.50 11.08 -7.68
C ASN B 28 -62.64 12.02 -8.07
N SER B 29 -63.79 11.86 -7.43
CA SER B 29 -64.96 12.70 -7.72
C SER B 29 -64.75 14.15 -7.30
N GLU B 30 -63.78 14.37 -6.40
CA GLU B 30 -63.41 15.71 -5.94
C GLU B 30 -62.29 16.36 -6.75
N GLY B 31 -61.73 15.65 -7.72
CA GLY B 31 -60.73 16.22 -8.63
C GLY B 31 -59.36 15.58 -8.52
N THR B 32 -58.36 16.27 -9.03
CA THR B 32 -56.98 15.78 -9.04
C THR B 32 -56.17 16.34 -7.90
N GLY B 33 -55.10 15.64 -7.54
CA GLY B 33 -54.26 16.02 -6.42
C GLY B 33 -52.89 15.34 -6.41
N GLN B 34 -52.06 15.77 -5.47
CA GLN B 34 -50.68 15.33 -5.36
C GLN B 34 -50.22 15.60 -3.94
N ALA B 35 -49.74 14.59 -3.23
CA ALA B 35 -49.12 14.79 -1.91
C ALA B 35 -47.90 13.90 -1.76
N ALA B 36 -46.85 14.41 -1.13
CA ALA B 36 -45.60 13.67 -0.94
C ALA B 36 -45.74 12.69 0.22
N ASP B 37 -44.95 11.61 0.21
CA ASP B 37 -44.84 10.67 1.36
C ASP B 37 -43.54 10.90 2.13
N LEU B 38 -43.66 11.45 3.34
CA LEU B 38 -42.52 11.94 4.10
CA LEU B 38 -42.48 11.92 4.09
C LEU B 38 -41.65 10.79 4.67
N LYS B 39 -42.26 9.67 5.01
CA LYS B 39 -41.51 8.61 5.68
C LYS B 39 -40.42 7.99 4.78
N SER B 40 -40.79 7.64 3.56
CA SER B 40 -39.83 7.09 2.60
CA SER B 40 -39.84 7.10 2.59
C SER B 40 -38.78 8.13 2.24
N THR B 41 -39.22 9.32 1.83
CA THR B 41 -38.33 10.44 1.53
C THR B 41 -37.29 10.61 2.63
N GLN B 42 -37.70 10.49 3.89
CA GLN B 42 -36.77 10.58 4.99
C GLN B 42 -35.77 9.40 4.98
N THR B 43 -36.26 8.21 4.66
CA THR B 43 -35.44 7.01 4.66
C THR B 43 -34.34 7.11 3.60
N ALA B 44 -34.70 7.51 2.39
CA ALA B 44 -33.73 7.71 1.33
C ALA B 44 -32.67 8.74 1.74
N ILE B 45 -33.13 9.85 2.31
CA ILE B 45 -32.27 10.96 2.69
C ILE B 45 -31.35 10.57 3.83
N ASP B 46 -31.84 9.78 4.78
CA ASP B 46 -31.00 9.34 5.92
C ASP B 46 -29.84 8.44 5.51
N GLN B 47 -30.12 7.58 4.53
CA GLN B 47 -29.14 6.66 4.00
C GLN B 47 -28.09 7.40 3.22
N ILE B 48 -28.50 8.40 2.46
CA ILE B 48 -27.53 9.21 1.72
C ILE B 48 -26.65 10.08 2.63
N ASN B 49 -27.23 10.72 3.62
CA ASN B 49 -26.44 11.50 4.57
C ASN B 49 -25.42 10.65 5.32
N GLU B 50 -25.77 9.41 5.57
CA GLU B 50 -24.91 8.49 6.30
C GLU B 50 -23.69 8.13 5.47
N LYS B 51 -23.85 7.97 4.16
CA LYS B 51 -22.70 7.92 3.28
C LYS B 51 -21.90 9.19 3.45
N LEU B 52 -22.55 10.31 3.18
CA LEU B 52 -21.91 11.63 3.16
C LEU B 52 -21.15 11.97 4.46
N ASN B 53 -21.72 11.64 5.61
CA ASN B 53 -21.06 11.86 6.92
C ASN B 53 -19.79 11.02 7.10
N ARG B 54 -19.71 9.95 6.32
CA ARG B 54 -18.59 9.02 6.37
C ARG B 54 -17.37 9.58 5.65
N VAL B 55 -17.60 10.50 4.71
CA VAL B 55 -16.50 11.00 3.87
C VAL B 55 -16.27 12.52 3.88
N ILE B 56 -17.24 13.35 4.25
CA ILE B 56 -16.96 14.79 4.29
C ILE B 56 -16.43 15.23 5.67
N GLU B 57 -15.36 16.03 5.67
CA GLU B 57 -14.72 16.56 6.88
C GLU B 57 -14.32 15.43 7.85
N ARG B 58 -13.59 14.46 7.32
CA ARG B 58 -13.12 13.30 8.09
C ARG B 58 -11.67 12.97 7.78
N THR B 59 -10.83 14.00 7.66
CA THR B 59 -9.48 13.84 7.12
C THR B 59 -8.41 13.56 8.18
N ASN B 60 -7.33 12.93 7.76
CA ASN B 60 -6.25 12.54 8.68
C ASN B 60 -5.17 13.59 8.86
N GLU B 61 -4.82 13.86 10.10
CA GLU B 61 -3.60 14.57 10.41
C GLU B 61 -2.38 13.75 9.98
N LYS B 62 -1.53 14.37 9.16
CA LYS B 62 -0.18 13.87 8.89
C LYS B 62 0.75 15.06 8.99
N PHE B 63 2.01 14.81 9.35
CA PHE B 63 2.96 15.88 9.61
C PHE B 63 4.21 15.71 8.77
N HIS B 64 5.36 15.47 9.41
CA HIS B 64 6.60 15.20 8.68
C HIS B 64 6.50 13.82 8.04
N GLN B 65 6.81 13.75 6.76
CA GLN B 65 6.78 12.51 6.02
C GLN B 65 8.09 12.49 5.28
N ILE B 66 8.12 11.85 4.12
CA ILE B 66 9.31 11.80 3.27
C ILE B 66 9.27 12.83 2.13
N GLU B 67 10.41 13.03 1.49
CA GLU B 67 10.52 13.94 0.35
C GLU B 67 9.94 13.28 -0.89
N LYS B 68 9.25 14.05 -1.72
CA LYS B 68 8.55 13.47 -2.86
C LYS B 68 8.86 14.17 -4.18
N GLU B 69 9.50 15.33 -4.10
CA GLU B 69 10.08 15.99 -5.26
C GLU B 69 11.58 15.96 -5.01
N PHE B 70 12.37 15.83 -6.08
CA PHE B 70 13.84 15.77 -5.96
C PHE B 70 14.58 16.66 -6.96
N SER B 71 15.52 17.45 -6.45
CA SER B 71 16.33 18.32 -7.31
C SER B 71 17.62 17.61 -7.80
N GLU B 72 18.10 16.61 -7.07
CA GLU B 72 19.31 15.87 -7.45
C GLU B 72 19.03 14.43 -7.84
N VAL B 73 19.95 13.88 -8.63
CA VAL B 73 19.91 12.48 -9.08
C VAL B 73 20.78 11.64 -8.15
N GLU B 74 20.15 10.67 -7.48
CA GLU B 74 20.82 9.90 -6.44
C GLU B 74 20.85 8.40 -6.68
N GLY B 75 19.91 7.87 -7.47
CA GLY B 75 19.80 6.44 -7.67
C GLY B 75 18.98 5.75 -6.59
N ARG B 76 19.60 4.84 -5.84
CA ARG B 76 18.88 3.78 -5.14
C ARG B 76 17.91 4.19 -4.04
N ILE B 77 18.30 5.15 -3.20
CA ILE B 77 17.44 5.62 -2.10
CA ILE B 77 17.44 5.62 -2.10
C ILE B 77 16.29 6.48 -2.66
N GLN B 78 16.58 7.27 -3.71
CA GLN B 78 15.57 8.08 -4.38
C GLN B 78 14.56 7.14 -5.04
N ASP B 79 15.05 6.21 -5.87
CA ASP B 79 14.19 5.19 -6.51
C ASP B 79 13.15 4.59 -5.54
N LEU B 80 13.57 4.29 -4.33
CA LEU B 80 12.69 3.66 -3.36
C LEU B 80 11.71 4.66 -2.78
N GLU B 81 12.14 5.91 -2.63
CA GLU B 81 11.27 6.95 -2.11
C GLU B 81 10.18 7.22 -3.13
N LYS B 82 10.58 7.34 -4.40
CA LYS B 82 9.62 7.57 -5.46
C LYS B 82 8.67 6.39 -5.59
N TYR B 83 9.20 5.17 -5.44
CA TYR B 83 8.41 3.97 -5.73
C TYR B 83 7.31 3.77 -4.71
N VAL B 84 7.66 3.98 -3.44
CA VAL B 84 6.75 3.93 -2.30
C VAL B 84 5.59 4.92 -2.45
N GLU B 85 5.91 6.13 -2.87
CA GLU B 85 4.91 7.13 -3.08
C GLU B 85 4.00 6.71 -4.20
N ASP B 86 4.58 6.44 -5.37
CA ASP B 86 3.81 5.98 -6.54
CA ASP B 86 3.82 5.98 -6.53
C ASP B 86 2.87 4.84 -6.15
N THR B 87 3.39 3.89 -5.38
CA THR B 87 2.64 2.72 -4.91
C THR B 87 1.45 3.14 -4.03
N LYS B 88 1.68 4.12 -3.16
CA LYS B 88 0.65 4.62 -2.27
C LYS B 88 -0.49 5.24 -3.05
N ILE B 89 -0.16 6.10 -4.01
CA ILE B 89 -1.14 6.90 -4.74
C ILE B 89 -1.99 6.03 -5.64
N ASP B 90 -1.33 5.13 -6.37
CA ASP B 90 -2.01 4.18 -7.24
C ASP B 90 -3.03 3.42 -6.43
N LEU B 91 -2.65 3.06 -5.21
CA LEU B 91 -3.53 2.26 -4.37
C LEU B 91 -4.67 3.07 -3.77
N TRP B 92 -4.44 4.34 -3.43
CA TRP B 92 -5.55 5.18 -2.91
C TRP B 92 -6.50 5.57 -4.03
N SER B 93 -5.94 5.79 -5.22
CA SER B 93 -6.77 6.09 -6.35
C SER B 93 -7.75 4.94 -6.58
N TYR B 94 -7.26 3.71 -6.47
CA TYR B 94 -8.10 2.53 -6.75
C TYR B 94 -9.28 2.50 -5.79
N ASN B 95 -8.97 2.65 -4.50
CA ASN B 95 -9.97 2.72 -3.45
C ASN B 95 -11.05 3.75 -3.71
N ALA B 96 -10.62 4.94 -4.11
CA ALA B 96 -11.51 6.04 -4.34
C ALA B 96 -12.41 5.66 -5.50
N GLU B 97 -11.81 5.32 -6.63
CA GLU B 97 -12.57 4.92 -7.84
C GLU B 97 -13.64 3.90 -7.49
N LEU B 98 -13.23 2.85 -6.78
CA LEU B 98 -14.10 1.73 -6.41
C LEU B 98 -15.17 2.10 -5.40
N LEU B 99 -14.79 2.92 -4.41
CA LEU B 99 -15.73 3.37 -3.39
C LEU B 99 -16.88 4.16 -4.01
N VAL B 100 -16.57 5.09 -4.90
CA VAL B 100 -17.62 5.96 -5.43
C VAL B 100 -18.55 5.17 -6.32
N ALA B 101 -17.97 4.26 -7.09
CA ALA B 101 -18.74 3.45 -7.99
C ALA B 101 -19.65 2.50 -7.20
N LEU B 102 -19.20 2.03 -6.04
CA LEU B 102 -20.06 1.20 -5.19
C LEU B 102 -21.18 2.04 -4.60
N GLU B 103 -20.82 3.07 -3.85
CA GLU B 103 -21.81 3.93 -3.18
C GLU B 103 -22.90 4.33 -4.15
N ASN B 104 -22.49 4.83 -5.30
CA ASN B 104 -23.44 5.23 -6.32
C ASN B 104 -24.35 4.07 -6.73
N GLN B 105 -23.76 2.92 -7.02
CA GLN B 105 -24.55 1.75 -7.40
C GLN B 105 -25.57 1.41 -6.31
N HIS B 106 -25.14 1.57 -5.06
CA HIS B 106 -26.01 1.36 -3.90
C HIS B 106 -27.14 2.41 -3.81
N THR B 107 -26.77 3.68 -3.87
CA THR B 107 -27.71 4.79 -3.80
C THR B 107 -28.83 4.60 -4.82
N ILE B 108 -28.45 4.31 -6.06
CA ILE B 108 -29.44 4.02 -7.12
C ILE B 108 -30.31 2.83 -6.74
N ASP B 109 -29.73 1.77 -6.19
CA ASP B 109 -30.51 0.59 -5.85
C ASP B 109 -31.44 0.77 -4.64
N LEU B 110 -31.04 1.59 -3.68
CA LEU B 110 -31.83 1.71 -2.47
C LEU B 110 -32.95 2.74 -2.61
N THR B 111 -32.81 3.68 -3.54
CA THR B 111 -33.89 4.63 -3.83
C THR B 111 -34.94 3.97 -4.73
N ASP B 112 -34.51 2.97 -5.49
CA ASP B 112 -35.43 2.12 -6.23
C ASP B 112 -36.24 1.30 -5.22
N ALA B 113 -35.57 0.84 -4.17
CA ALA B 113 -36.22 0.01 -3.15
C ALA B 113 -37.30 0.80 -2.45
N GLU B 114 -36.96 1.96 -1.92
CA GLU B 114 -37.96 2.82 -1.28
C GLU B 114 -39.20 3.07 -2.16
N MET B 115 -38.96 3.29 -3.45
CA MET B 115 -40.04 3.43 -4.39
C MET B 115 -40.87 2.14 -4.46
N ASN B 116 -40.20 1.02 -4.70
CA ASN B 116 -40.90 -0.24 -4.77
C ASN B 116 -41.60 -0.57 -3.47
N LYS B 117 -40.97 -0.22 -2.34
CA LYS B 117 -41.52 -0.51 -1.03
C LYS B 117 -42.78 0.29 -0.75
N LEU B 118 -42.84 1.52 -1.27
CA LEU B 118 -44.01 2.35 -1.13
C LEU B 118 -45.17 1.78 -1.94
N PHE B 119 -44.85 1.32 -3.15
CA PHE B 119 -45.82 0.63 -3.97
C PHE B 119 -46.40 -0.57 -3.24
N GLU B 120 -45.52 -1.44 -2.73
CA GLU B 120 -45.97 -2.66 -2.06
C GLU B 120 -46.77 -2.40 -0.80
N LYS B 121 -46.37 -1.38 -0.04
CA LYS B 121 -47.07 -0.99 1.17
C LYS B 121 -48.53 -0.63 0.83
N THR B 122 -48.71 0.06 -0.29
CA THR B 122 -50.02 0.47 -0.75
C THR B 122 -50.85 -0.67 -1.31
N ARG B 123 -50.23 -1.63 -2.00
CA ARG B 123 -50.91 -2.80 -2.54
C ARG B 123 -51.52 -3.63 -1.42
N ARG B 124 -50.76 -3.86 -0.35
CA ARG B 124 -51.27 -4.59 0.83
C ARG B 124 -52.44 -3.87 1.49
N GLN B 125 -52.27 -2.58 1.77
CA GLN B 125 -53.36 -1.77 2.30
C GLN B 125 -54.69 -1.96 1.54
N LEU B 126 -54.59 -1.94 0.21
CA LEU B 126 -55.77 -1.93 -0.65
C LEU B 126 -56.43 -3.31 -0.85
N ARG B 127 -55.72 -4.39 -0.51
CA ARG B 127 -56.28 -5.76 -0.57
C ARG B 127 -56.89 -6.02 -1.94
N GLU B 128 -58.19 -6.37 -1.97
CA GLU B 128 -58.85 -6.78 -3.19
C GLU B 128 -59.87 -5.73 -3.59
N ASN B 129 -59.66 -4.51 -3.10
CA ASN B 129 -60.45 -3.35 -3.53
C ASN B 129 -59.80 -2.55 -4.65
N ALA B 130 -58.64 -2.99 -5.14
CA ALA B 130 -57.89 -2.26 -6.16
C ALA B 130 -57.09 -3.17 -7.08
N GLU B 131 -56.63 -2.61 -8.19
CA GLU B 131 -55.86 -3.37 -9.16
C GLU B 131 -54.74 -2.52 -9.71
N ASP B 132 -53.53 -3.08 -9.71
CA ASP B 132 -52.37 -2.50 -10.37
C ASP B 132 -52.68 -2.27 -11.85
N MET B 133 -52.80 -1.01 -12.26
CA MET B 133 -53.05 -0.68 -13.68
C MET B 133 -51.81 -0.87 -14.54
N GLY B 134 -50.64 -0.93 -13.90
CA GLY B 134 -49.38 -0.65 -14.56
C GLY B 134 -49.10 0.83 -14.37
N GLY B 135 -47.84 1.22 -14.59
CA GLY B 135 -47.44 2.61 -14.50
C GLY B 135 -47.27 3.12 -13.08
N GLY B 136 -47.31 2.20 -12.13
CA GLY B 136 -47.31 2.58 -10.72
C GLY B 136 -48.67 3.07 -10.23
N CYS B 137 -49.71 2.91 -11.05
CA CYS B 137 -51.06 3.33 -10.70
C CYS B 137 -51.97 2.19 -10.26
N PHE B 138 -52.82 2.49 -9.27
CA PHE B 138 -53.89 1.58 -8.83
C PHE B 138 -55.25 2.10 -9.29
N LYS B 139 -56.11 1.20 -9.74
CA LYS B 139 -57.50 1.52 -9.93
C LYS B 139 -58.20 1.05 -8.69
N ILE B 140 -58.90 1.96 -8.02
CA ILE B 140 -59.62 1.63 -6.80
C ILE B 140 -61.10 1.58 -7.14
N TYR B 141 -61.70 0.41 -6.94
CA TYR B 141 -63.09 0.20 -7.33
C TYR B 141 -64.09 0.54 -6.23
N HIS B 142 -64.00 1.74 -5.67
CA HIS B 142 -65.06 2.27 -4.78
C HIS B 142 -64.99 3.78 -4.64
N LYS B 143 -66.11 4.40 -4.22
CA LYS B 143 -66.14 5.84 -3.96
C LYS B 143 -65.06 6.13 -2.96
N CYS B 144 -64.14 7.01 -3.35
CA CYS B 144 -62.92 7.24 -2.60
C CYS B 144 -62.61 8.72 -2.61
N ASP B 145 -63.34 9.47 -1.79
CA ASP B 145 -63.11 10.92 -1.62
C ASP B 145 -61.74 11.22 -0.99
N ASN B 146 -61.39 12.51 -0.87
CA ASN B 146 -60.08 12.91 -0.30
C ASN B 146 -59.82 12.35 1.08
N ALA B 147 -60.84 12.29 1.93
CA ALA B 147 -60.69 11.70 3.26
C ALA B 147 -60.19 10.26 3.14
N CYS B 148 -60.72 9.54 2.15
CA CYS B 148 -60.35 8.16 1.91
C CYS B 148 -58.92 8.05 1.39
N ILE B 149 -58.56 8.90 0.45
CA ILE B 149 -57.18 8.94 -0.04
C ILE B 149 -56.26 9.19 1.16
N GLY B 150 -56.54 10.27 1.88
CA GLY B 150 -55.85 10.56 3.13
C GLY B 150 -55.57 9.31 3.95
N SER B 151 -56.55 8.41 4.02
CA SER B 151 -56.44 7.18 4.83
C SER B 151 -55.31 6.27 4.33
N ILE B 152 -55.26 6.09 3.01
CA ILE B 152 -54.26 5.22 2.44
C ILE B 152 -52.91 5.83 2.78
N ARG B 153 -52.77 7.11 2.48
CA ARG B 153 -51.54 7.86 2.73
C ARG B 153 -51.04 7.83 4.17
N ASN B 154 -51.92 7.98 5.16
CA ASN B 154 -51.45 7.85 6.55
C ASN B 154 -51.58 6.43 7.14
N GLY B 155 -51.89 5.45 6.29
CA GLY B 155 -51.92 4.05 6.70
C GLY B 155 -53.08 3.67 7.60
N THR B 156 -54.26 4.19 7.31
CA THR B 156 -55.44 3.92 8.13
C THR B 156 -56.61 3.44 7.31
N TYR B 157 -56.35 3.09 6.05
CA TYR B 157 -57.38 2.56 5.17
C TYR B 157 -57.78 1.15 5.64
N ASP B 158 -59.07 1.00 5.94
CA ASP B 158 -59.65 -0.28 6.35
C ASP B 158 -60.37 -0.88 5.17
N HIS B 159 -59.75 -1.85 4.50
CA HIS B 159 -60.30 -2.43 3.28
C HIS B 159 -61.69 -3.01 3.46
N TYR B 160 -61.96 -3.47 4.67
CA TYR B 160 -63.21 -4.19 5.01
C TYR B 160 -64.49 -3.39 4.71
N ILE B 161 -64.50 -2.08 4.98
CA ILE B 161 -65.73 -1.30 4.79
C ILE B 161 -66.08 -1.10 3.32
N TYR B 162 -65.06 -1.04 2.47
CA TYR B 162 -65.28 -0.88 1.02
C TYR B 162 -65.35 -2.19 0.25
N ARG B 163 -65.08 -3.30 0.94
CA ARG B 163 -64.89 -4.58 0.27
C ARG B 163 -66.10 -5.06 -0.53
N ASP B 164 -67.28 -5.06 0.08
CA ASP B 164 -68.48 -5.49 -0.64
C ASP B 164 -68.70 -4.67 -1.90
N GLU B 165 -68.69 -3.35 -1.73
CA GLU B 165 -68.79 -2.45 -2.87
C GLU B 165 -67.75 -2.85 -3.90
N ALA B 166 -66.48 -2.84 -3.49
CA ALA B 166 -65.35 -3.01 -4.40
C ALA B 166 -65.34 -4.34 -5.15
N LEU B 167 -65.54 -5.45 -4.44
CA LEU B 167 -65.69 -6.76 -5.12
C LEU B 167 -66.74 -6.69 -6.21
N ASN B 168 -67.83 -6.01 -5.90
CA ASN B 168 -68.92 -5.91 -6.83
C ASN B 168 -68.58 -5.10 -8.07
N ASN B 169 -67.85 -4.01 -7.93
CA ASN B 169 -67.60 -3.16 -9.08
C ASN B 169 -66.60 -3.79 -10.05
N ARG B 170 -65.78 -4.71 -9.57
CA ARG B 170 -64.72 -5.24 -10.40
C ARG B 170 -64.97 -6.62 -10.98
N PHE B 171 -65.89 -7.39 -10.41
CA PHE B 171 -66.24 -8.70 -10.96
C PHE B 171 -67.71 -8.77 -11.38
N GLN B 172 -68.23 -7.66 -11.89
CA GLN B 172 -69.63 -7.55 -12.33
C GLN B 172 -69.86 -6.23 -13.05
N ASN C 5 -57.32 -28.23 -23.73
CA ASN C 5 -58.24 -27.08 -23.52
C ASN C 5 -57.97 -25.97 -24.56
N ASN C 6 -59.04 -25.47 -25.16
CA ASN C 6 -58.95 -24.45 -26.22
C ASN C 6 -59.16 -23.02 -25.73
N ASN C 7 -59.85 -22.86 -24.60
CA ASN C 7 -60.03 -21.54 -24.01
C ASN C 7 -59.12 -21.26 -22.79
N THR C 8 -57.88 -21.72 -22.88
CA THR C 8 -56.83 -21.35 -21.96
C THR C 8 -55.50 -21.53 -22.66
N ALA C 9 -54.52 -20.73 -22.28
CA ALA C 9 -53.16 -20.90 -22.78
C ALA C 9 -52.20 -20.99 -21.62
N THR C 10 -50.95 -21.23 -21.93
CA THR C 10 -49.92 -21.30 -20.92
C THR C 10 -48.75 -20.51 -21.41
N LEU C 11 -48.21 -19.65 -20.55
CA LEU C 11 -47.06 -18.82 -20.90
C LEU C 11 -46.03 -18.99 -19.82
N CYS C 12 -44.88 -19.55 -20.15
CA CYS C 12 -43.82 -19.70 -19.17
C CYS C 12 -42.66 -18.77 -19.50
N LEU C 13 -42.09 -18.19 -18.45
CA LEU C 13 -40.90 -17.36 -18.59
C LEU C 13 -39.70 -18.17 -18.13
N GLY C 14 -38.57 -17.89 -18.75
CA GLY C 14 -37.36 -18.60 -18.42
C GLY C 14 -36.13 -17.87 -18.84
N HIS C 15 -35.02 -18.56 -18.71
CA HIS C 15 -33.72 -18.03 -19.05
C HIS C 15 -32.92 -19.18 -19.61
N HIS C 16 -31.79 -18.88 -20.22
CA HIS C 16 -31.05 -19.90 -20.92
C HIS C 16 -30.15 -20.66 -19.96
N ALA C 17 -29.58 -21.74 -20.45
CA ALA C 17 -28.56 -22.49 -19.71
C ALA C 17 -27.60 -23.10 -20.73
N VAL C 18 -26.46 -23.62 -20.28
CA VAL C 18 -25.55 -24.29 -21.21
C VAL C 18 -25.15 -25.67 -20.72
N ALA C 19 -24.79 -26.54 -21.64
CA ALA C 19 -24.32 -27.88 -21.27
C ALA C 19 -23.07 -27.74 -20.42
N ASN C 20 -22.14 -26.92 -20.85
CA ASN C 20 -20.88 -26.74 -20.14
C ASN C 20 -20.68 -25.33 -19.55
N GLY C 21 -21.03 -25.15 -18.28
CA GLY C 21 -20.80 -23.88 -17.58
C GLY C 21 -19.39 -23.83 -17.04
N THR C 22 -19.14 -22.89 -16.15
CA THR C 22 -17.82 -22.72 -15.49
C THR C 22 -18.03 -22.19 -14.06
N LEU C 23 -17.17 -22.64 -13.14
CA LEU C 23 -17.30 -22.28 -11.72
C LEU C 23 -16.60 -20.96 -11.40
N VAL C 24 -17.29 -20.11 -10.64
CA VAL C 24 -16.72 -18.83 -10.18
C VAL C 24 -16.90 -18.67 -8.68
N LYS C 25 -16.21 -17.69 -8.13
CA LYS C 25 -16.27 -17.41 -6.71
C LYS C 25 -17.07 -16.17 -6.49
N THR C 26 -17.96 -16.19 -5.50
CA THR C 26 -18.70 -14.99 -5.11
C THR C 26 -18.50 -14.70 -3.61
N ILE C 27 -19.31 -13.81 -3.05
CA ILE C 27 -19.16 -13.49 -1.64
C ILE C 27 -19.75 -14.63 -0.82
N THR C 28 -20.95 -15.08 -1.19
CA THR C 28 -21.67 -16.07 -0.42
C THR C 28 -21.34 -17.48 -0.82
N ASP C 29 -20.76 -17.68 -2.00
CA ASP C 29 -20.46 -19.02 -2.51
C ASP C 29 -18.98 -19.16 -2.84
N ASP C 30 -18.38 -20.23 -2.33
CA ASP C 30 -16.99 -20.56 -2.62
C ASP C 30 -16.86 -20.91 -4.09
N GLN C 31 -17.75 -21.79 -4.55
CA GLN C 31 -17.90 -22.14 -5.96
C GLN C 31 -19.36 -22.11 -6.35
N ILE C 32 -19.64 -21.69 -7.58
CA ILE C 32 -21.00 -21.65 -8.08
C ILE C 32 -20.92 -21.52 -9.60
N GLU C 33 -21.84 -22.15 -10.31
CA GLU C 33 -21.71 -22.34 -11.75
C GLU C 33 -22.47 -21.28 -12.56
N VAL C 34 -21.73 -20.63 -13.47
CA VAL C 34 -22.32 -19.66 -14.39
C VAL C 34 -22.15 -20.09 -15.82
N THR C 35 -22.98 -19.53 -16.68
CA THR C 35 -22.99 -19.90 -18.10
C THR C 35 -21.65 -19.60 -18.77
N ASN C 36 -20.95 -18.58 -18.28
CA ASN C 36 -19.74 -18.12 -18.91
C ASN C 36 -18.89 -17.33 -17.92
N ALA C 37 -17.59 -17.33 -18.13
CA ALA C 37 -16.69 -16.52 -17.32
C ALA C 37 -15.48 -16.13 -18.14
N THR C 38 -14.68 -15.21 -17.61
CA THR C 38 -13.45 -14.80 -18.27
C THR C 38 -12.31 -14.70 -17.26
N GLU C 39 -11.10 -15.04 -17.72
CA GLU C 39 -9.92 -15.09 -16.85
C GLU C 39 -9.26 -13.71 -16.76
N LEU C 40 -9.08 -13.23 -15.53
CA LEU C 40 -8.50 -11.93 -15.28
C LEU C 40 -7.06 -12.01 -14.83
N VAL C 41 -6.47 -13.22 -14.79
CA VAL C 41 -5.06 -13.38 -14.38
C VAL C 41 -4.18 -13.96 -15.49
N GLN C 42 -3.18 -13.16 -15.87
CA GLN C 42 -2.21 -13.58 -16.87
C GLN C 42 -1.14 -14.45 -16.22
N SER C 43 -1.16 -15.75 -16.51
CA SER C 43 -0.21 -16.67 -15.92
C SER C 43 0.71 -17.35 -16.96
N ILE C 44 0.72 -16.85 -18.19
CA ILE C 44 1.49 -17.45 -19.28
C ILE C 44 2.30 -16.40 -20.02
N SER C 45 3.58 -16.68 -20.22
CA SER C 45 4.45 -15.77 -20.97
C SER C 45 4.43 -16.21 -22.41
N MET C 46 5.05 -15.40 -23.27
CA MET C 46 5.20 -15.74 -24.67
C MET C 46 6.47 -16.58 -24.90
N GLY C 47 7.26 -16.78 -23.83
CA GLY C 47 8.52 -17.55 -23.90
C GLY C 47 9.73 -16.73 -24.29
N LYS C 48 9.48 -15.60 -24.95
CA LYS C 48 10.50 -14.73 -25.51
C LYS C 48 10.19 -13.26 -25.16
N ILE C 49 11.19 -12.40 -25.32
CA ILE C 49 11.04 -10.96 -25.11
C ILE C 49 10.80 -10.30 -26.45
N CYS C 50 9.67 -9.63 -26.58
CA CYS C 50 9.29 -9.00 -27.84
C CYS C 50 9.99 -7.65 -27.98
N ASN C 51 10.41 -7.34 -29.21
CA ASN C 51 11.29 -6.20 -29.46
C ASN C 51 10.68 -5.12 -30.35
N ASN C 52 9.41 -5.23 -30.69
CA ASN C 52 8.82 -4.30 -31.65
C ASN C 52 7.96 -3.21 -31.06
N SER C 53 7.58 -3.32 -29.79
CA SER C 53 6.91 -2.22 -29.11
C SER C 53 7.94 -1.26 -28.55
N TYR C 54 8.75 -1.73 -27.61
CA TYR C 54 9.85 -0.95 -27.06
C TYR C 54 11.19 -1.35 -27.72
N ARG C 55 12.16 -0.46 -27.66
CA ARG C 55 13.51 -0.72 -28.17
C ARG C 55 14.32 -1.46 -27.13
N ILE C 56 14.63 -2.71 -27.42
CA ILE C 56 15.30 -3.60 -26.48
C ILE C 56 16.73 -3.88 -26.91
N LEU C 57 17.63 -3.83 -25.93
CA LEU C 57 19.03 -4.04 -26.18
C LEU C 57 19.49 -5.30 -25.48
N ASP C 58 19.90 -6.30 -26.25
CA ASP C 58 20.51 -7.52 -25.70
C ASP C 58 21.92 -7.21 -25.23
N GLY C 59 22.16 -7.34 -23.92
CA GLY C 59 23.47 -7.08 -23.34
C GLY C 59 24.49 -8.15 -23.66
N ARG C 60 24.03 -9.36 -23.97
CA ARG C 60 24.89 -10.50 -24.31
C ARG C 60 25.84 -10.88 -23.16
N ASN C 61 27.15 -10.78 -23.35
CA ASN C 61 28.08 -11.10 -22.28
C ASN C 61 28.60 -9.85 -21.54
N CYS C 62 27.86 -8.75 -21.66
CA CYS C 62 28.21 -7.46 -21.03
C CYS C 62 27.17 -6.97 -20.02
N THR C 63 27.64 -6.54 -18.86
CA THR C 63 26.80 -5.76 -17.96
C THR C 63 26.73 -4.31 -18.46
N LEU C 64 25.75 -3.57 -17.98
CA LEU C 64 25.53 -2.18 -18.42
C LEU C 64 26.66 -1.25 -18.00
N ILE C 65 27.30 -1.57 -16.89
CA ILE C 65 28.43 -0.80 -16.36
C ILE C 65 29.68 -1.07 -17.17
N ASP C 66 29.98 -2.33 -17.41
CA ASP C 66 31.11 -2.69 -18.26
C ASP C 66 30.99 -2.09 -19.65
N ALA C 67 29.76 -2.01 -20.17
CA ALA C 67 29.54 -1.33 -21.43
C ALA C 67 29.84 0.15 -21.29
N MET C 68 29.44 0.73 -20.17
CA MET C 68 29.62 2.16 -19.94
C MET C 68 31.10 2.46 -19.82
N LEU C 69 31.76 1.69 -18.96
CA LEU C 69 33.18 1.85 -18.75
C LEU C 69 33.99 1.70 -20.02
N GLY C 70 33.64 0.72 -20.85
CA GLY C 70 34.34 0.46 -22.11
C GLY C 70 35.30 -0.71 -22.02
N ASP C 71 34.82 -1.79 -21.39
CA ASP C 71 35.46 -3.11 -21.43
C ASP C 71 35.60 -3.49 -22.91
N PRO C 72 36.80 -3.97 -23.34
CA PRO C 72 37.00 -4.14 -24.79
C PRO C 72 35.99 -5.06 -25.47
N HIS C 73 35.59 -6.14 -24.81
CA HIS C 73 34.57 -7.00 -25.39
C HIS C 73 33.17 -6.36 -25.40
N CYS C 74 33.00 -5.23 -24.72
CA CYS C 74 31.74 -4.48 -24.75
C CYS C 74 31.75 -3.29 -25.70
N ASP C 75 32.61 -3.31 -26.71
CA ASP C 75 32.78 -2.12 -27.54
C ASP C 75 31.66 -1.93 -28.54
N VAL C 76 31.07 -3.02 -29.02
CA VAL C 76 29.91 -2.94 -29.92
C VAL C 76 28.75 -2.07 -29.35
N PHE C 77 28.76 -1.83 -28.03
CA PHE C 77 27.76 -0.98 -27.38
C PHE C 77 28.11 0.49 -27.21
N GLN C 78 29.26 0.93 -27.74
CA GLN C 78 29.58 2.35 -27.69
C GLN C 78 28.44 3.16 -28.28
N TYR C 79 27.92 4.12 -27.50
CA TYR C 79 26.85 5.04 -27.93
C TYR C 79 25.47 4.40 -28.14
N GLU C 80 25.24 3.20 -27.63
CA GLU C 80 23.92 2.59 -27.78
C GLU C 80 22.92 3.29 -26.89
N ASN C 81 21.65 3.30 -27.30
CA ASN C 81 20.58 3.73 -26.41
C ASN C 81 19.36 2.82 -26.51
N TRP C 82 18.58 2.76 -25.44
CA TRP C 82 17.55 1.75 -25.28
C TRP C 82 16.33 2.28 -24.53
N ASP C 83 15.22 1.54 -24.66
CA ASP C 83 14.12 1.63 -23.72
C ASP C 83 14.36 0.66 -22.58
N LEU C 84 14.83 -0.55 -22.91
CA LEU C 84 15.12 -1.56 -21.89
C LEU C 84 16.39 -2.36 -22.19
N PHE C 85 17.34 -2.33 -21.26
CA PHE C 85 18.60 -3.03 -21.37
C PHE C 85 18.49 -4.39 -20.70
N ILE C 86 18.72 -5.46 -21.46
CA ILE C 86 18.57 -6.82 -20.93
C ILE C 86 19.93 -7.42 -20.55
N GLU C 87 20.12 -7.62 -19.26
CA GLU C 87 21.35 -8.22 -18.74
C GLU C 87 21.25 -9.76 -18.66
N ARG C 88 22.16 -10.44 -19.34
CA ARG C 88 22.24 -11.89 -19.27
C ARG C 88 23.04 -12.26 -18.05
N SER C 89 22.78 -13.45 -17.50
CA SER C 89 23.45 -13.92 -16.29
C SER C 89 24.85 -14.39 -16.60
N SER C 90 25.08 -14.81 -17.84
CA SER C 90 26.40 -15.28 -18.25
C SER C 90 27.35 -14.12 -18.62
N ALA C 91 26.92 -12.88 -18.35
CA ALA C 91 27.76 -11.69 -18.50
C ALA C 91 28.96 -11.79 -17.60
N PHE C 92 30.11 -11.31 -18.07
CA PHE C 92 31.35 -11.30 -17.28
C PHE C 92 32.19 -10.07 -17.61
N SER C 93 33.00 -9.62 -16.64
CA SER C 93 33.95 -8.55 -16.92
C SER C 93 35.19 -9.20 -17.47
N ASN C 94 35.85 -8.53 -18.41
CA ASN C 94 37.04 -9.06 -19.04
C ASN C 94 38.16 -8.03 -19.19
N CYS C 95 38.16 -7.06 -18.28
CA CYS C 95 39.16 -5.99 -18.26
C CYS C 95 39.80 -5.95 -16.86
N TYR C 96 40.41 -4.82 -16.49
CA TYR C 96 41.07 -4.68 -15.20
C TYR C 96 40.04 -4.80 -14.08
N PRO C 97 40.36 -5.54 -12.99
CA PRO C 97 39.37 -5.71 -11.94
C PRO C 97 39.09 -4.41 -11.21
N TYR C 98 37.83 -4.19 -10.88
CA TYR C 98 37.40 -2.94 -10.30
C TYR C 98 36.30 -3.19 -9.27
N ASP C 99 36.04 -2.21 -8.42
CA ASP C 99 34.81 -2.19 -7.61
C ASP C 99 34.23 -0.79 -7.64
N ILE C 100 32.90 -0.72 -7.61
CA ILE C 100 32.19 0.55 -7.62
C ILE C 100 31.37 0.74 -6.34
N PRO C 101 31.80 1.68 -5.47
CA PRO C 101 30.98 2.05 -4.32
C PRO C 101 29.60 2.49 -4.77
N ASP C 102 28.58 1.83 -4.24
CA ASP C 102 27.20 2.11 -4.57
C ASP C 102 26.98 1.80 -6.05
N TYR C 103 27.48 0.64 -6.46
CA TYR C 103 27.25 0.10 -7.81
C TYR C 103 25.77 0.23 -8.22
N ALA C 104 24.86 -0.30 -7.42
CA ALA C 104 23.44 -0.32 -7.79
C ALA C 104 22.89 1.05 -8.21
N SER C 105 23.30 2.10 -7.50
CA SER C 105 22.87 3.45 -7.80
C SER C 105 23.39 3.99 -9.14
N LEU C 106 24.59 3.58 -9.56
CA LEU C 106 25.10 4.02 -10.85
C LEU C 106 24.41 3.28 -11.98
N ARG C 107 24.37 1.95 -11.87
CA ARG C 107 23.62 1.11 -12.79
C ARG C 107 22.21 1.64 -13.00
N SER C 108 21.54 2.00 -11.89
CA SER C 108 20.19 2.54 -11.93
C SER C 108 20.12 3.88 -12.67
N ILE C 109 21.00 4.81 -12.30
CA ILE C 109 21.11 6.10 -12.99
C ILE C 109 21.41 5.97 -14.50
N VAL C 110 22.23 5.00 -14.88
CA VAL C 110 22.53 4.77 -16.30
C VAL C 110 21.32 4.11 -16.95
N ALA C 111 20.85 3.01 -16.37
CA ALA C 111 19.63 2.37 -16.83
C ALA C 111 18.54 3.38 -17.10
N SER C 112 18.32 4.24 -16.11
CA SER C 112 17.23 5.21 -16.12
C SER C 112 17.33 6.20 -17.27
N SER C 113 18.50 6.83 -17.39
CA SER C 113 18.80 7.81 -18.45
C SER C 113 18.63 7.24 -19.86
N GLY C 114 18.97 5.96 -20.04
CA GLY C 114 18.65 5.23 -21.28
C GLY C 114 19.61 5.39 -22.45
N THR C 115 20.78 5.96 -22.20
CA THR C 115 21.76 6.20 -23.28
C THR C 115 23.22 6.05 -22.82
N LEU C 116 24.10 5.75 -23.76
CA LEU C 116 25.56 5.78 -23.54
C LEU C 116 26.23 6.77 -24.48
N GLU C 117 25.52 7.84 -24.81
CA GLU C 117 26.09 8.94 -25.58
C GLU C 117 27.24 9.52 -24.77
N PHE C 118 28.44 9.43 -25.33
CA PHE C 118 29.64 9.89 -24.65
C PHE C 118 30.27 10.97 -25.50
N THR C 119 30.58 12.11 -24.90
CA THR C 119 31.26 13.19 -25.60
C THR C 119 32.65 13.33 -25.02
N ALA C 120 33.69 13.17 -25.84
CA ALA C 120 35.05 13.37 -25.35
C ALA C 120 35.32 14.86 -25.11
N GLU C 121 36.18 15.18 -24.15
CA GLU C 121 36.52 16.56 -23.84
C GLU C 121 38.03 16.80 -23.73
N GLY C 122 38.45 18.03 -24.02
CA GLY C 122 39.86 18.35 -24.15
C GLY C 122 40.60 18.52 -22.85
N PHE C 123 40.79 17.44 -22.11
CA PHE C 123 41.48 17.49 -20.83
C PHE C 123 42.97 17.63 -21.08
N THR C 124 43.61 18.53 -20.34
CA THR C 124 45.07 18.72 -20.41
C THR C 124 45.69 18.12 -19.16
N TRP C 125 46.57 17.15 -19.35
CA TRP C 125 47.20 16.48 -18.22
C TRP C 125 48.69 16.79 -18.25
N THR C 126 49.05 18.00 -17.82
CA THR C 126 50.43 18.45 -17.94
C THR C 126 51.33 17.57 -17.11
N GLY C 127 52.37 17.03 -17.74
CA GLY C 127 53.47 16.35 -17.04
C GLY C 127 53.19 14.93 -16.59
N VAL C 128 52.37 14.21 -17.34
CA VAL C 128 52.15 12.77 -17.11
C VAL C 128 51.97 12.00 -18.42
N THR C 129 52.25 10.70 -18.34
CA THR C 129 51.95 9.77 -19.44
C THR C 129 50.49 9.33 -19.35
N GLN C 130 49.79 9.38 -20.48
CA GLN C 130 48.38 9.01 -20.58
C GLN C 130 48.22 7.68 -21.30
N ASN C 131 46.98 7.18 -21.33
CA ASN C 131 46.64 5.92 -21.97
C ASN C 131 47.40 4.73 -21.43
N GLY C 132 47.49 4.66 -20.11
CA GLY C 132 48.08 3.51 -19.44
C GLY C 132 47.29 2.28 -19.78
N ARG C 133 47.98 1.15 -19.88
CA ARG C 133 47.40 -0.10 -20.38
C ARG C 133 47.79 -1.29 -19.50
N SER C 134 47.28 -2.48 -19.81
CA SER C 134 47.41 -3.64 -18.93
C SER C 134 47.10 -5.00 -19.59
N GLY C 135 47.78 -6.03 -19.10
CA GLY C 135 47.54 -7.41 -19.55
C GLY C 135 46.18 -7.97 -19.17
N ALA C 136 45.60 -7.43 -18.11
CA ALA C 136 44.25 -7.81 -17.71
C ALA C 136 43.20 -7.38 -18.72
N CYS C 137 43.50 -6.33 -19.51
CA CYS C 137 42.48 -5.74 -20.36
C CYS C 137 42.85 -5.76 -21.85
N LYS C 138 42.99 -6.96 -22.41
CA LYS C 138 43.44 -7.14 -23.80
C LYS C 138 42.44 -6.59 -24.80
N ARG C 139 42.93 -5.85 -25.80
CA ARG C 139 42.14 -5.34 -26.91
C ARG C 139 42.98 -5.47 -28.17
N GLY C 140 42.46 -6.19 -29.16
CA GLY C 140 43.31 -6.74 -30.21
C GLY C 140 43.95 -7.91 -29.49
N SER C 141 45.27 -8.02 -29.57
CA SER C 141 45.97 -8.91 -28.66
C SER C 141 47.04 -8.07 -28.00
N ALA C 142 46.60 -6.86 -27.62
CA ALA C 142 47.48 -5.85 -27.09
C ALA C 142 46.96 -5.42 -25.75
N ASP C 143 47.88 -5.15 -24.82
CA ASP C 143 47.48 -4.60 -23.54
C ASP C 143 46.66 -3.34 -23.81
N SER C 144 45.72 -3.05 -22.92
CA SER C 144 44.81 -1.93 -23.12
C SER C 144 44.17 -1.50 -21.80
N PHE C 145 43.02 -0.82 -21.90
CA PHE C 145 42.31 -0.34 -20.72
C PHE C 145 40.89 0.04 -21.09
N PHE C 146 40.03 0.15 -20.07
CA PHE C 146 38.69 0.74 -20.22
C PHE C 146 38.75 1.97 -21.12
N SER C 147 37.95 1.98 -22.19
CA SER C 147 38.09 2.99 -23.26
C SER C 147 37.64 4.40 -22.85
N ARG C 148 36.78 4.50 -21.85
CA ARG C 148 36.25 5.77 -21.37
C ARG C 148 37.06 6.36 -20.21
N LEU C 149 38.12 5.64 -19.83
CA LEU C 149 38.95 6.02 -18.71
C LEU C 149 40.38 6.17 -19.16
N ASN C 150 41.07 7.16 -18.59
CA ASN C 150 42.44 7.52 -18.95
C ASN C 150 43.37 7.27 -17.79
N TRP C 151 44.11 6.17 -17.84
CA TRP C 151 45.00 5.82 -16.75
C TRP C 151 46.35 6.56 -16.89
N LEU C 152 46.59 7.52 -16.00
CA LEU C 152 47.75 8.40 -16.07
C LEU C 152 48.86 7.87 -15.19
N THR C 153 50.10 8.00 -15.66
CA THR C 153 51.27 7.63 -14.86
C THR C 153 52.39 8.68 -15.03
N LYS C 154 53.49 8.48 -14.32
CA LYS C 154 54.61 9.42 -14.33
C LYS C 154 55.16 9.64 -15.74
N SER C 155 55.88 10.75 -15.91
CA SER C 155 56.64 11.02 -17.12
C SER C 155 58.03 11.36 -16.64
N GLY C 156 59.02 10.61 -17.13
CA GLY C 156 60.35 10.67 -16.52
C GLY C 156 60.24 10.31 -15.05
N ASN C 157 60.72 11.20 -14.18
CA ASN C 157 60.74 10.96 -12.73
C ASN C 157 59.85 11.94 -11.95
N SER C 158 58.69 12.25 -12.51
CA SER C 158 57.76 13.17 -11.89
C SER C 158 56.31 12.85 -12.23
N TYR C 159 55.42 13.27 -11.34
CA TYR C 159 53.99 13.22 -11.52
C TYR C 159 53.50 14.47 -10.79
N PRO C 160 53.61 15.63 -11.45
CA PRO C 160 53.33 16.88 -10.74
C PRO C 160 51.86 16.95 -10.40
N THR C 161 51.52 17.72 -9.37
CA THR C 161 50.13 17.89 -8.96
C THR C 161 49.25 18.28 -10.16
N LEU C 162 48.18 17.51 -10.37
CA LEU C 162 47.28 17.74 -11.49
C LEU C 162 46.10 18.56 -11.00
N ASN C 163 45.92 19.74 -11.57
CA ASN C 163 44.82 20.64 -11.20
C ASN C 163 44.12 21.16 -12.46
N VAL C 164 43.05 20.46 -12.85
CA VAL C 164 42.32 20.73 -14.09
C VAL C 164 40.86 21.12 -13.85
N THR C 165 40.35 21.94 -14.76
CA THR C 165 39.00 22.51 -14.68
C THR C 165 38.23 22.12 -15.94
N MET C 166 36.90 22.04 -15.84
CA MET C 166 36.08 21.72 -17.00
C MET C 166 34.62 22.13 -16.75
N PRO C 167 34.20 23.28 -17.30
CA PRO C 167 32.87 23.82 -17.01
C PRO C 167 31.72 23.24 -17.86
N ASN C 168 30.52 23.19 -17.29
CA ASN C 168 29.32 22.74 -17.98
C ASN C 168 28.53 23.92 -18.54
N ASN C 169 28.73 24.23 -19.82
CA ASN C 169 27.99 25.27 -20.53
C ASN C 169 26.77 24.74 -21.27
N LYS C 170 26.33 23.53 -20.93
CA LYS C 170 25.16 22.93 -21.56
C LYS C 170 23.94 23.20 -20.68
N ASN C 171 22.77 22.74 -21.15
CA ASN C 171 21.53 22.86 -20.38
C ASN C 171 21.05 21.49 -19.86
N PHE C 172 22.00 20.59 -19.67
CA PHE C 172 21.73 19.27 -19.10
C PHE C 172 22.84 18.90 -18.14
N ASP C 173 22.53 17.99 -17.24
CA ASP C 173 23.51 17.49 -16.30
C ASP C 173 24.54 16.61 -17.02
N LYS C 174 25.82 16.87 -16.77
CA LYS C 174 26.88 16.00 -17.25
C LYS C 174 27.18 14.99 -16.15
N LEU C 175 27.50 13.77 -16.56
CA LEU C 175 27.86 12.70 -15.65
C LEU C 175 29.27 12.28 -15.99
N TYR C 176 30.16 12.36 -15.01
CA TYR C 176 31.55 11.97 -15.22
C TYR C 176 31.90 10.72 -14.43
N ILE C 177 32.44 9.72 -15.12
CA ILE C 177 32.92 8.48 -14.50
C ILE C 177 34.45 8.53 -14.46
N TRP C 178 35.01 8.51 -13.24
CA TRP C 178 36.45 8.56 -13.02
C TRP C 178 36.79 7.46 -12.02
N GLY C 179 38.08 7.27 -11.73
CA GLY C 179 38.48 6.25 -10.75
C GLY C 179 39.75 6.60 -10.00
N ILE C 180 40.11 5.74 -9.06
CA ILE C 180 41.40 5.81 -8.42
C ILE C 180 42.02 4.43 -8.52
N HIS C 181 43.33 4.36 -8.76
CA HIS C 181 44.02 3.08 -8.80
C HIS C 181 44.61 2.73 -7.44
N HIS C 182 44.24 1.57 -6.89
CA HIS C 182 44.84 1.05 -5.66
C HIS C 182 45.94 0.05 -6.04
N PRO C 183 47.23 0.41 -5.87
CA PRO C 183 48.25 -0.53 -6.33
C PRO C 183 48.53 -1.67 -5.36
N SER C 184 49.22 -2.70 -5.83
CA SER C 184 49.49 -3.92 -5.05
C SER C 184 50.71 -3.84 -4.10
N SER C 185 51.61 -2.89 -4.33
CA SER C 185 52.82 -2.78 -3.54
C SER C 185 53.41 -1.37 -3.59
N ASN C 186 54.18 -1.00 -2.56
CA ASN C 186 54.89 0.27 -2.55
C ASN C 186 55.91 0.31 -3.67
N GLN C 187 56.39 -0.89 -4.02
CA GLN C 187 57.27 -1.07 -5.14
C GLN C 187 56.62 -0.57 -6.43
N GLU C 188 55.30 -0.72 -6.52
CA GLU C 188 54.54 -0.29 -7.71
C GLU C 188 54.05 1.15 -7.59
N GLN C 189 53.44 1.49 -6.45
CA GLN C 189 53.00 2.86 -6.20
C GLN C 189 54.07 3.87 -6.67
N THR C 190 55.29 3.72 -6.16
CA THR C 190 56.38 4.65 -6.47
C THR C 190 56.79 4.60 -7.95
N LYS C 191 56.89 3.39 -8.49
CA LYS C 191 57.28 3.16 -9.89
C LYS C 191 56.33 3.86 -10.86
N LEU C 192 55.02 3.71 -10.62
CA LEU C 192 53.99 4.33 -11.46
C LEU C 192 53.82 5.82 -11.18
N TYR C 193 53.70 6.18 -9.91
CA TYR C 193 53.23 7.51 -9.54
C TYR C 193 54.25 8.40 -8.83
N ILE C 194 55.47 7.91 -8.64
CA ILE C 194 56.52 8.63 -7.92
C ILE C 194 56.21 8.76 -6.42
N GLN C 195 55.22 9.57 -6.07
CA GLN C 195 54.87 9.82 -4.67
C GLN C 195 54.50 8.55 -3.89
N GLU C 196 54.72 8.60 -2.58
CA GLU C 196 54.51 7.44 -1.71
C GLU C 196 53.03 7.14 -1.44
N SER C 197 52.14 8.10 -1.68
CA SER C 197 50.69 7.84 -1.57
C SER C 197 49.85 8.84 -2.37
N GLY C 198 48.85 8.34 -3.08
CA GLY C 198 48.00 9.18 -3.90
C GLY C 198 46.96 9.98 -3.12
N ARG C 199 46.34 10.93 -3.83
CA ARG C 199 45.17 11.65 -3.37
C ARG C 199 44.41 12.03 -4.63
N VAL C 200 43.08 11.93 -4.59
CA VAL C 200 42.25 12.29 -5.74
C VAL C 200 41.02 13.01 -5.22
N THR C 201 40.84 14.26 -5.62
CA THR C 201 39.78 15.13 -5.09
C THR C 201 38.92 15.73 -6.22
N VAL C 202 37.81 15.07 -6.52
CA VAL C 202 36.89 15.53 -7.58
C VAL C 202 35.77 16.36 -6.94
N SER C 203 35.69 17.64 -7.35
CA SER C 203 34.91 18.64 -6.63
C SER C 203 34.12 19.55 -7.56
N THR C 204 33.11 20.20 -6.99
CA THR C 204 32.32 21.22 -7.67
C THR C 204 32.00 22.34 -6.66
N LYS C 205 31.12 23.26 -7.01
CA LYS C 205 30.68 24.27 -6.05
C LYS C 205 29.89 23.60 -4.92
N ARG C 206 29.13 22.57 -5.25
CA ARG C 206 28.21 21.92 -4.32
C ARG C 206 28.81 20.70 -3.61
N SER C 207 29.52 19.85 -4.35
CA SER C 207 29.95 18.54 -3.84
C SER C 207 31.47 18.39 -3.84
N GLN C 208 31.93 17.43 -3.08
CA GLN C 208 33.34 17.03 -3.10
C GLN C 208 33.53 15.59 -2.62
N GLN C 209 34.40 14.86 -3.32
CA GLN C 209 34.72 13.48 -2.99
C GLN C 209 36.24 13.32 -3.07
N THR C 210 36.91 13.24 -1.93
CA THR C 210 38.31 12.82 -1.90
C THR C 210 38.32 11.31 -1.77
N ILE C 211 39.31 10.66 -2.39
CA ILE C 211 39.56 9.25 -2.16
C ILE C 211 41.06 9.08 -2.03
N ILE C 212 41.47 8.30 -1.02
CA ILE C 212 42.86 7.96 -0.84
C ILE C 212 43.02 6.53 -1.32
N PRO C 213 44.15 6.22 -1.97
CA PRO C 213 44.39 4.84 -2.33
C PRO C 213 44.81 4.01 -1.11
N ASN C 214 45.04 2.73 -1.31
CA ASN C 214 45.24 1.79 -0.22
C ASN C 214 46.04 0.63 -0.74
N ILE C 215 47.33 0.70 -0.54
CA ILE C 215 48.24 -0.26 -1.12
C ILE C 215 48.08 -1.60 -0.40
N GLY C 216 48.29 -2.69 -1.15
CA GLY C 216 48.18 -4.03 -0.58
C GLY C 216 47.59 -5.02 -1.56
N SER C 217 47.76 -6.31 -1.24
CA SER C 217 47.35 -7.38 -2.14
C SER C 217 45.86 -7.66 -1.99
N ARG C 218 45.20 -7.85 -3.13
CA ARG C 218 43.84 -8.43 -3.17
C ARG C 218 43.93 -9.69 -3.98
N PRO C 219 42.86 -10.49 -4.01
CA PRO C 219 42.90 -11.71 -4.81
C PRO C 219 43.25 -11.47 -6.27
N TRP C 220 43.90 -12.46 -6.86
CA TRP C 220 44.40 -12.39 -8.22
C TRP C 220 43.23 -12.48 -9.20
N VAL C 221 43.12 -11.50 -10.09
CA VAL C 221 42.08 -11.51 -11.12
C VAL C 221 42.65 -11.01 -12.44
N ARG C 222 42.86 -11.95 -13.36
CA ARG C 222 43.39 -11.68 -14.71
C ARG C 222 44.76 -11.00 -14.67
N GLY C 223 45.60 -11.42 -13.73
CA GLY C 223 46.98 -10.94 -13.64
C GLY C 223 47.16 -9.87 -12.61
N GLN C 224 46.10 -9.55 -11.89
CA GLN C 224 46.10 -8.36 -11.06
C GLN C 224 45.77 -8.62 -9.62
N SER C 225 46.72 -8.30 -8.75
CA SER C 225 46.49 -8.31 -7.31
C SER C 225 46.07 -6.92 -6.83
N GLY C 226 46.08 -5.93 -7.73
CA GLY C 226 45.62 -4.57 -7.42
C GLY C 226 44.19 -4.34 -7.87
N ARG C 227 43.70 -3.10 -7.72
CA ARG C 227 42.31 -2.77 -8.04
C ARG C 227 42.12 -1.33 -8.44
N ILE C 228 41.03 -1.09 -9.14
CA ILE C 228 40.59 0.26 -9.44
C ILE C 228 39.21 0.45 -8.86
N SER C 229 39.02 1.45 -8.00
CA SER C 229 37.68 1.82 -7.50
C SER C 229 37.10 2.89 -8.39
N ILE C 230 35.82 2.77 -8.73
CA ILE C 230 35.19 3.70 -9.67
C ILE C 230 34.19 4.60 -8.96
N TYR C 231 34.26 5.89 -9.27
CA TYR C 231 33.36 6.88 -8.70
C TYR C 231 32.76 7.74 -9.81
N TRP C 232 31.72 8.48 -9.48
CA TRP C 232 31.09 9.39 -10.44
C TRP C 232 30.68 10.71 -9.80
N THR C 233 30.62 11.75 -10.63
CA THR C 233 30.30 13.10 -10.18
C THR C 233 29.37 13.68 -11.21
N ILE C 234 28.26 14.25 -10.76
CA ILE C 234 27.34 14.93 -11.67
C ILE C 234 27.58 16.45 -11.60
N VAL C 235 27.47 17.10 -12.74
CA VAL C 235 27.74 18.52 -12.88
C VAL C 235 26.55 19.21 -13.54
N LYS C 236 25.90 20.10 -12.82
CA LYS C 236 24.67 20.74 -13.32
C LYS C 236 25.03 21.98 -14.14
N PRO C 237 24.10 22.41 -15.02
CA PRO C 237 24.36 23.61 -15.82
C PRO C 237 24.88 24.75 -14.96
N GLY C 238 25.91 25.44 -15.44
CA GLY C 238 26.49 26.58 -14.71
C GLY C 238 27.56 26.17 -13.71
N ASP C 239 27.50 24.92 -13.25
CA ASP C 239 28.45 24.40 -12.28
C ASP C 239 29.77 24.14 -13.03
N ILE C 240 30.75 23.58 -12.35
CA ILE C 240 32.10 23.47 -12.89
C ILE C 240 32.78 22.24 -12.29
N LEU C 241 33.51 21.50 -13.09
CA LEU C 241 34.22 20.31 -12.60
C LEU C 241 35.69 20.63 -12.35
N MET C 242 36.19 20.20 -11.19
CA MET C 242 37.60 20.36 -10.85
C MET C 242 38.17 19.05 -10.38
N ILE C 243 39.34 18.70 -10.90
CA ILE C 243 40.05 17.49 -10.49
C ILE C 243 41.43 17.88 -9.97
N ASN C 244 41.75 17.40 -8.77
CA ASN C 244 43.03 17.68 -8.11
C ASN C 244 43.65 16.38 -7.60
N SER C 245 44.83 16.01 -8.11
CA SER C 245 45.47 14.74 -7.76
C SER C 245 46.97 14.74 -7.89
N ASN C 246 47.64 14.25 -6.86
CA ASN C 246 49.11 14.09 -6.89
C ASN C 246 49.51 12.61 -6.95
N GLY C 247 48.64 11.79 -7.54
CA GLY C 247 48.90 10.38 -7.78
C GLY C 247 47.65 9.51 -7.87
N ASN C 248 47.73 8.44 -8.66
CA ASN C 248 46.77 7.33 -8.66
C ASN C 248 45.45 7.59 -9.41
N LEU C 249 45.40 8.69 -10.17
CA LEU C 249 44.16 9.09 -10.84
C LEU C 249 43.94 8.25 -12.08
N VAL C 250 42.76 7.64 -12.16
CA VAL C 250 42.24 7.02 -13.36
C VAL C 250 41.25 8.05 -13.87
N ALA C 251 41.67 8.85 -14.84
CA ALA C 251 40.93 10.07 -15.19
C ALA C 251 39.75 9.81 -16.11
N PRO C 252 38.87 10.83 -16.27
CA PRO C 252 37.80 10.76 -17.27
C PRO C 252 38.24 11.34 -18.61
N ARG C 253 37.61 10.88 -19.68
CA ARG C 253 37.92 11.35 -21.04
C ARG C 253 36.85 12.28 -21.58
N GLY C 254 35.75 12.39 -20.85
CA GLY C 254 34.56 13.08 -21.34
C GLY C 254 33.41 12.84 -20.41
N TYR C 255 32.20 13.11 -20.88
CA TYR C 255 31.00 12.99 -20.07
C TYR C 255 29.93 12.19 -20.77
N PHE C 256 29.05 11.63 -19.96
CA PHE C 256 27.84 11.01 -20.46
C PHE C 256 26.71 12.02 -20.29
N LYS C 257 25.73 11.95 -21.19
CA LYS C 257 24.57 12.83 -21.10
C LYS C 257 23.51 12.17 -20.23
N LEU C 258 22.90 12.94 -19.35
CA LEU C 258 21.83 12.44 -18.48
C LEU C 258 20.51 12.99 -18.93
N LYS C 259 19.56 12.10 -19.18
CA LYS C 259 18.23 12.45 -19.66
C LYS C 259 17.20 12.07 -18.62
N THR C 260 16.15 12.88 -18.47
CA THR C 260 14.98 12.41 -17.75
C THR C 260 14.40 11.36 -18.68
N GLY C 261 14.41 10.12 -18.20
CA GLY C 261 14.23 8.98 -19.08
C GLY C 261 13.10 8.11 -18.63
N LYS C 262 12.62 7.30 -19.57
CA LYS C 262 11.64 6.26 -19.30
C LYS C 262 12.36 4.90 -19.29
N SER C 263 13.68 4.92 -19.44
CA SER C 263 14.43 3.71 -19.66
C SER C 263 14.69 2.97 -18.38
N SER C 264 15.14 1.74 -18.54
CA SER C 264 15.39 0.86 -17.41
C SER C 264 16.34 -0.24 -17.83
N VAL C 265 16.60 -1.15 -16.91
CA VAL C 265 17.47 -2.31 -17.14
C VAL C 265 16.82 -3.54 -16.52
N MET C 266 16.75 -4.63 -17.26
CA MET C 266 16.24 -5.89 -16.73
C MET C 266 17.26 -7.02 -16.86
N ARG C 267 17.19 -7.96 -15.91
CA ARG C 267 17.96 -9.19 -15.95
C ARG C 267 17.05 -10.32 -16.43
N SER C 268 17.33 -10.85 -17.62
CA SER C 268 16.66 -12.05 -18.09
C SER C 268 17.64 -12.91 -18.86
N ASP C 269 17.27 -14.17 -19.06
CA ASP C 269 18.04 -15.06 -19.89
C ASP C 269 17.14 -15.69 -20.96
N VAL C 270 16.11 -14.97 -21.40
CA VAL C 270 15.23 -15.51 -22.44
C VAL C 270 15.50 -14.86 -23.80
N PRO C 271 15.22 -15.60 -24.89
CA PRO C 271 15.54 -15.11 -26.23
C PRO C 271 14.72 -13.90 -26.66
N ILE C 272 15.39 -12.88 -27.17
CA ILE C 272 14.72 -11.77 -27.84
C ILE C 272 14.30 -12.24 -29.24
N ASP C 273 13.18 -11.70 -29.74
CA ASP C 273 12.56 -12.17 -31.00
C ASP C 273 11.58 -11.09 -31.50
N ILE C 274 11.17 -11.18 -32.77
CA ILE C 274 10.14 -10.28 -33.30
C ILE C 274 8.73 -10.79 -32.98
N CYS C 275 8.04 -10.05 -32.12
CA CYS C 275 6.60 -10.18 -31.92
C CYS C 275 6.17 -8.80 -31.52
N VAL C 276 4.94 -8.63 -31.06
CA VAL C 276 4.55 -7.36 -30.45
C VAL C 276 3.87 -7.56 -29.10
N SER C 277 4.42 -6.88 -28.10
CA SER C 277 3.87 -6.86 -26.77
C SER C 277 4.45 -5.69 -26.01
N GLU C 278 3.58 -4.98 -25.31
CA GLU C 278 3.95 -3.77 -24.60
C GLU C 278 4.15 -4.00 -23.10
N CYS C 279 4.32 -5.27 -22.70
CA CYS C 279 4.69 -5.62 -21.34
C CYS C 279 5.82 -6.67 -21.33
N ILE C 280 6.90 -6.36 -20.62
CA ILE C 280 8.08 -7.22 -20.58
C ILE C 280 8.40 -7.64 -19.15
N THR C 281 8.67 -8.94 -18.97
CA THR C 281 9.08 -9.52 -17.69
C THR C 281 10.29 -10.42 -17.92
N PRO C 282 10.95 -10.86 -16.84
CA PRO C 282 12.14 -11.70 -17.05
C PRO C 282 11.81 -13.05 -17.67
N ASN C 283 10.57 -13.51 -17.48
CA ASN C 283 10.09 -14.73 -18.14
C ASN C 283 9.77 -14.51 -19.63
N GLY C 284 9.87 -13.27 -20.09
CA GLY C 284 9.53 -12.92 -21.45
C GLY C 284 8.37 -11.94 -21.43
N SER C 285 7.94 -11.50 -22.60
CA SER C 285 6.78 -10.61 -22.68
C SER C 285 5.53 -11.42 -22.36
N ILE C 286 4.52 -10.73 -21.83
CA ILE C 286 3.22 -11.32 -21.56
C ILE C 286 2.14 -10.43 -22.15
N SER C 287 0.99 -11.01 -22.51
CA SER C 287 -0.11 -10.21 -23.03
CA SER C 287 -0.13 -10.22 -23.03
C SER C 287 -0.63 -9.28 -21.94
N ASN C 288 -1.20 -8.15 -22.33
CA ASN C 288 -1.75 -7.21 -21.35
C ASN C 288 -3.25 -6.94 -21.48
N GLU C 289 -3.97 -7.91 -22.06
CA GLU C 289 -5.43 -7.89 -22.12
C GLU C 289 -6.03 -7.83 -20.73
N LYS C 290 -5.49 -8.67 -19.84
CA LYS C 290 -6.07 -8.88 -18.52
C LYS C 290 -5.56 -7.83 -17.51
N PRO C 291 -6.32 -7.58 -16.43
CA PRO C 291 -5.92 -6.55 -15.48
C PRO C 291 -4.82 -6.97 -14.53
N PHE C 292 -4.71 -8.28 -14.29
CA PHE C 292 -3.71 -8.84 -13.38
C PHE C 292 -2.89 -9.93 -14.06
N GLN C 293 -1.72 -10.21 -13.46
CA GLN C 293 -0.79 -11.24 -13.95
C GLN C 293 -0.08 -11.90 -12.79
N ASN C 294 0.31 -13.17 -13.00
CA ASN C 294 1.01 -13.94 -11.96
C ASN C 294 2.34 -14.50 -12.48
N VAL C 295 2.90 -13.88 -13.52
CA VAL C 295 4.12 -14.35 -14.13
C VAL C 295 5.38 -13.93 -13.37
N ASN C 296 5.48 -12.63 -13.10
CA ASN C 296 6.64 -12.10 -12.36
C ASN C 296 6.36 -10.71 -11.78
N LYS C 297 6.91 -10.46 -10.59
CA LYS C 297 6.75 -9.14 -9.99
C LYS C 297 7.60 -8.09 -10.66
N VAL C 298 8.64 -8.51 -11.39
CA VAL C 298 9.42 -7.58 -12.16
C VAL C 298 8.78 -7.43 -13.52
N THR C 299 8.40 -6.19 -13.85
CA THR C 299 7.76 -5.89 -15.13
C THR C 299 8.33 -4.63 -15.72
N TYR C 300 8.09 -4.42 -17.00
CA TYR C 300 8.39 -3.13 -17.63
C TYR C 300 7.34 -2.81 -18.71
N GLY C 301 6.82 -1.58 -18.69
CA GLY C 301 5.87 -1.10 -19.71
C GLY C 301 4.43 -1.12 -19.25
N LYS C 302 3.50 -1.16 -20.22
CA LYS C 302 2.08 -1.34 -19.93
C LYS C 302 1.82 -2.76 -19.40
N CYS C 303 1.83 -2.95 -18.08
CA CYS C 303 1.72 -4.29 -17.52
C CYS C 303 0.51 -4.52 -16.60
N PRO C 304 -0.09 -5.74 -16.67
CA PRO C 304 -1.07 -6.11 -15.65
C PRO C 304 -0.37 -6.15 -14.31
N LYS C 305 -1.13 -6.04 -13.23
CA LYS C 305 -0.54 -5.93 -11.91
C LYS C 305 -0.19 -7.30 -11.42
N TYR C 306 0.96 -7.44 -10.75
CA TYR C 306 1.33 -8.71 -10.16
C TYR C 306 0.47 -8.98 -8.95
N ILE C 307 0.05 -10.24 -8.81
CA ILE C 307 -0.71 -10.69 -7.65
C ILE C 307 -0.35 -12.14 -7.33
N ARG C 308 -0.68 -12.60 -6.13
CA ARG C 308 -0.31 -13.95 -5.71
C ARG C 308 -1.24 -15.08 -6.17
N GLN C 309 -2.41 -14.73 -6.72
CA GLN C 309 -3.33 -15.75 -7.22
C GLN C 309 -3.00 -16.04 -8.66
N ASN C 310 -3.17 -17.29 -9.08
CA ASN C 310 -2.95 -17.68 -10.47
C ASN C 310 -4.24 -17.72 -11.31
N THR C 311 -5.39 -17.82 -10.67
CA THR C 311 -6.66 -17.75 -11.40
C THR C 311 -7.67 -16.84 -10.68
N LEU C 312 -8.37 -16.02 -11.46
CA LEU C 312 -9.51 -15.23 -10.99
C LEU C 312 -10.55 -15.15 -12.09
N LYS C 313 -11.60 -15.94 -11.94
CA LYS C 313 -12.63 -16.03 -12.96
C LYS C 313 -13.73 -15.01 -12.67
N LEU C 314 -13.91 -14.07 -13.59
CA LEU C 314 -14.98 -13.09 -13.53
C LEU C 314 -16.18 -13.55 -14.37
N ALA C 315 -17.31 -13.77 -13.70
CA ALA C 315 -18.57 -14.17 -14.35
C ALA C 315 -19.02 -13.19 -15.44
N THR C 316 -19.28 -13.73 -16.63
CA THR C 316 -19.75 -12.95 -17.76
C THR C 316 -21.06 -13.56 -18.29
N GLY C 317 -21.81 -14.16 -17.36
CA GLY C 317 -23.11 -14.70 -17.69
C GLY C 317 -23.89 -14.93 -16.41
N MET C 318 -25.13 -15.36 -16.55
CA MET C 318 -25.96 -15.63 -15.39
C MET C 318 -25.62 -16.99 -14.78
N ARG C 319 -26.28 -17.30 -13.68
CA ARG C 319 -26.16 -18.59 -13.03
C ARG C 319 -26.66 -19.71 -13.93
N ASN C 320 -25.89 -20.80 -14.04
CA ASN C 320 -26.21 -21.91 -14.94
C ASN C 320 -26.97 -22.99 -14.18
N VAL C 321 -28.19 -23.28 -14.59
CA VAL C 321 -29.02 -24.31 -13.95
C VAL C 321 -29.51 -25.25 -15.05
N PRO C 322 -28.74 -26.33 -15.32
CA PRO C 322 -29.06 -27.23 -16.44
C PRO C 322 -30.35 -28.01 -16.25
N GLU C 323 -30.68 -28.83 -17.26
CA GLU C 323 -32.02 -29.38 -17.40
C GLU C 323 -32.27 -30.76 -16.78
N LYS C 324 -31.64 -31.79 -17.35
CA LYS C 324 -32.01 -33.20 -17.10
C LYS C 324 -30.92 -34.15 -17.59
N GLY D 1 -29.76 -16.35 -5.92
CA GLY D 1 -29.89 -14.88 -6.15
C GLY D 1 -30.95 -14.29 -5.25
N ILE D 2 -30.71 -13.06 -4.79
CA ILE D 2 -31.61 -12.36 -3.85
C ILE D 2 -33.09 -12.24 -4.24
N PHE D 3 -33.42 -12.42 -5.52
CA PHE D 3 -34.81 -12.30 -5.97
C PHE D 3 -35.52 -13.65 -6.08
N GLY D 4 -34.76 -14.73 -5.90
CA GLY D 4 -35.33 -16.06 -5.97
C GLY D 4 -35.92 -16.48 -7.31
N ALA D 5 -35.59 -15.78 -8.38
CA ALA D 5 -36.06 -16.19 -9.72
C ALA D 5 -35.21 -17.35 -10.27
N ILE D 6 -33.99 -17.05 -10.70
CA ILE D 6 -33.05 -18.04 -11.20
C ILE D 6 -32.57 -18.92 -10.04
N ALA D 7 -32.34 -20.21 -10.35
CA ALA D 7 -32.07 -21.24 -9.34
C ALA D 7 -33.02 -21.08 -8.16
N GLY D 8 -34.26 -20.70 -8.46
CA GLY D 8 -35.28 -20.44 -7.45
C GLY D 8 -36.66 -20.86 -7.92
N PHE D 9 -37.61 -19.92 -7.96
CA PHE D 9 -38.99 -20.27 -8.34
C PHE D 9 -39.12 -20.64 -9.81
N ILE D 10 -38.09 -20.34 -10.61
CA ILE D 10 -37.90 -20.96 -11.93
C ILE D 10 -36.89 -22.07 -11.75
N GLU D 11 -37.32 -23.30 -12.06
CA GLU D 11 -36.66 -24.52 -11.60
C GLU D 11 -35.31 -24.77 -12.27
N ASN D 12 -35.25 -24.52 -13.58
CA ASN D 12 -34.00 -24.63 -14.33
C ASN D 12 -33.98 -23.71 -15.56
N GLY D 13 -32.83 -23.68 -16.25
CA GLY D 13 -32.69 -22.90 -17.48
C GLY D 13 -33.04 -23.73 -18.71
N TRP D 14 -33.16 -23.06 -19.86
CA TRP D 14 -33.39 -23.75 -21.11
C TRP D 14 -32.16 -23.74 -22.01
N GLU D 15 -31.53 -24.89 -22.16
CA GLU D 15 -30.45 -25.01 -23.11
C GLU D 15 -30.98 -24.74 -24.52
N GLY D 16 -32.24 -25.05 -24.76
CA GLY D 16 -32.87 -24.80 -26.06
C GLY D 16 -32.96 -23.36 -26.55
N MET D 17 -32.82 -22.39 -25.63
CA MET D 17 -32.93 -20.97 -25.95
CA MET D 17 -32.93 -20.98 -25.99
C MET D 17 -31.56 -20.44 -26.42
N VAL D 18 -31.22 -20.70 -27.68
CA VAL D 18 -29.95 -20.25 -28.27
C VAL D 18 -29.87 -18.74 -28.54
N ASP D 19 -31.00 -18.11 -28.83
CA ASP D 19 -31.01 -16.74 -29.38
C ASP D 19 -31.36 -15.62 -28.35
N GLY D 20 -31.21 -15.91 -27.07
CA GLY D 20 -31.54 -14.94 -26.05
C GLY D 20 -31.18 -15.44 -24.67
N TRP D 21 -30.95 -14.51 -23.74
CA TRP D 21 -30.64 -14.87 -22.37
C TRP D 21 -31.93 -15.11 -21.61
N TYR D 22 -32.98 -14.39 -22.01
CA TYR D 22 -34.29 -14.50 -21.39
C TYR D 22 -35.33 -14.67 -22.48
N GLY D 23 -36.47 -15.24 -22.12
CA GLY D 23 -37.51 -15.48 -23.11
C GLY D 23 -38.74 -16.22 -22.62
N PHE D 24 -39.57 -16.62 -23.59
CA PHE D 24 -40.85 -17.24 -23.32
C PHE D 24 -40.90 -18.63 -23.90
N ARG D 25 -41.56 -19.55 -23.19
CA ARG D 25 -42.10 -20.75 -23.80
C ARG D 25 -43.61 -20.74 -23.59
N TYR D 26 -44.36 -21.16 -24.60
CA TYR D 26 -45.80 -21.10 -24.51
C TYR D 26 -46.52 -22.21 -25.24
N GLN D 27 -47.77 -22.42 -24.84
CA GLN D 27 -48.64 -23.43 -25.40
C GLN D 27 -50.04 -22.88 -25.50
N ASN D 28 -50.67 -23.05 -26.66
CA ASN D 28 -52.03 -22.57 -26.87
C ASN D 28 -52.84 -23.46 -27.85
N SER D 29 -53.77 -22.89 -28.62
CA SER D 29 -54.60 -23.67 -29.53
C SER D 29 -53.84 -24.04 -30.82
N GLU D 30 -52.77 -23.29 -31.11
CA GLU D 30 -52.03 -23.45 -32.37
C GLU D 30 -50.82 -24.41 -32.27
N GLY D 31 -50.58 -24.94 -31.07
CA GLY D 31 -49.38 -25.73 -30.77
C GLY D 31 -48.62 -25.06 -29.64
N THR D 32 -47.31 -25.29 -29.59
CA THR D 32 -46.48 -24.64 -28.61
C THR D 32 -45.39 -23.86 -29.31
N GLY D 33 -44.64 -23.09 -28.56
CA GLY D 33 -43.69 -22.17 -29.16
C GLY D 33 -42.72 -21.59 -28.16
N GLN D 34 -41.76 -20.86 -28.70
CA GLN D 34 -40.69 -20.28 -27.91
C GLN D 34 -40.22 -19.00 -28.57
N ALA D 35 -40.00 -17.97 -27.78
CA ALA D 35 -39.46 -16.71 -28.29
C ALA D 35 -38.49 -16.14 -27.28
N ALA D 36 -37.49 -15.43 -27.77
CA ALA D 36 -36.53 -14.75 -26.88
C ALA D 36 -37.00 -13.32 -26.60
N ASP D 37 -36.71 -12.80 -25.40
CA ASP D 37 -36.94 -11.39 -25.11
C ASP D 37 -35.64 -10.62 -25.20
N LEU D 38 -35.51 -9.81 -26.25
CA LEU D 38 -34.24 -9.14 -26.58
CA LEU D 38 -34.24 -9.17 -26.58
C LEU D 38 -33.87 -8.04 -25.60
N LYS D 39 -34.87 -7.32 -25.08
CA LYS D 39 -34.59 -6.16 -24.23
C LYS D 39 -33.91 -6.51 -22.90
N SER D 40 -34.39 -7.56 -22.25
CA SER D 40 -33.82 -8.04 -21.00
CA SER D 40 -33.81 -8.04 -21.00
C SER D 40 -32.42 -8.58 -21.23
N THR D 41 -32.25 -9.30 -22.33
CA THR D 41 -30.95 -9.84 -22.78
C THR D 41 -29.92 -8.71 -22.91
N GLN D 42 -30.33 -7.61 -23.53
CA GLN D 42 -29.45 -6.50 -23.75
C GLN D 42 -29.13 -5.73 -22.46
N THR D 43 -30.08 -5.63 -21.55
CA THR D 43 -29.82 -4.93 -20.31
C THR D 43 -28.76 -5.69 -19.52
N ALA D 44 -28.94 -7.00 -19.40
CA ALA D 44 -27.99 -7.85 -18.68
C ALA D 44 -26.60 -7.91 -19.35
N ILE D 45 -26.57 -7.88 -20.68
CA ILE D 45 -25.34 -7.94 -21.44
C ILE D 45 -24.57 -6.63 -21.32
N ASP D 46 -25.26 -5.52 -21.51
CA ASP D 46 -24.65 -4.19 -21.39
C ASP D 46 -24.04 -4.00 -20.02
N GLN D 47 -24.74 -4.45 -18.99
CA GLN D 47 -24.28 -4.34 -17.62
C GLN D 47 -22.94 -5.07 -17.40
N ILE D 48 -22.84 -6.26 -17.97
CA ILE D 48 -21.65 -7.10 -17.85
C ILE D 48 -20.51 -6.55 -18.69
N ASN D 49 -20.83 -6.08 -19.90
CA ASN D 49 -19.82 -5.41 -20.71
C ASN D 49 -19.27 -4.15 -20.06
N GLU D 50 -20.04 -3.51 -19.19
CA GLU D 50 -19.55 -2.31 -18.52
C GLU D 50 -18.55 -2.65 -17.41
N LYS D 51 -18.78 -3.75 -16.69
CA LYS D 51 -17.79 -4.26 -15.76
C LYS D 51 -16.55 -4.60 -16.56
N LEU D 52 -16.77 -5.24 -17.69
CA LEU D 52 -15.69 -5.70 -18.55
C LEU D 52 -14.86 -4.53 -19.09
N ASN D 53 -15.52 -3.47 -19.57
CA ASN D 53 -14.82 -2.26 -20.03
C ASN D 53 -13.92 -1.65 -18.97
N ARG D 54 -14.29 -1.84 -17.72
CA ARG D 54 -13.56 -1.28 -16.59
C ARG D 54 -12.33 -2.12 -16.15
N VAL D 55 -12.00 -3.21 -16.86
CA VAL D 55 -10.84 -4.04 -16.48
C VAL D 55 -9.96 -4.57 -17.62
N ILE D 56 -10.52 -4.81 -18.80
CA ILE D 56 -9.76 -5.46 -19.87
C ILE D 56 -9.17 -4.46 -20.86
N GLU D 57 -7.86 -4.58 -21.07
CA GLU D 57 -7.03 -3.58 -21.79
C GLU D 57 -7.09 -2.21 -21.09
N ARG D 58 -6.74 -2.23 -19.81
CA ARG D 58 -6.79 -1.05 -18.93
C ARG D 58 -5.54 -0.98 -18.06
N THR D 59 -4.43 -1.50 -18.58
CA THR D 59 -3.20 -1.61 -17.80
C THR D 59 -2.47 -0.26 -17.78
N ASN D 60 -1.42 -0.17 -16.96
CA ASN D 60 -0.75 1.11 -16.75
C ASN D 60 0.76 1.09 -17.02
N GLU D 61 1.24 2.12 -17.73
CA GLU D 61 2.66 2.29 -18.01
C GLU D 61 3.50 2.46 -16.75
N LYS D 62 4.43 1.54 -16.52
CA LYS D 62 5.43 1.72 -15.46
C LYS D 62 6.80 1.42 -16.01
N PHE D 63 7.73 2.33 -15.76
CA PHE D 63 9.08 2.27 -16.33
C PHE D 63 10.12 1.80 -15.31
N HIS D 64 11.17 2.58 -15.09
CA HIS D 64 12.19 2.19 -14.12
C HIS D 64 11.65 2.23 -12.71
N GLN D 65 11.90 1.17 -11.96
CA GLN D 65 11.35 1.05 -10.63
C GLN D 65 12.51 0.72 -9.67
N ILE D 66 12.26 -0.18 -8.72
CA ILE D 66 13.25 -0.68 -7.78
C ILE D 66 13.57 -2.13 -8.10
N GLU D 67 14.68 -2.64 -7.58
CA GLU D 67 15.06 -4.03 -7.84
C GLU D 67 14.28 -4.94 -6.90
N LYS D 68 13.91 -6.12 -7.37
CA LYS D 68 13.08 -7.03 -6.58
C LYS D 68 13.69 -8.43 -6.38
N GLU D 69 14.87 -8.63 -6.94
CA GLU D 69 15.67 -9.84 -6.74
C GLU D 69 17.07 -9.37 -6.42
N PHE D 70 17.81 -10.14 -5.62
CA PHE D 70 19.10 -9.68 -5.09
C PHE D 70 20.11 -10.81 -4.99
N SER D 71 21.18 -10.72 -5.78
CA SER D 71 22.26 -11.70 -5.73
C SER D 71 23.13 -11.61 -4.46
N GLU D 72 23.23 -10.42 -3.86
CA GLU D 72 24.04 -10.25 -2.64
C GLU D 72 23.17 -10.06 -1.38
N VAL D 73 23.79 -10.25 -0.22
CA VAL D 73 23.16 -10.09 1.10
C VAL D 73 23.54 -8.74 1.70
N GLU D 74 22.56 -7.87 1.89
CA GLU D 74 22.83 -6.46 2.25
C GLU D 74 22.25 -6.01 3.59
N GLY D 75 21.10 -6.54 3.96
CA GLY D 75 20.46 -6.15 5.21
C GLY D 75 19.53 -4.96 5.03
N ARG D 76 19.78 -3.89 5.80
CA ARG D 76 18.72 -2.93 6.15
C ARG D 76 17.94 -2.35 4.96
N ILE D 77 18.67 -1.84 3.96
CA ILE D 77 18.06 -1.28 2.76
CA ILE D 77 18.07 -1.29 2.76
C ILE D 77 17.29 -2.36 1.99
N GLN D 78 17.90 -3.51 1.77
CA GLN D 78 17.29 -4.58 1.01
C GLN D 78 16.09 -5.15 1.72
N ASP D 79 16.15 -5.22 3.05
CA ASP D 79 15.00 -5.56 3.86
C ASP D 79 13.82 -4.64 3.52
N LEU D 80 14.09 -3.34 3.46
CA LEU D 80 13.08 -2.32 3.15
C LEU D 80 12.55 -2.47 1.72
N GLU D 81 13.46 -2.54 0.76
CA GLU D 81 13.08 -2.73 -0.63
C GLU D 81 12.17 -3.96 -0.80
N LYS D 82 12.43 -5.01 -0.04
CA LYS D 82 11.65 -6.25 -0.15
C LYS D 82 10.31 -6.14 0.53
N TYR D 83 10.30 -5.50 1.70
CA TYR D 83 9.08 -5.26 2.45
C TYR D 83 8.11 -4.38 1.68
N VAL D 84 8.66 -3.41 0.94
CA VAL D 84 7.83 -2.47 0.19
C VAL D 84 7.07 -3.23 -0.89
N GLU D 85 7.76 -4.15 -1.57
CA GLU D 85 7.14 -4.91 -2.67
C GLU D 85 6.17 -5.96 -2.13
N ASP D 86 6.58 -6.60 -1.05
CA ASP D 86 5.76 -7.60 -0.42
C ASP D 86 4.39 -7.02 -0.06
N THR D 87 4.46 -5.82 0.53
CA THR D 87 3.30 -5.10 1.02
C THR D 87 2.40 -4.69 -0.11
N LYS D 88 3.00 -4.26 -1.20
CA LYS D 88 2.27 -3.85 -2.39
C LYS D 88 1.45 -5.00 -2.96
N ILE D 89 2.11 -6.12 -3.17
CA ILE D 89 1.51 -7.30 -3.77
C ILE D 89 0.31 -7.78 -2.93
N ASP D 90 0.56 -7.98 -1.64
CA ASP D 90 -0.47 -8.37 -0.69
C ASP D 90 -1.71 -7.48 -0.81
N LEU D 91 -1.49 -6.17 -0.91
CA LEU D 91 -2.60 -5.21 -1.07
C LEU D 91 -3.32 -5.26 -2.43
N TRP D 92 -2.61 -5.53 -3.52
CA TRP D 92 -3.28 -5.71 -4.79
C TRP D 92 -3.97 -7.05 -4.88
N SER D 93 -3.38 -8.06 -4.24
CA SER D 93 -3.93 -9.40 -4.24
C SER D 93 -5.23 -9.36 -3.48
N TYR D 94 -5.21 -8.72 -2.31
CA TYR D 94 -6.43 -8.49 -1.58
C TYR D 94 -7.42 -7.82 -2.51
N ASN D 95 -7.02 -6.70 -3.11
CA ASN D 95 -7.94 -5.94 -3.95
C ASN D 95 -8.55 -6.77 -5.06
N ALA D 96 -7.70 -7.50 -5.77
CA ALA D 96 -8.20 -8.27 -6.88
C ALA D 96 -9.14 -9.37 -6.40
N GLU D 97 -8.87 -9.93 -5.22
CA GLU D 97 -9.73 -10.99 -4.71
C GLU D 97 -11.13 -10.44 -4.49
N LEU D 98 -11.17 -9.25 -3.85
CA LEU D 98 -12.43 -8.62 -3.44
C LEU D 98 -13.24 -8.22 -4.68
N LEU D 99 -12.55 -7.57 -5.60
CA LEU D 99 -13.15 -7.07 -6.82
C LEU D 99 -13.95 -8.13 -7.54
N VAL D 100 -13.37 -9.32 -7.66
CA VAL D 100 -13.96 -10.38 -8.46
C VAL D 100 -15.12 -11.04 -7.70
N ALA D 101 -14.94 -11.22 -6.40
CA ALA D 101 -16.01 -11.78 -5.59
C ALA D 101 -17.23 -10.87 -5.62
N LEU D 102 -17.02 -9.56 -5.47
CA LEU D 102 -18.12 -8.57 -5.45
C LEU D 102 -18.82 -8.47 -6.78
N GLU D 103 -18.03 -8.35 -7.84
CA GLU D 103 -18.54 -8.22 -9.20
C GLU D 103 -19.36 -9.45 -9.60
N ASN D 104 -18.85 -10.63 -9.26
CA ASN D 104 -19.56 -11.87 -9.51
C ASN D 104 -20.82 -11.99 -8.67
N GLN D 105 -20.73 -11.62 -7.40
CA GLN D 105 -21.91 -11.60 -6.54
C GLN D 105 -22.97 -10.74 -7.23
N HIS D 106 -22.52 -9.61 -7.77
CA HIS D 106 -23.39 -8.62 -8.36
C HIS D 106 -23.97 -9.06 -9.69
N THR D 107 -23.14 -9.69 -10.53
CA THR D 107 -23.57 -10.29 -11.81
C THR D 107 -24.66 -11.37 -11.61
N ILE D 108 -24.52 -12.20 -10.58
CA ILE D 108 -25.55 -13.16 -10.22
C ILE D 108 -26.83 -12.44 -9.80
N ASP D 109 -26.72 -11.38 -9.02
CA ASP D 109 -27.90 -10.62 -8.61
C ASP D 109 -28.63 -9.93 -9.76
N LEU D 110 -27.93 -9.15 -10.57
CA LEU D 110 -28.62 -8.38 -11.60
C LEU D 110 -29.19 -9.23 -12.74
N THR D 111 -28.69 -10.45 -12.90
CA THR D 111 -29.27 -11.39 -13.85
C THR D 111 -30.50 -12.08 -13.24
N ASP D 112 -30.51 -12.27 -11.93
CA ASP D 112 -31.73 -12.65 -11.22
C ASP D 112 -32.76 -11.51 -11.31
N ALA D 113 -32.29 -10.27 -11.25
CA ALA D 113 -33.16 -9.12 -11.34
C ALA D 113 -33.91 -9.06 -12.65
N GLU D 114 -33.22 -9.32 -13.75
CA GLU D 114 -33.85 -9.16 -15.08
C GLU D 114 -34.91 -10.22 -15.32
N MET D 115 -34.70 -11.39 -14.71
CA MET D 115 -35.67 -12.47 -14.82
C MET D 115 -36.94 -12.06 -14.11
N ASN D 116 -36.75 -11.51 -12.91
CA ASN D 116 -37.85 -11.09 -12.08
C ASN D 116 -38.61 -9.93 -12.74
N LYS D 117 -37.88 -8.93 -13.23
CA LYS D 117 -38.48 -7.77 -13.86
C LYS D 117 -39.39 -8.18 -15.02
N LEU D 118 -38.91 -9.08 -15.86
CA LEU D 118 -39.69 -9.60 -16.98
C LEU D 118 -40.95 -10.31 -16.48
N PHE D 119 -40.80 -11.22 -15.52
CA PHE D 119 -41.94 -11.91 -14.93
C PHE D 119 -43.01 -10.97 -14.36
N GLU D 120 -42.59 -9.79 -13.88
CA GLU D 120 -43.52 -8.81 -13.34
C GLU D 120 -44.13 -7.96 -14.45
N LYS D 121 -43.30 -7.60 -15.42
CA LYS D 121 -43.73 -6.87 -16.61
C LYS D 121 -44.86 -7.59 -17.35
N THR D 122 -44.79 -8.91 -17.31
CA THR D 122 -45.77 -9.78 -17.95
C THR D 122 -47.03 -9.95 -17.11
N ARG D 123 -46.87 -10.07 -15.79
CA ARG D 123 -48.00 -10.20 -14.85
C ARG D 123 -48.83 -8.92 -14.85
N ARG D 124 -48.16 -7.77 -14.80
CA ARG D 124 -48.84 -6.47 -14.84
C ARG D 124 -49.62 -6.29 -16.12
N GLN D 125 -49.10 -6.85 -17.20
CA GLN D 125 -49.78 -6.82 -18.50
C GLN D 125 -51.05 -7.67 -18.52
N LEU D 126 -51.01 -8.83 -17.87
CA LEU D 126 -52.13 -9.76 -17.89
C LEU D 126 -53.28 -9.37 -16.94
N ARG D 127 -53.06 -8.40 -16.05
CA ARG D 127 -54.08 -7.99 -15.09
C ARG D 127 -54.78 -9.24 -14.50
N GLU D 128 -56.10 -9.34 -14.66
CA GLU D 128 -56.89 -10.37 -14.00
C GLU D 128 -57.20 -11.52 -14.92
N ASN D 129 -56.60 -11.49 -16.11
CA ASN D 129 -56.82 -12.56 -17.08
C ASN D 129 -55.90 -13.75 -16.88
N ALA D 130 -55.15 -13.78 -15.79
CA ALA D 130 -54.13 -14.80 -15.63
C ALA D 130 -53.74 -15.02 -14.18
N GLU D 131 -53.26 -16.22 -13.88
CA GLU D 131 -52.78 -16.55 -12.54
C GLU D 131 -51.36 -17.12 -12.61
N ASP D 132 -50.54 -16.79 -11.60
CA ASP D 132 -49.24 -17.44 -11.40
C ASP D 132 -49.43 -18.90 -10.98
N MET D 133 -49.13 -19.83 -11.90
CA MET D 133 -49.24 -21.27 -11.62
C MET D 133 -48.08 -21.78 -10.78
N GLY D 134 -47.04 -20.97 -10.62
CA GLY D 134 -45.79 -21.41 -10.02
C GLY D 134 -44.82 -21.85 -11.10
N GLY D 135 -43.53 -21.88 -10.78
CA GLY D 135 -42.51 -22.30 -11.75
C GLY D 135 -42.18 -21.25 -12.81
N GLY D 136 -42.72 -20.04 -12.64
CA GLY D 136 -42.58 -18.97 -13.62
C GLY D 136 -43.56 -19.04 -14.78
N CYS D 137 -44.66 -19.78 -14.58
CA CYS D 137 -45.67 -20.03 -15.62
C CYS D 137 -47.00 -19.39 -15.27
N PHE D 138 -47.63 -18.77 -16.27
CA PHE D 138 -48.94 -18.17 -16.11
C PHE D 138 -49.95 -19.03 -16.81
N LYS D 139 -51.07 -19.28 -16.16
CA LYS D 139 -52.21 -19.89 -16.84
C LYS D 139 -53.06 -18.73 -17.32
N ILE D 140 -53.23 -18.62 -18.63
CA ILE D 140 -54.05 -17.54 -19.20
C ILE D 140 -55.44 -18.12 -19.39
N TYR D 141 -56.46 -17.51 -18.80
CA TYR D 141 -57.80 -18.09 -18.80
C TYR D 141 -58.67 -17.69 -20.02
N HIS D 142 -58.05 -17.63 -21.19
CA HIS D 142 -58.81 -17.33 -22.41
C HIS D 142 -58.07 -17.78 -23.66
N LYS D 143 -58.84 -18.00 -24.73
CA LYS D 143 -58.28 -18.34 -26.04
C LYS D 143 -57.22 -17.32 -26.38
N CYS D 144 -56.04 -17.81 -26.78
CA CYS D 144 -54.89 -16.96 -27.00
C CYS D 144 -54.04 -17.51 -28.14
N ASP D 145 -54.46 -17.22 -29.38
CA ASP D 145 -53.68 -17.59 -30.55
C ASP D 145 -52.28 -16.93 -30.48
N ASN D 146 -51.37 -17.35 -31.35
CA ASN D 146 -49.99 -16.85 -31.29
C ASN D 146 -49.87 -15.33 -31.36
N ALA D 147 -50.69 -14.70 -32.20
CA ALA D 147 -50.70 -13.23 -32.36
C ALA D 147 -51.00 -12.52 -31.04
N CYS D 148 -51.78 -13.18 -30.19
CA CYS D 148 -52.07 -12.69 -28.87
C CYS D 148 -50.84 -12.82 -27.96
N ILE D 149 -50.14 -13.95 -28.04
CA ILE D 149 -48.89 -14.12 -27.30
C ILE D 149 -47.91 -13.05 -27.78
N GLY D 150 -47.82 -12.91 -29.10
CA GLY D 150 -47.06 -11.82 -29.72
C GLY D 150 -47.33 -10.46 -29.12
N SER D 151 -48.61 -10.15 -28.89
CA SER D 151 -48.98 -8.88 -28.26
C SER D 151 -48.47 -8.81 -26.81
N ILE D 152 -48.47 -9.94 -26.11
CA ILE D 152 -47.89 -9.94 -24.77
C ILE D 152 -46.39 -9.73 -24.82
N ARG D 153 -45.71 -10.52 -25.66
CA ARG D 153 -44.28 -10.35 -25.89
C ARG D 153 -43.95 -8.91 -26.19
N ASN D 154 -44.57 -8.31 -27.22
CA ASN D 154 -44.17 -6.96 -27.62
C ASN D 154 -44.85 -5.81 -26.87
N GLY D 155 -45.40 -6.11 -25.68
CA GLY D 155 -45.96 -5.09 -24.81
C GLY D 155 -47.24 -4.38 -25.24
N THR D 156 -48.04 -4.99 -26.12
CA THR D 156 -49.26 -4.32 -26.62
C THR D 156 -50.57 -5.03 -26.23
N TYR D 157 -50.48 -6.08 -25.42
CA TYR D 157 -51.65 -6.86 -25.02
C TYR D 157 -52.67 -6.00 -24.26
N ASP D 158 -53.95 -6.17 -24.61
CA ASP D 158 -55.02 -5.38 -24.04
C ASP D 158 -55.98 -6.27 -23.27
N HIS D 159 -55.88 -6.21 -21.94
CA HIS D 159 -56.67 -7.05 -21.05
C HIS D 159 -58.18 -6.78 -21.10
N TYR D 160 -58.59 -5.55 -21.43
CA TYR D 160 -60.01 -5.21 -21.52
C TYR D 160 -60.77 -5.98 -22.62
N ILE D 161 -60.02 -6.51 -23.58
CA ILE D 161 -60.60 -7.34 -24.63
C ILE D 161 -61.05 -8.68 -24.05
N TYR D 162 -60.20 -9.30 -23.22
CA TYR D 162 -60.46 -10.66 -22.77
C TYR D 162 -60.96 -10.73 -21.34
N ARG D 163 -61.05 -9.59 -20.66
CA ARG D 163 -61.38 -9.57 -19.23
C ARG D 163 -62.65 -10.35 -18.90
N ASP D 164 -63.70 -10.19 -19.71
CA ASP D 164 -64.95 -10.91 -19.45
C ASP D 164 -64.82 -12.42 -19.63
N GLU D 165 -64.20 -12.84 -20.73
CA GLU D 165 -63.93 -14.26 -20.98
C GLU D 165 -63.04 -14.85 -19.89
N ALA D 166 -62.10 -14.06 -19.37
CA ALA D 166 -61.11 -14.55 -18.42
C ALA D 166 -61.67 -14.72 -17.03
N LEU D 167 -62.20 -13.64 -16.47
CA LEU D 167 -62.91 -13.67 -15.17
C LEU D 167 -63.96 -14.77 -15.09
N ASN D 168 -64.42 -15.25 -16.24
CA ASN D 168 -65.47 -16.23 -16.30
C ASN D 168 -64.95 -17.67 -16.30
N ASN D 169 -63.80 -17.90 -16.94
CA ASN D 169 -63.14 -19.19 -16.85
C ASN D 169 -62.44 -19.34 -15.49
N ARG D 170 -62.02 -18.22 -14.91
CA ARG D 170 -61.34 -18.19 -13.61
C ARG D 170 -62.27 -18.49 -12.46
N PHE D 171 -63.27 -17.62 -12.29
CA PHE D 171 -64.38 -17.83 -11.38
C PHE D 171 -65.59 -18.00 -12.31
N GLN D 172 -66.75 -18.49 -11.87
CA GLN D 172 -67.10 -18.69 -10.47
C GLN D 172 -67.77 -20.06 -10.33
N ASN E 1 -65.71 -11.61 15.71
CA ASN E 1 -66.09 -12.98 16.17
C ASN E 1 -64.98 -13.52 17.08
N PRO E 2 -65.27 -13.64 18.40
CA PRO E 2 -64.20 -14.02 19.32
C PRO E 2 -63.70 -15.46 19.10
N ILE E 3 -64.62 -16.42 19.07
CA ILE E 3 -64.28 -17.81 18.78
C ILE E 3 -64.01 -17.91 17.28
N SER E 4 -62.76 -18.23 16.93
CA SER E 4 -62.38 -18.37 15.52
C SER E 4 -63.23 -19.38 14.76
N ASN E 5 -63.26 -19.20 13.44
CA ASN E 5 -64.07 -20.03 12.57
C ASN E 5 -63.39 -21.36 12.28
N ASN E 6 -64.19 -22.41 12.16
CA ASN E 6 -63.66 -23.73 11.84
C ASN E 6 -63.27 -23.87 10.38
N ASN E 7 -63.80 -22.99 9.53
CA ASN E 7 -63.59 -23.06 8.08
C ASN E 7 -62.68 -21.95 7.53
N THR E 8 -61.77 -21.48 8.37
CA THR E 8 -60.69 -20.63 7.92
C THR E 8 -59.42 -21.04 8.66
N ALA E 9 -58.32 -20.39 8.32
CA ALA E 9 -57.08 -20.55 9.05
C ALA E 9 -56.24 -19.34 8.81
N THR E 10 -55.29 -19.14 9.71
CA THR E 10 -54.37 -18.03 9.61
C THR E 10 -52.95 -18.59 9.59
N LEU E 11 -52.21 -18.27 8.55
CA LEU E 11 -50.82 -18.67 8.43
C LEU E 11 -49.98 -17.40 8.39
N CYS E 12 -49.15 -17.20 9.41
CA CYS E 12 -48.27 -16.06 9.48
C CYS E 12 -46.85 -16.51 9.30
N LEU E 13 -46.10 -15.71 8.55
CA LEU E 13 -44.69 -15.98 8.30
CA LEU E 13 -44.70 -15.97 8.31
C LEU E 13 -43.85 -14.97 9.07
N GLY E 14 -42.68 -15.41 9.54
CA GLY E 14 -41.81 -14.55 10.32
C GLY E 14 -40.36 -15.01 10.42
N HIS E 15 -39.64 -14.36 11.30
CA HIS E 15 -38.27 -14.69 11.55
C HIS E 15 -38.08 -14.67 13.03
N HIS E 16 -36.91 -15.12 13.47
CA HIS E 16 -36.65 -15.19 14.89
C HIS E 16 -36.08 -13.88 15.40
N ALA E 17 -35.93 -13.78 16.71
CA ALA E 17 -35.26 -12.66 17.30
C ALA E 17 -34.74 -13.07 18.64
N VAL E 18 -33.81 -12.28 19.17
CA VAL E 18 -33.22 -12.54 20.48
C VAL E 18 -33.44 -11.34 21.41
N ALA E 19 -33.59 -11.65 22.69
CA ALA E 19 -33.73 -10.61 23.72
C ALA E 19 -32.49 -9.73 23.69
N ASN E 20 -31.34 -10.35 23.46
CA ASN E 20 -30.07 -9.68 23.59
C ASN E 20 -29.29 -9.61 22.27
N GLY E 21 -29.56 -8.60 21.46
CA GLY E 21 -28.85 -8.41 20.21
C GLY E 21 -27.52 -7.71 20.44
N THR E 22 -26.83 -7.42 19.35
CA THR E 22 -25.60 -6.63 19.42
C THR E 22 -25.50 -5.69 18.22
N LEU E 23 -24.80 -4.58 18.41
CA LEU E 23 -24.74 -3.52 17.41
C LEU E 23 -23.59 -3.75 16.42
N VAL E 24 -23.85 -3.46 15.15
CA VAL E 24 -22.84 -3.48 14.11
C VAL E 24 -22.98 -2.27 13.19
N LYS E 25 -21.93 -1.99 12.44
CA LYS E 25 -21.87 -0.87 11.53
C LYS E 25 -22.09 -1.34 10.11
N THR E 26 -22.83 -0.57 9.32
CA THR E 26 -23.09 -0.89 7.93
C THR E 26 -22.82 0.32 7.03
N ILE E 27 -23.20 0.22 5.77
CA ILE E 27 -23.08 1.30 4.80
C ILE E 27 -24.16 2.35 5.08
N THR E 28 -25.37 1.89 5.43
CA THR E 28 -26.55 2.77 5.60
C THR E 28 -26.75 3.24 7.03
N ASP E 29 -26.09 2.59 7.99
CA ASP E 29 -26.27 2.93 9.40
C ASP E 29 -24.93 2.90 10.14
N ASP E 30 -24.73 3.84 11.06
CA ASP E 30 -23.56 3.79 11.94
C ASP E 30 -23.73 2.64 12.93
N GLN E 31 -24.95 2.42 13.40
CA GLN E 31 -25.26 1.30 14.32
C GLN E 31 -26.60 0.66 13.96
N ILE E 32 -26.66 -0.67 13.99
CA ILE E 32 -27.91 -1.38 13.78
C ILE E 32 -27.85 -2.77 14.43
N GLU E 33 -28.91 -3.13 15.15
CA GLU E 33 -28.88 -4.34 15.97
C GLU E 33 -29.02 -5.57 15.08
N VAL E 34 -28.23 -6.60 15.36
CA VAL E 34 -28.39 -7.89 14.71
C VAL E 34 -28.46 -9.01 15.77
N THR E 35 -28.99 -10.16 15.39
CA THR E 35 -29.18 -11.24 16.35
C THR E 35 -27.85 -11.66 16.94
N ASN E 36 -26.78 -11.58 16.15
CA ASN E 36 -25.43 -11.86 16.65
C ASN E 36 -24.29 -11.28 15.78
N ALA E 37 -23.08 -11.27 16.34
CA ALA E 37 -21.91 -10.83 15.58
C ALA E 37 -20.61 -11.37 16.15
N THR E 38 -19.59 -11.39 15.30
CA THR E 38 -18.26 -11.90 15.67
C THR E 38 -17.27 -10.73 15.62
N GLU E 39 -16.51 -10.57 16.69
CA GLU E 39 -15.46 -9.55 16.75
C GLU E 39 -14.26 -9.94 15.85
N LEU E 40 -13.88 -9.05 14.94
CA LEU E 40 -12.81 -9.38 14.00
C LEU E 40 -11.44 -8.80 14.35
N VAL E 41 -11.35 -8.07 15.47
CA VAL E 41 -10.08 -7.44 15.87
C VAL E 41 -9.63 -7.98 17.20
N GLN E 42 -8.44 -8.57 17.20
CA GLN E 42 -7.82 -9.07 18.42
C GLN E 42 -7.09 -7.93 19.10
N SER E 43 -7.47 -7.59 20.33
CA SER E 43 -6.77 -6.53 21.07
C SER E 43 -6.35 -6.96 22.48
N ILE E 44 -6.10 -8.26 22.65
CA ILE E 44 -5.72 -8.86 23.93
C ILE E 44 -4.60 -9.87 23.69
N SER E 45 -3.39 -9.54 24.12
CA SER E 45 -2.31 -10.51 24.07
C SER E 45 -2.52 -11.51 25.19
N MET E 46 -1.68 -12.52 25.23
CA MET E 46 -1.68 -13.49 26.33
C MET E 46 -0.83 -13.01 27.52
N GLY E 47 -0.04 -11.95 27.33
CA GLY E 47 0.75 -11.38 28.40
C GLY E 47 2.10 -12.05 28.57
N LYS E 48 2.37 -13.04 27.73
CA LYS E 48 3.62 -13.78 27.73
C LYS E 48 3.86 -14.25 26.30
N ILE E 49 5.08 -14.65 25.99
CA ILE E 49 5.42 -15.22 24.69
C ILE E 49 5.38 -16.75 24.78
N CYS E 50 4.74 -17.37 23.78
CA CYS E 50 4.61 -18.83 23.74
C CYS E 50 5.76 -19.50 22.99
N ASN E 51 6.31 -20.55 23.59
CA ASN E 51 7.54 -21.14 23.11
C ASN E 51 7.39 -22.54 22.53
N ASN E 52 6.18 -22.94 22.17
CA ASN E 52 5.94 -24.30 21.68
C ASN E 52 5.78 -24.44 20.17
N SER E 53 5.20 -23.45 19.51
CA SER E 53 5.06 -23.54 18.06
C SER E 53 6.40 -23.18 17.42
N TYR E 54 6.86 -21.96 17.65
CA TYR E 54 8.13 -21.50 17.11
C TYR E 54 9.20 -21.62 18.18
N ARG E 55 10.43 -21.80 17.73
CA ARG E 55 11.60 -21.89 18.60
C ARG E 55 12.05 -20.49 19.04
N ILE E 56 11.83 -20.18 20.32
CA ILE E 56 12.13 -18.87 20.89
C ILE E 56 13.40 -18.98 21.72
N LEU E 57 14.21 -17.93 21.71
CA LEU E 57 15.46 -17.94 22.42
C LEU E 57 15.56 -16.71 23.32
N ASP E 58 15.57 -16.91 24.63
CA ASP E 58 15.69 -15.78 25.55
C ASP E 58 17.12 -15.32 25.60
N GLY E 59 17.33 -14.11 25.10
CA GLY E 59 18.65 -13.47 25.10
C GLY E 59 19.06 -12.96 26.46
N ARG E 60 18.12 -12.95 27.41
CA ARG E 60 18.44 -12.63 28.80
C ARG E 60 19.14 -11.28 28.88
N ASN E 61 20.37 -11.24 29.40
CA ASN E 61 21.13 -9.99 29.51
C ASN E 61 22.03 -9.73 28.29
N CYS E 62 21.71 -10.32 27.13
CA CYS E 62 22.57 -10.28 25.95
C CYS E 62 21.86 -9.81 24.69
N THR E 63 22.56 -9.02 23.88
CA THR E 63 22.07 -8.71 22.55
C THR E 63 22.43 -9.86 21.61
N LEU E 64 21.88 -9.84 20.40
CA LEU E 64 22.22 -10.85 19.40
C LEU E 64 23.67 -10.66 18.95
N ILE E 65 24.06 -9.41 18.80
CA ILE E 65 25.41 -8.99 18.40
C ILE E 65 26.48 -9.46 19.40
N ASP E 66 26.30 -9.13 20.69
CA ASP E 66 27.25 -9.58 21.72
C ASP E 66 27.40 -11.08 21.66
N ALA E 67 26.28 -11.80 21.61
CA ALA E 67 26.24 -13.25 21.55
C ALA E 67 27.03 -13.81 20.36
N MET E 68 26.98 -13.07 19.26
CA MET E 68 27.73 -13.43 18.06
C MET E 68 29.23 -13.12 18.23
N LEU E 69 29.56 -11.98 18.81
CA LEU E 69 30.95 -11.57 18.98
C LEU E 69 31.67 -12.46 19.95
N GLY E 70 30.92 -12.99 20.93
CA GLY E 70 31.49 -13.85 21.98
C GLY E 70 31.81 -13.13 23.28
N ASP E 71 31.00 -12.13 23.61
CA ASP E 71 31.07 -11.39 24.87
C ASP E 71 30.96 -12.39 26.01
N PRO E 72 31.93 -12.39 26.95
CA PRO E 72 32.02 -13.51 27.90
C PRO E 72 30.69 -13.92 28.51
N HIS E 73 29.98 -13.00 29.16
CA HIS E 73 28.70 -13.33 29.81
C HIS E 73 27.63 -13.95 28.86
N CYS E 74 27.79 -13.79 27.55
CA CYS E 74 26.95 -14.44 26.55
C CYS E 74 27.53 -15.74 26.01
N ASP E 75 28.38 -16.40 26.76
CA ASP E 75 29.01 -17.61 26.21
C ASP E 75 28.04 -18.80 26.09
N VAL E 76 26.99 -18.83 26.92
CA VAL E 76 25.92 -19.83 26.80
C VAL E 76 25.26 -19.87 25.40
N PHE E 77 25.31 -18.77 24.67
CA PHE E 77 24.71 -18.69 23.34
C PHE E 77 25.54 -19.26 22.18
N GLN E 78 26.72 -19.79 22.46
CA GLN E 78 27.55 -20.38 21.40
C GLN E 78 26.80 -21.51 20.69
N TYR E 79 26.97 -21.60 19.38
CA TYR E 79 26.32 -22.64 18.55
C TYR E 79 24.78 -22.70 18.67
N GLU E 80 24.14 -21.61 19.12
CA GLU E 80 22.68 -21.59 19.23
C GLU E 80 22.00 -21.32 17.89
N ASN E 81 20.69 -21.53 17.86
CA ASN E 81 19.86 -21.12 16.74
C ASN E 81 18.43 -20.92 17.20
N TRP E 82 17.65 -20.26 16.35
CA TRP E 82 16.33 -19.79 16.75
C TRP E 82 15.44 -19.56 15.54
N ASP E 83 14.14 -19.59 15.78
CA ASP E 83 13.19 -18.98 14.86
C ASP E 83 13.14 -17.50 15.19
N LEU E 84 12.93 -17.22 16.47
CA LEU E 84 12.78 -15.84 16.97
C LEU E 84 13.64 -15.60 18.21
N PHE E 85 14.57 -14.66 18.11
CA PHE E 85 15.45 -14.31 19.21
C PHE E 85 14.86 -13.08 19.87
N ILE E 86 14.70 -13.14 21.19
CA ILE E 86 14.13 -12.03 21.95
C ILE E 86 15.22 -11.20 22.65
N GLU E 87 15.24 -9.88 22.42
CA GLU E 87 16.19 -9.02 23.13
C GLU E 87 15.52 -8.27 24.25
N ARG E 88 16.11 -8.32 25.44
CA ARG E 88 15.59 -7.58 26.57
C ARG E 88 16.23 -6.19 26.57
N SER E 89 15.54 -5.25 27.18
CA SER E 89 15.98 -3.87 27.21
C SER E 89 17.03 -3.67 28.31
N SER E 90 17.08 -4.61 29.25
CA SER E 90 18.09 -4.59 30.31
C SER E 90 19.40 -5.30 29.93
N ALA E 91 19.54 -5.66 28.66
CA ALA E 91 20.73 -6.34 28.18
C ALA E 91 21.89 -5.36 28.07
N PHE E 92 23.07 -5.79 28.49
CA PHE E 92 24.27 -4.95 28.50
C PHE E 92 25.45 -5.68 27.86
N SER E 93 26.43 -4.91 27.43
CA SER E 93 27.70 -5.45 26.96
C SER E 93 28.63 -5.47 28.16
N ASN E 94 29.56 -6.42 28.18
CA ASN E 94 30.53 -6.48 29.27
C ASN E 94 31.86 -7.01 28.78
N CYS E 95 32.46 -6.22 27.90
CA CYS E 95 33.69 -6.57 27.23
C CYS E 95 34.21 -5.30 26.61
N TYR E 96 35.34 -5.39 25.91
CA TYR E 96 35.99 -4.21 25.35
C TYR E 96 34.99 -3.34 24.59
N PRO E 97 35.00 -2.02 24.83
CA PRO E 97 34.03 -1.14 24.15
C PRO E 97 34.22 -1.12 22.64
N TYR E 98 33.12 -1.10 21.90
CA TYR E 98 33.17 -1.20 20.46
C TYR E 98 32.02 -0.48 19.84
N ASP E 99 32.14 -0.20 18.55
CA ASP E 99 31.00 0.25 17.78
C ASP E 99 31.03 -0.37 16.39
N ILE E 100 29.84 -0.50 15.80
CA ILE E 100 29.67 -1.25 14.56
C ILE E 100 28.97 -0.40 13.53
N PRO E 101 29.72 0.14 12.57
CA PRO E 101 29.05 0.81 11.47
C PRO E 101 27.94 -0.06 10.87
N ASP E 102 26.76 0.51 10.73
CA ASP E 102 25.61 -0.20 10.19
C ASP E 102 25.31 -1.46 11.01
N TYR E 103 25.38 -1.25 12.32
CA TYR E 103 25.00 -2.23 13.31
C TYR E 103 23.68 -2.90 12.92
N ALA E 104 22.70 -2.04 12.59
CA ALA E 104 21.37 -2.48 12.24
C ALA E 104 21.40 -3.58 11.18
N SER E 105 22.14 -3.37 10.10
CA SER E 105 22.16 -4.33 9.00
C SER E 105 22.78 -5.67 9.39
N LEU E 106 23.86 -5.63 10.15
CA LEU E 106 24.50 -6.85 10.62
C LEU E 106 23.56 -7.63 11.54
N ARG E 107 22.93 -6.91 12.47
CA ARG E 107 21.94 -7.50 13.38
C ARG E 107 20.83 -8.20 12.60
N SER E 108 20.37 -7.55 11.53
CA SER E 108 19.27 -8.05 10.74
C SER E 108 19.66 -9.27 9.90
N ILE E 109 20.90 -9.29 9.41
CA ILE E 109 21.42 -10.39 8.60
C ILE E 109 21.56 -11.64 9.48
N VAL E 110 22.21 -11.49 10.63
CA VAL E 110 22.41 -12.58 11.57
C VAL E 110 21.07 -13.13 12.08
N ALA E 111 20.18 -12.23 12.51
CA ALA E 111 18.84 -12.61 12.94
C ALA E 111 18.18 -13.43 11.86
N SER E 112 18.19 -12.90 10.64
CA SER E 112 17.59 -13.53 9.47
C SER E 112 18.14 -14.92 9.16
N SER E 113 19.44 -15.09 9.38
CA SER E 113 20.13 -16.35 9.17
C SER E 113 19.61 -17.38 10.17
N GLY E 114 19.50 -16.97 11.43
CA GLY E 114 18.83 -17.77 12.46
C GLY E 114 19.75 -18.72 13.22
N THR E 115 21.05 -18.41 13.27
CA THR E 115 22.02 -19.29 13.89
C THR E 115 23.38 -18.60 14.13
N LEU E 116 23.99 -18.91 15.27
CA LEU E 116 25.37 -18.56 15.56
C LEU E 116 26.32 -19.78 15.45
N GLU E 117 25.98 -20.69 14.55
CA GLU E 117 26.89 -21.76 14.14
C GLU E 117 28.18 -21.16 13.59
N PHE E 118 29.24 -21.28 14.37
CA PHE E 118 30.55 -20.78 14.02
C PHE E 118 31.45 -21.96 13.72
N THR E 119 32.19 -21.87 12.62
CA THR E 119 33.17 -22.88 12.27
C THR E 119 34.51 -22.18 12.18
N ALA E 120 35.52 -22.70 12.89
CA ALA E 120 36.82 -22.05 12.93
C ALA E 120 37.67 -22.49 11.74
N GLU E 121 38.71 -21.73 11.44
CA GLU E 121 39.60 -22.03 10.31
C GLU E 121 41.06 -21.75 10.66
N GLY E 122 41.96 -22.37 9.91
CA GLY E 122 43.38 -22.34 10.18
C GLY E 122 44.01 -21.10 9.60
N PHE E 123 43.81 -19.98 10.27
CA PHE E 123 44.46 -18.74 9.87
C PHE E 123 45.87 -18.77 10.43
N THR E 124 46.85 -19.11 9.60
CA THR E 124 48.23 -19.03 10.06
C THR E 124 48.60 -17.56 10.18
N TRP E 125 48.77 -17.13 11.42
CA TRP E 125 49.26 -15.80 11.72
C TRP E 125 50.77 -15.83 11.91
N THR E 126 51.48 -15.40 10.88
CA THR E 126 52.92 -15.45 10.90
C THR E 126 53.47 -14.19 11.55
N GLY E 127 54.23 -14.38 12.62
CA GLY E 127 55.08 -13.32 13.16
C GLY E 127 54.44 -12.42 14.19
N VAL E 128 53.35 -12.86 14.81
CA VAL E 128 52.63 -12.07 15.80
C VAL E 128 52.14 -12.91 16.99
N THR E 129 51.96 -12.26 18.13
CA THR E 129 51.26 -12.85 19.26
C THR E 129 49.76 -12.82 19.02
N GLN E 130 49.08 -13.91 19.38
CA GLN E 130 47.63 -14.01 19.25
C GLN E 130 46.96 -14.00 20.63
N ASN E 131 45.64 -13.99 20.59
CA ASN E 131 44.81 -14.15 21.79
C ASN E 131 45.06 -13.06 22.81
N GLY E 132 45.16 -11.83 22.32
CA GLY E 132 45.21 -10.67 23.19
C GLY E 132 44.01 -10.63 24.09
N ARG E 133 44.16 -9.95 25.22
CA ARG E 133 43.15 -9.91 26.25
C ARG E 133 43.12 -8.54 26.92
N SER E 134 42.06 -8.27 27.68
CA SER E 134 41.89 -6.97 28.31
C SER E 134 41.15 -7.08 29.65
N GLY E 135 41.52 -6.19 30.57
CA GLY E 135 40.87 -6.12 31.87
C GLY E 135 39.42 -5.66 31.75
N ALA E 136 39.08 -5.09 30.60
CA ALA E 136 37.72 -4.67 30.32
C ALA E 136 36.78 -5.84 29.99
N CYS E 137 37.34 -7.04 29.84
CA CYS E 137 36.56 -8.15 29.30
C CYS E 137 36.86 -9.46 30.03
N LYS E 138 36.46 -9.51 31.30
CA LYS E 138 36.70 -10.65 32.19
C LYS E 138 35.94 -11.87 31.71
N ARG E 139 36.62 -13.00 31.62
CA ARG E 139 35.97 -14.30 31.43
C ARG E 139 36.45 -15.14 32.60
N GLY E 140 35.55 -15.41 33.52
CA GLY E 140 35.91 -16.01 34.79
C GLY E 140 36.74 -15.01 35.56
N SER E 141 37.82 -15.48 36.16
CA SER E 141 38.66 -14.62 36.97
C SER E 141 39.71 -13.86 36.15
N ALA E 142 39.68 -13.99 34.83
CA ALA E 142 40.82 -13.55 34.01
C ALA E 142 40.45 -12.56 32.90
N ASP E 143 41.42 -11.72 32.53
CA ASP E 143 41.29 -10.83 31.39
C ASP E 143 41.09 -11.68 30.13
N SER E 144 40.26 -11.22 29.22
CA SER E 144 40.04 -11.98 28.00
C SER E 144 39.48 -11.07 26.93
N PHE E 145 38.71 -11.64 26.02
CA PHE E 145 38.30 -10.94 24.82
C PHE E 145 37.19 -11.72 24.17
N PHE E 146 36.53 -11.12 23.18
CA PHE E 146 35.48 -11.79 22.41
C PHE E 146 35.97 -13.13 21.94
N SER E 147 35.15 -14.16 22.13
CA SER E 147 35.58 -15.54 21.83
C SER E 147 35.82 -15.77 20.34
N ARG E 148 35.16 -14.97 19.49
CA ARG E 148 35.25 -15.12 18.03
C ARG E 148 36.29 -14.19 17.41
N LEU E 149 37.01 -13.43 18.23
CA LEU E 149 38.00 -12.51 17.72
C LEU E 149 39.40 -12.78 18.29
N ASN E 150 40.37 -12.78 17.39
CA ASN E 150 41.76 -12.91 17.76
C ASN E 150 42.40 -11.53 17.71
N TRP E 151 42.66 -10.96 18.88
CA TRP E 151 43.38 -9.69 18.97
C TRP E 151 44.87 -9.94 18.81
N LEU E 152 45.42 -9.52 17.68
CA LEU E 152 46.82 -9.77 17.36
C LEU E 152 47.69 -8.61 17.81
N THR E 153 48.88 -8.93 18.28
CA THR E 153 49.85 -7.93 18.69
C THR E 153 51.23 -8.37 18.24
N LYS E 154 52.21 -7.49 18.46
CA LYS E 154 53.59 -7.72 18.00
C LYS E 154 54.26 -8.97 18.58
N SER E 155 55.35 -9.38 17.92
CA SER E 155 56.23 -10.46 18.36
C SER E 155 57.62 -9.85 18.49
N GLY E 156 58.08 -9.66 19.73
CA GLY E 156 59.32 -8.94 20.02
C GLY E 156 59.27 -7.46 19.66
N ASN E 157 59.87 -7.10 18.52
CA ASN E 157 59.88 -5.71 18.04
C ASN E 157 59.56 -5.66 16.55
N SER E 158 58.57 -6.44 16.13
CA SER E 158 58.10 -6.39 14.75
C SER E 158 56.68 -6.92 14.58
N TYR E 159 55.86 -6.17 13.86
CA TYR E 159 54.57 -6.62 13.38
C TYR E 159 54.63 -6.45 11.86
N PRO E 160 54.75 -7.55 11.12
CA PRO E 160 54.96 -7.49 9.68
C PRO E 160 53.67 -7.35 8.94
N THR E 161 53.75 -7.13 7.63
CA THR E 161 52.56 -7.00 6.82
C THR E 161 51.90 -8.36 6.68
N LEU E 162 50.96 -8.65 7.57
CA LEU E 162 50.22 -9.90 7.49
C LEU E 162 49.49 -9.96 6.16
N ASN E 163 49.49 -11.15 5.57
CA ASN E 163 48.86 -11.40 4.29
C ASN E 163 48.41 -12.86 4.32
N VAL E 164 47.22 -13.10 4.84
CA VAL E 164 46.67 -14.45 4.91
C VAL E 164 45.50 -14.55 3.98
N THR E 165 45.17 -15.77 3.59
CA THR E 165 44.15 -16.02 2.58
C THR E 165 43.30 -17.19 3.05
N MET E 166 42.10 -17.33 2.48
CA MET E 166 41.13 -18.33 2.96
C MET E 166 39.97 -18.53 1.97
N PRO E 167 40.05 -19.55 1.11
CA PRO E 167 39.01 -19.73 0.08
C PRO E 167 37.69 -20.27 0.61
N ASN E 168 36.60 -20.01 -0.11
CA ASN E 168 35.33 -20.62 0.20
C ASN E 168 35.01 -21.74 -0.79
N ASN E 169 35.35 -22.97 -0.39
CA ASN E 169 35.06 -24.16 -1.17
C ASN E 169 33.70 -24.77 -0.84
N LYS E 170 32.99 -24.19 0.13
CA LYS E 170 31.66 -24.67 0.48
C LYS E 170 30.65 -24.18 -0.55
N ASN E 171 29.39 -24.56 -0.41
CA ASN E 171 28.34 -24.16 -1.35
C ASN E 171 27.39 -23.10 -0.80
N PHE E 172 27.77 -22.48 0.32
CA PHE E 172 26.98 -21.43 0.94
C PHE E 172 27.84 -20.19 1.09
N ASP E 173 27.19 -19.11 1.52
CA ASP E 173 27.86 -17.83 1.77
C ASP E 173 28.46 -17.83 3.19
N LYS E 174 29.76 -17.59 3.28
CA LYS E 174 30.42 -17.47 4.59
C LYS E 174 30.37 -16.01 5.03
N LEU E 175 30.12 -15.81 6.32
CA LEU E 175 30.12 -14.48 6.93
C LEU E 175 31.28 -14.42 7.88
N TYR E 176 32.22 -13.53 7.60
CA TYR E 176 33.38 -13.36 8.45
C TYR E 176 33.19 -12.05 9.20
N ILE E 177 33.37 -12.08 10.52
CA ILE E 177 33.34 -10.88 11.35
C ILE E 177 34.76 -10.51 11.66
N TRP E 178 35.09 -9.23 11.61
CA TRP E 178 36.45 -8.81 11.93
C TRP E 178 36.45 -7.40 12.50
N GLY E 179 37.64 -6.89 12.81
CA GLY E 179 37.74 -5.55 13.34
C GLY E 179 39.11 -4.92 13.26
N ILE E 180 39.17 -3.69 13.73
CA ILE E 180 40.40 -2.94 13.81
C ILE E 180 40.38 -2.24 15.16
N HIS E 181 41.55 -2.11 15.79
CA HIS E 181 41.62 -1.48 17.11
C HIS E 181 42.10 -0.03 17.00
N HIS E 182 41.38 0.88 17.65
CA HIS E 182 41.77 2.28 17.73
C HIS E 182 42.35 2.53 19.10
N PRO E 183 43.67 2.78 19.17
CA PRO E 183 44.28 3.04 20.48
C PRO E 183 44.04 4.44 21.00
N SER E 184 44.40 4.66 22.25
CA SER E 184 44.09 5.92 22.91
C SER E 184 45.19 6.92 22.63
N SER E 185 46.43 6.46 22.56
CA SER E 185 47.58 7.33 22.24
C SER E 185 48.58 6.60 21.36
N ASN E 186 49.50 7.36 20.77
CA ASN E 186 50.57 6.79 19.92
C ASN E 186 51.46 5.88 20.75
N GLN E 187 51.66 6.26 22.01
CA GLN E 187 52.42 5.42 22.93
C GLN E 187 51.93 3.97 22.80
N GLU E 188 50.63 3.78 22.99
CA GLU E 188 49.99 2.46 22.91
C GLU E 188 50.14 1.82 21.55
N GLN E 189 49.84 2.60 20.50
CA GLN E 189 49.94 2.11 19.15
C GLN E 189 51.29 1.41 18.92
N THR E 190 52.38 2.04 19.34
CA THR E 190 53.69 1.46 19.13
C THR E 190 53.96 0.35 20.14
N LYS E 191 53.52 0.49 21.39
CA LYS E 191 53.67 -0.61 22.35
C LYS E 191 53.14 -1.91 21.74
N LEU E 192 52.02 -1.82 21.04
CA LEU E 192 51.27 -2.99 20.56
C LEU E 192 51.63 -3.46 19.15
N TYR E 193 51.86 -2.51 18.23
CA TYR E 193 52.01 -2.84 16.80
C TYR E 193 53.28 -2.32 16.10
N ILE E 194 54.19 -1.66 16.83
CA ILE E 194 55.43 -1.12 16.26
C ILE E 194 55.19 0.05 15.29
N GLN E 195 54.41 -0.19 14.23
CA GLN E 195 54.10 0.84 13.24
C GLN E 195 53.37 2.04 13.86
N GLU E 196 53.78 3.25 13.50
CA GLU E 196 53.21 4.48 14.08
C GLU E 196 51.75 4.62 13.74
N SER E 197 51.33 4.08 12.60
CA SER E 197 49.92 3.90 12.30
C SER E 197 49.72 2.64 11.48
N GLY E 198 48.65 1.93 11.79
CA GLY E 198 48.34 0.67 11.12
C GLY E 198 47.37 0.86 9.99
N ARG E 199 46.76 -0.23 9.57
CA ARG E 199 45.90 -0.29 8.39
C ARG E 199 45.48 -1.73 8.26
N VAL E 200 44.25 -1.94 7.83
CA VAL E 200 43.70 -3.27 7.62
C VAL E 200 42.94 -3.24 6.30
N THR E 201 43.23 -4.20 5.44
CA THR E 201 42.50 -4.34 4.18
C THR E 201 42.01 -5.76 3.98
N VAL E 202 40.69 -5.91 4.07
CA VAL E 202 40.01 -7.17 3.80
C VAL E 202 39.35 -7.09 2.44
N SER E 203 39.54 -8.11 1.63
CA SER E 203 39.19 -8.09 0.21
C SER E 203 38.69 -9.43 -0.27
N THR E 204 37.90 -9.40 -1.34
CA THR E 204 37.60 -10.58 -2.11
C THR E 204 37.92 -10.19 -3.53
N LYS E 205 37.63 -11.07 -4.48
CA LYS E 205 37.79 -10.75 -5.90
C LYS E 205 36.92 -9.55 -6.30
N ARG E 206 35.72 -9.48 -5.75
CA ARG E 206 34.73 -8.50 -6.18
C ARG E 206 34.61 -7.29 -5.25
N SER E 207 35.04 -7.43 -4.00
CA SER E 207 34.88 -6.36 -3.02
C SER E 207 36.16 -6.10 -2.25
N GLN E 208 36.17 -5.00 -1.51
CA GLN E 208 37.25 -4.70 -0.62
C GLN E 208 36.80 -3.67 0.41
N GLN E 209 37.48 -3.65 1.56
CA GLN E 209 37.29 -2.62 2.56
C GLN E 209 38.60 -2.37 3.24
N THR E 210 39.11 -1.15 3.14
CA THR E 210 40.29 -0.76 3.89
C THR E 210 39.87 0.16 5.02
N ILE E 211 40.35 -0.13 6.23
CA ILE E 211 40.10 0.74 7.36
C ILE E 211 41.44 1.20 7.91
N ILE E 212 41.53 2.48 8.24
CA ILE E 212 42.70 3.01 8.94
C ILE E 212 42.32 3.35 10.38
N PRO E 213 43.22 3.12 11.35
CA PRO E 213 42.93 3.51 12.74
C PRO E 213 42.92 5.02 12.97
N ASN E 214 42.51 5.44 14.17
CA ASN E 214 42.32 6.84 14.55
C ASN E 214 42.63 6.95 16.03
N ILE E 215 43.87 7.28 16.32
CA ILE E 215 44.39 7.27 17.66
C ILE E 215 43.86 8.49 18.41
N GLY E 216 43.41 8.28 19.64
CA GLY E 216 42.82 9.34 20.42
C GLY E 216 41.89 8.81 21.48
N SER E 217 41.61 9.65 22.46
CA SER E 217 40.76 9.31 23.57
C SER E 217 39.30 9.29 23.15
N ARG E 218 38.59 8.29 23.64
CA ARG E 218 37.15 8.32 23.67
C ARG E 218 36.75 8.23 25.14
N PRO E 219 35.45 8.37 25.42
CA PRO E 219 34.96 8.23 26.78
C PRO E 219 35.31 6.90 27.41
N TRP E 220 35.64 6.95 28.70
CA TRP E 220 36.05 5.80 29.48
C TRP E 220 34.87 4.81 29.64
N VAL E 221 35.03 3.63 29.04
CA VAL E 221 34.08 2.52 29.20
C VAL E 221 34.83 1.28 29.71
N ARG E 222 34.46 0.80 30.89
CA ARG E 222 35.03 -0.39 31.49
C ARG E 222 36.54 -0.44 31.39
N GLY E 223 37.19 0.69 31.69
CA GLY E 223 38.65 0.74 31.78
C GLY E 223 39.35 1.18 30.51
N GLN E 224 38.60 1.70 29.53
CA GLN E 224 39.14 1.94 28.19
C GLN E 224 38.76 3.27 27.57
N SER E 225 39.76 3.99 27.05
CA SER E 225 39.56 5.17 26.24
CA SER E 225 39.51 5.17 26.24
C SER E 225 39.81 4.85 24.76
N GLY E 226 40.03 3.56 24.48
CA GLY E 226 40.19 3.07 23.12
C GLY E 226 38.93 2.38 22.67
N ARG E 227 38.87 2.01 21.40
CA ARG E 227 37.69 1.34 20.85
C ARG E 227 38.09 0.29 19.81
N ILE E 228 37.21 -0.68 19.62
CA ILE E 228 37.28 -1.56 18.48
C ILE E 228 36.11 -1.23 17.60
N SER E 229 36.29 -1.32 16.29
CA SER E 229 35.19 -1.15 15.34
C SER E 229 35.02 -2.48 14.64
N ILE E 230 33.79 -2.93 14.50
CA ILE E 230 33.52 -4.23 13.90
C ILE E 230 33.01 -4.07 12.48
N TYR E 231 33.63 -4.78 11.55
CA TYR E 231 33.19 -4.82 10.17
C TYR E 231 32.90 -6.25 9.81
N TRP E 232 32.15 -6.46 8.73
CA TRP E 232 31.96 -7.81 8.23
C TRP E 232 32.17 -7.88 6.73
N THR E 233 32.47 -9.09 6.27
CA THR E 233 32.61 -9.39 4.85
C THR E 233 31.90 -10.70 4.58
N ILE E 234 31.09 -10.74 3.52
CA ILE E 234 30.45 -11.97 3.09
C ILE E 234 31.15 -12.51 1.84
N VAL E 235 31.50 -13.80 1.87
CA VAL E 235 32.25 -14.42 0.78
C VAL E 235 31.38 -15.46 0.10
N LYS E 236 31.29 -15.39 -1.21
CA LYS E 236 30.40 -16.27 -1.95
C LYS E 236 31.11 -17.57 -2.33
N PRO E 237 30.32 -18.64 -2.56
CA PRO E 237 30.90 -19.90 -3.01
C PRO E 237 31.73 -19.67 -4.26
N GLY E 238 32.99 -20.11 -4.24
CA GLY E 238 33.90 -19.89 -5.36
C GLY E 238 34.87 -18.76 -5.12
N ASP E 239 34.49 -17.82 -4.24
CA ASP E 239 35.32 -16.66 -4.00
C ASP E 239 36.35 -16.95 -2.91
N ILE E 240 37.07 -15.92 -2.48
CA ILE E 240 38.24 -16.10 -1.65
C ILE E 240 38.48 -14.85 -0.81
N LEU E 241 38.54 -15.03 0.50
CA LEU E 241 38.85 -13.94 1.43
C LEU E 241 40.35 -13.75 1.48
N MET E 242 40.77 -12.50 1.58
CA MET E 242 42.19 -12.15 1.78
C MET E 242 42.29 -11.02 2.79
N ILE E 243 43.16 -11.18 3.78
CA ILE E 243 43.30 -10.21 4.84
C ILE E 243 44.71 -9.67 4.81
N ASN E 244 44.83 -8.35 4.91
CA ASN E 244 46.13 -7.70 4.79
C ASN E 244 46.26 -6.58 5.82
N SER E 245 47.01 -6.83 6.89
CA SER E 245 47.23 -5.82 7.93
C SER E 245 48.70 -5.62 8.21
N ASN E 246 49.10 -4.37 8.47
CA ASN E 246 50.38 -4.10 9.14
C ASN E 246 50.20 -3.43 10.50
N GLY E 247 49.02 -3.60 11.09
CA GLY E 247 48.74 -3.05 12.40
C GLY E 247 47.26 -2.97 12.75
N ASN E 248 46.95 -3.25 14.02
CA ASN E 248 45.64 -2.99 14.63
C ASN E 248 44.50 -3.92 14.23
N LEU E 249 44.84 -5.05 13.60
CA LEU E 249 43.84 -6.01 13.15
C LEU E 249 43.33 -6.79 14.33
N VAL E 250 42.00 -6.88 14.42
CA VAL E 250 41.33 -7.83 15.30
C VAL E 250 40.74 -8.91 14.40
N ALA E 251 41.43 -10.04 14.30
CA ALA E 251 41.20 -11.00 13.24
C ALA E 251 40.02 -11.94 13.50
N PRO E 252 39.41 -12.47 12.43
CA PRO E 252 38.40 -13.50 12.58
C PRO E 252 39.07 -14.82 12.89
N ARG E 253 38.38 -15.67 13.64
CA ARG E 253 38.86 -17.00 13.97
C ARG E 253 38.22 -18.04 13.06
N GLY E 254 37.33 -17.60 12.18
CA GLY E 254 36.55 -18.51 11.37
C GLY E 254 35.36 -17.80 10.80
N TYR E 255 34.34 -18.57 10.38
CA TYR E 255 33.16 -18.01 9.73
C TYR E 255 31.85 -18.45 10.33
N PHE E 256 30.82 -17.64 10.08
CA PHE E 256 29.45 -17.97 10.36
C PHE E 256 28.76 -18.38 9.05
N LYS E 257 27.97 -19.46 9.11
CA LYS E 257 27.21 -19.91 7.97
C LYS E 257 25.89 -19.16 7.86
N LEU E 258 25.62 -18.54 6.72
CA LEU E 258 24.35 -17.85 6.51
C LEU E 258 23.33 -18.73 5.81
N LYS E 259 22.07 -18.67 6.27
CA LYS E 259 20.97 -19.45 5.71
C LYS E 259 19.87 -18.55 5.18
N THR E 260 19.04 -19.10 4.30
CA THR E 260 17.85 -18.41 3.82
C THR E 260 16.72 -18.86 4.74
N GLY E 261 16.69 -18.26 5.91
CA GLY E 261 15.80 -18.70 6.98
C GLY E 261 14.49 -17.95 7.02
N LYS E 262 13.66 -18.37 7.96
CA LYS E 262 12.42 -17.70 8.26
C LYS E 262 12.57 -17.22 9.69
N SER E 263 13.75 -16.65 9.97
CA SER E 263 14.18 -16.33 11.33
C SER E 263 14.15 -14.83 11.58
N SER E 264 14.04 -14.42 12.84
CA SER E 264 14.11 -12.98 13.16
C SER E 264 14.51 -12.68 14.59
N VAL E 265 14.50 -11.40 14.93
CA VAL E 265 14.79 -10.91 16.26
C VAL E 265 13.68 -9.93 16.64
N MET E 266 13.40 -9.84 17.93
CA MET E 266 12.32 -9.00 18.40
C MET E 266 12.62 -8.48 19.80
N ARG E 267 12.45 -7.17 19.97
CA ARG E 267 12.65 -6.55 21.27
C ARG E 267 11.38 -6.74 22.09
N SER E 268 11.55 -7.18 23.34
CA SER E 268 10.44 -7.42 24.24
C SER E 268 10.91 -7.69 25.66
N ASP E 269 10.08 -7.34 26.62
CA ASP E 269 10.39 -7.55 28.03
C ASP E 269 9.44 -8.51 28.70
N VAL E 270 8.50 -9.13 27.96
CA VAL E 270 7.53 -9.98 28.65
C VAL E 270 8.10 -11.38 28.84
N PRO E 271 7.60 -12.12 29.85
CA PRO E 271 8.16 -13.42 30.13
C PRO E 271 7.79 -14.47 29.10
N ILE E 272 8.73 -15.37 28.82
CA ILE E 272 8.53 -16.51 27.92
C ILE E 272 7.95 -17.69 28.71
N ASP E 273 7.02 -18.44 28.10
CA ASP E 273 6.29 -19.48 28.82
C ASP E 273 5.75 -20.59 27.93
N ILE E 274 5.35 -21.70 28.57
CA ILE E 274 4.71 -22.85 27.90
C ILE E 274 3.25 -22.53 27.50
N CYS E 275 2.94 -22.77 26.24
CA CYS E 275 1.64 -22.51 25.60
C CYS E 275 1.93 -22.59 24.10
N VAL E 276 0.88 -22.66 23.28
CA VAL E 276 1.07 -22.88 21.84
C VAL E 276 0.43 -21.74 21.06
N SER E 277 1.26 -20.92 20.42
CA SER E 277 0.78 -19.84 19.56
C SER E 277 1.78 -19.57 18.45
N GLU E 278 1.23 -19.29 17.26
CA GLU E 278 2.00 -19.06 16.04
C GLU E 278 1.97 -17.59 15.60
N CYS E 279 1.80 -16.67 16.55
CA CYS E 279 1.90 -15.24 16.27
C CYS E 279 2.39 -14.51 17.51
N ILE E 280 3.51 -13.80 17.36
CA ILE E 280 4.20 -13.19 18.50
C ILE E 280 4.39 -11.68 18.35
N THR E 281 4.18 -10.98 19.45
CA THR E 281 4.40 -9.54 19.50
C THR E 281 5.21 -9.20 20.74
N PRO E 282 5.75 -7.98 20.80
CA PRO E 282 6.32 -7.41 22.02
C PRO E 282 5.42 -7.46 23.26
N ASN E 283 4.10 -7.49 23.09
CA ASN E 283 3.17 -7.57 24.23
C ASN E 283 3.01 -8.99 24.71
N GLY E 284 3.45 -9.94 23.88
CA GLY E 284 3.26 -11.37 24.11
C GLY E 284 2.72 -12.00 22.85
N SER E 285 2.41 -13.29 22.93
CA SER E 285 1.74 -13.98 21.84
C SER E 285 0.31 -13.46 21.76
N ILE E 286 -0.25 -13.46 20.55
CA ILE E 286 -1.68 -13.22 20.37
C ILE E 286 -2.29 -14.41 19.64
N SER E 287 -3.59 -14.58 19.83
CA SER E 287 -4.35 -15.57 19.07
C SER E 287 -4.46 -15.04 17.66
N ASN E 288 -4.39 -15.94 16.68
CA ASN E 288 -4.49 -15.59 15.26
C ASN E 288 -5.77 -16.12 14.59
N GLU E 289 -6.79 -16.39 15.42
CA GLU E 289 -8.12 -16.80 14.94
C GLU E 289 -8.77 -15.69 14.14
N LYS E 290 -8.44 -14.43 14.45
CA LYS E 290 -9.08 -13.28 13.82
C LYS E 290 -8.18 -12.68 12.75
N PRO E 291 -8.77 -12.03 11.75
CA PRO E 291 -8.01 -11.52 10.60
C PRO E 291 -7.19 -10.27 10.87
N PHE E 292 -7.61 -9.47 11.84
CA PHE E 292 -6.96 -8.21 12.16
C PHE E 292 -6.59 -8.20 13.63
N GLN E 293 -5.73 -7.25 14.01
CA GLN E 293 -5.35 -7.09 15.41
C GLN E 293 -4.95 -5.65 15.67
N ASN E 294 -5.09 -5.25 16.94
CA ASN E 294 -4.78 -3.90 17.40
C ASN E 294 -3.72 -3.88 18.50
N VAL E 295 -3.02 -4.99 18.66
CA VAL E 295 -2.05 -5.16 19.74
C VAL E 295 -0.69 -4.51 19.47
N ASN E 296 -0.12 -4.73 18.27
CA ASN E 296 1.19 -4.17 17.92
C ASN E 296 1.51 -4.31 16.44
N LYS E 297 2.17 -3.31 15.88
CA LYS E 297 2.67 -3.42 14.50
C LYS E 297 3.90 -4.35 14.37
N VAL E 298 4.64 -4.58 15.45
CA VAL E 298 5.70 -5.57 15.43
C VAL E 298 5.05 -6.92 15.67
N THR E 299 5.20 -7.81 14.69
CA THR E 299 4.71 -9.17 14.78
C THR E 299 5.69 -10.15 14.16
N TYR E 300 5.53 -11.42 14.50
CA TYR E 300 6.26 -12.51 13.89
C TYR E 300 5.36 -13.74 13.88
N GLY E 301 5.12 -14.30 12.71
CA GLY E 301 4.45 -15.59 12.61
C GLY E 301 3.26 -15.55 11.68
N LYS E 302 2.25 -16.36 12.01
CA LYS E 302 0.99 -16.40 11.26
C LYS E 302 0.05 -15.36 11.87
N CYS E 303 0.18 -14.11 11.42
CA CYS E 303 -0.35 -13.00 12.19
C CYS E 303 -1.53 -12.27 11.55
N PRO E 304 -2.52 -11.90 12.38
CA PRO E 304 -3.55 -10.99 11.93
C PRO E 304 -2.92 -9.66 11.59
N LYS E 305 -3.54 -8.92 10.68
CA LYS E 305 -2.93 -7.69 10.15
C LYS E 305 -3.21 -6.54 11.10
N TYR E 306 -2.18 -5.75 11.37
CA TYR E 306 -2.35 -4.65 12.30
C TYR E 306 -3.23 -3.61 11.67
N ILE E 307 -4.27 -3.22 12.40
CA ILE E 307 -5.08 -2.06 12.00
C ILE E 307 -5.23 -1.09 13.17
N ARG E 308 -5.80 0.07 12.88
CA ARG E 308 -5.93 1.14 13.87
C ARG E 308 -7.20 1.01 14.70
N GLN E 309 -8.20 0.31 14.17
CA GLN E 309 -9.45 0.10 14.89
C GLN E 309 -9.24 -0.96 15.98
N ASN E 310 -10.03 -0.86 17.05
CA ASN E 310 -9.93 -1.74 18.22
C ASN E 310 -11.05 -2.79 18.23
N THR E 311 -12.15 -2.45 17.55
CA THR E 311 -13.27 -3.38 17.33
C THR E 311 -13.87 -3.26 15.93
N LEU E 312 -14.16 -4.40 15.32
CA LEU E 312 -14.98 -4.46 14.12
C LEU E 312 -15.88 -5.69 14.20
N LYS E 313 -17.14 -5.47 14.51
CA LYS E 313 -18.07 -6.55 14.72
C LYS E 313 -18.65 -6.89 13.37
N LEU E 314 -18.54 -8.16 12.99
CA LEU E 314 -19.10 -8.63 11.75
C LEU E 314 -20.39 -9.38 12.05
N ALA E 315 -21.45 -9.01 11.35
CA ALA E 315 -22.77 -9.55 11.61
C ALA E 315 -22.81 -11.01 11.20
N THR E 316 -23.23 -11.87 12.13
CA THR E 316 -23.47 -13.28 11.84
C THR E 316 -24.96 -13.62 11.96
N GLY E 317 -25.82 -12.63 11.74
CA GLY E 317 -27.24 -12.87 11.84
C GLY E 317 -28.03 -11.74 11.24
N MET E 318 -29.33 -11.95 11.13
CA MET E 318 -30.23 -10.93 10.61
C MET E 318 -30.42 -9.80 11.62
N ARG E 319 -31.02 -8.74 11.11
CA ARG E 319 -31.55 -7.64 11.91
C ARG E 319 -32.45 -8.12 13.05
N ASN E 320 -32.17 -7.69 14.27
CA ASN E 320 -32.94 -8.12 15.41
C ASN E 320 -34.06 -7.12 15.71
N VAL E 321 -35.27 -7.64 15.86
CA VAL E 321 -36.45 -6.79 16.09
C VAL E 321 -37.31 -7.45 17.17
N PRO E 322 -37.04 -7.11 18.45
CA PRO E 322 -37.66 -7.73 19.64
C PRO E 322 -39.19 -7.71 19.65
N GLU E 323 -39.79 -8.58 20.47
CA GLU E 323 -41.23 -8.90 20.37
C GLU E 323 -42.16 -7.80 20.87
N GLY F 1 -33.85 -3.45 5.50
CA GLY F 1 -33.27 -3.98 4.25
C GLY F 1 -34.07 -3.57 3.02
N ILE F 2 -33.54 -3.92 1.86
CA ILE F 2 -34.07 -3.46 0.57
C ILE F 2 -35.40 -4.13 0.17
N PHE F 3 -35.73 -5.27 0.76
CA PHE F 3 -36.96 -6.00 0.42
C PHE F 3 -38.15 -5.63 1.29
N GLY F 4 -37.90 -4.85 2.34
CA GLY F 4 -38.96 -4.32 3.19
C GLY F 4 -39.75 -5.35 3.96
N ALA F 5 -39.22 -6.57 4.08
CA ALA F 5 -39.89 -7.62 4.84
C ALA F 5 -39.51 -7.49 6.32
N ILE F 6 -38.25 -7.77 6.64
CA ILE F 6 -37.73 -7.62 8.00
C ILE F 6 -37.63 -6.14 8.36
N ALA F 7 -38.12 -5.80 9.56
CA ALA F 7 -38.24 -4.40 10.00
C ALA F 7 -39.11 -3.57 9.04
N GLY F 8 -40.08 -4.24 8.40
CA GLY F 8 -40.95 -3.59 7.42
C GLY F 8 -42.40 -4.08 7.48
N PHE F 9 -42.82 -4.89 6.51
CA PHE F 9 -44.15 -5.47 6.52
C PHE F 9 -44.26 -6.68 7.44
N ILE F 10 -43.13 -7.23 7.87
CA ILE F 10 -43.09 -8.12 9.03
C ILE F 10 -42.82 -7.19 10.18
N GLU F 11 -43.75 -7.08 11.12
CA GLU F 11 -43.66 -6.04 12.13
C GLU F 11 -42.48 -6.28 13.07
N ASN F 12 -42.31 -7.54 13.52
CA ASN F 12 -41.23 -7.88 14.46
C ASN F 12 -40.77 -9.34 14.38
N GLY F 13 -39.73 -9.68 15.14
CA GLY F 13 -39.25 -11.07 15.20
C GLY F 13 -39.94 -11.89 16.27
N TRP F 14 -39.81 -13.21 16.18
CA TRP F 14 -40.31 -14.11 17.21
C TRP F 14 -39.19 -14.67 18.10
N GLU F 15 -39.15 -14.27 19.36
CA GLU F 15 -38.18 -14.81 20.32
C GLU F 15 -38.49 -16.27 20.72
N GLY F 16 -39.67 -16.76 20.37
CA GLY F 16 -40.09 -18.12 20.68
C GLY F 16 -39.66 -19.13 19.64
N MET F 17 -39.47 -18.67 18.40
CA MET F 17 -38.89 -19.49 17.34
CA MET F 17 -38.91 -19.53 17.37
C MET F 17 -37.43 -19.81 17.69
N VAL F 18 -37.20 -20.92 18.37
CA VAL F 18 -35.87 -21.25 18.90
C VAL F 18 -35.08 -22.29 18.10
N ASP F 19 -35.64 -22.76 16.98
CA ASP F 19 -34.99 -23.82 16.22
C ASP F 19 -35.01 -23.51 14.72
N GLY F 20 -35.06 -22.23 14.40
CA GLY F 20 -35.15 -21.77 13.03
C GLY F 20 -34.84 -20.29 13.01
N TRP F 21 -34.54 -19.81 11.82
CA TRP F 21 -34.32 -18.38 11.60
C TRP F 21 -35.55 -17.80 10.97
N TYR F 22 -36.18 -18.57 10.10
CA TYR F 22 -37.43 -18.22 9.47
C TYR F 22 -38.41 -19.33 9.77
N GLY F 23 -39.71 -19.03 9.69
CA GLY F 23 -40.72 -20.05 9.91
C GLY F 23 -42.15 -19.59 9.86
N PHE F 24 -43.03 -20.44 10.37
CA PHE F 24 -44.48 -20.27 10.28
C PHE F 24 -45.15 -20.28 11.64
N ARG F 25 -46.15 -19.43 11.81
CA ARG F 25 -47.15 -19.61 12.86
C ARG F 25 -48.51 -19.76 12.24
N TYR F 26 -49.34 -20.62 12.80
CA TYR F 26 -50.70 -20.87 12.28
C TYR F 26 -51.71 -21.07 13.39
N GLN F 27 -52.98 -20.81 13.04
CA GLN F 27 -54.13 -21.09 13.92
C GLN F 27 -55.26 -21.66 13.06
N ASN F 28 -55.76 -22.81 13.46
CA ASN F 28 -56.81 -23.48 12.72
C ASN F 28 -57.72 -24.26 13.67
N SER F 29 -58.66 -25.01 13.10
CA SER F 29 -59.60 -25.84 13.86
C SER F 29 -58.91 -26.60 14.98
N GLU F 30 -57.77 -27.21 14.64
CA GLU F 30 -56.96 -28.02 15.57
C GLU F 30 -56.21 -27.21 16.62
N GLY F 31 -56.03 -25.92 16.39
CA GLY F 31 -55.45 -25.03 17.40
C GLY F 31 -54.44 -24.04 16.85
N THR F 32 -53.37 -23.81 17.58
CA THR F 32 -52.32 -22.92 17.14
CA THR F 32 -52.30 -22.91 17.15
C THR F 32 -50.98 -23.67 17.13
N GLY F 33 -50.04 -23.19 16.33
CA GLY F 33 -48.76 -23.89 16.19
C GLY F 33 -47.62 -23.11 15.55
N GLN F 34 -46.41 -23.57 15.81
CA GLN F 34 -45.21 -22.96 15.29
C GLN F 34 -44.30 -24.03 14.70
N ALA F 35 -43.74 -23.73 13.53
CA ALA F 35 -42.82 -24.62 12.82
C ALA F 35 -41.77 -23.81 12.06
N ALA F 36 -40.49 -24.18 12.23
CA ALA F 36 -39.40 -23.51 11.49
C ALA F 36 -39.44 -23.93 10.04
N ASP F 37 -38.88 -23.10 9.16
CA ASP F 37 -38.58 -23.52 7.79
C ASP F 37 -37.06 -23.72 7.68
N LEU F 38 -36.66 -24.96 7.43
CA LEU F 38 -35.25 -25.34 7.42
C LEU F 38 -34.51 -24.85 6.18
N LYS F 39 -35.10 -25.08 5.02
CA LYS F 39 -34.48 -24.67 3.76
C LYS F 39 -34.05 -23.19 3.81
N SER F 40 -34.94 -22.32 4.29
CA SER F 40 -34.64 -20.88 4.38
C SER F 40 -33.60 -20.57 5.45
N THR F 41 -33.74 -21.17 6.63
CA THR F 41 -32.78 -21.02 7.70
C THR F 41 -31.38 -21.45 7.24
N GLN F 42 -31.30 -22.58 6.54
CA GLN F 42 -30.01 -23.12 6.15
C GLN F 42 -29.29 -22.25 5.09
N THR F 43 -30.04 -21.82 4.08
CA THR F 43 -29.52 -20.95 3.03
C THR F 43 -28.85 -19.72 3.65
N ALA F 44 -29.53 -19.10 4.60
CA ALA F 44 -29.03 -17.93 5.27
C ALA F 44 -27.78 -18.22 6.10
N ILE F 45 -27.77 -19.34 6.83
CA ILE F 45 -26.63 -19.71 7.70
C ILE F 45 -25.40 -20.06 6.86
N ASP F 46 -25.64 -20.77 5.76
CA ASP F 46 -24.58 -21.18 4.84
C ASP F 46 -23.82 -20.00 4.27
N GLN F 47 -24.57 -19.00 3.80
CA GLN F 47 -24.01 -17.80 3.19
C GLN F 47 -23.20 -16.98 4.17
N ILE F 48 -23.66 -16.95 5.41
CA ILE F 48 -22.94 -16.26 6.46
C ILE F 48 -21.72 -17.07 6.84
N ASN F 49 -21.85 -18.39 6.81
CA ASN F 49 -20.69 -19.25 7.03
C ASN F 49 -19.56 -19.02 6.00
N GLU F 50 -19.92 -18.73 4.75
CA GLU F 50 -18.92 -18.47 3.71
C GLU F 50 -18.24 -17.10 3.89
N LYS F 51 -19.00 -16.08 4.29
CA LYS F 51 -18.38 -14.81 4.70
C LYS F 51 -17.36 -15.10 5.79
N LEU F 52 -17.84 -15.75 6.85
CA LEU F 52 -17.00 -16.12 8.00
C LEU F 52 -15.74 -16.90 7.60
N ASN F 53 -15.88 -17.94 6.79
CA ASN F 53 -14.72 -18.77 6.37
C ASN F 53 -13.70 -18.04 5.54
N ARG F 54 -14.16 -17.00 4.84
CA ARG F 54 -13.29 -16.18 4.02
C ARG F 54 -12.40 -15.26 4.85
N VAL F 55 -12.71 -15.06 6.13
CA VAL F 55 -11.95 -14.13 6.94
C VAL F 55 -11.40 -14.68 8.26
N ILE F 56 -11.62 -15.95 8.60
CA ILE F 56 -11.02 -16.49 9.86
C ILE F 56 -9.93 -17.56 9.61
N GLU F 57 -8.84 -17.47 10.37
CA GLU F 57 -7.62 -18.28 10.16
C GLU F 57 -7.10 -18.29 8.72
N ARG F 58 -7.18 -17.13 8.08
CA ARG F 58 -6.66 -16.89 6.73
C ARG F 58 -5.41 -16.00 6.82
N THR F 59 -4.85 -15.93 8.03
CA THR F 59 -3.71 -15.06 8.30
C THR F 59 -2.47 -15.62 7.60
N ASN F 60 -1.59 -14.72 7.16
CA ASN F 60 -0.45 -15.09 6.34
C ASN F 60 0.85 -15.00 7.08
N GLU F 61 1.70 -15.99 6.88
CA GLU F 61 2.98 -16.06 7.59
C GLU F 61 3.80 -14.87 7.18
N LYS F 62 4.38 -14.18 8.16
CA LYS F 62 5.43 -13.20 7.88
C LYS F 62 6.56 -13.40 8.87
N PHE F 63 7.80 -13.29 8.41
CA PHE F 63 8.96 -13.54 9.26
C PHE F 63 9.79 -12.29 9.39
N HIS F 64 11.06 -12.31 9.00
CA HIS F 64 11.90 -11.12 9.16
C HIS F 64 11.32 -9.95 8.36
N GLN F 65 10.92 -8.89 9.05
CA GLN F 65 10.39 -7.70 8.39
C GLN F 65 11.39 -6.57 8.63
N ILE F 66 10.97 -5.34 8.34
CA ILE F 66 11.76 -4.16 8.70
C ILE F 66 11.52 -3.78 10.16
N GLU F 67 12.33 -2.88 10.71
CA GLU F 67 12.15 -2.42 12.09
C GLU F 67 11.08 -1.35 12.16
N LYS F 68 10.37 -1.28 13.29
CA LYS F 68 9.21 -0.40 13.43
C LYS F 68 9.19 0.45 14.71
N GLU F 69 10.21 0.32 15.54
CA GLU F 69 10.41 1.22 16.66
C GLU F 69 11.90 1.56 16.57
N PHE F 70 12.29 2.72 17.06
CA PHE F 70 13.68 3.17 16.95
C PHE F 70 14.12 3.91 18.19
N SER F 71 15.33 3.65 18.65
CA SER F 71 15.85 4.29 19.83
C SER F 71 16.84 5.41 19.49
N GLU F 72 17.16 5.56 18.20
CA GLU F 72 18.02 6.63 17.72
C GLU F 72 17.34 7.48 16.68
N VAL F 73 17.74 8.75 16.60
CA VAL F 73 17.31 9.64 15.54
C VAL F 73 18.29 9.41 14.40
N GLU F 74 17.79 9.21 13.19
CA GLU F 74 18.62 8.80 12.03
C GLU F 74 18.34 9.59 10.76
N GLY F 75 17.19 10.24 10.67
CA GLY F 75 16.86 11.01 9.48
C GLY F 75 16.31 10.13 8.37
N ARG F 76 16.92 10.24 7.20
CA ARG F 76 16.28 9.81 5.96
C ARG F 76 15.73 8.37 5.92
N ILE F 77 16.57 7.39 6.24
CA ILE F 77 16.18 5.99 6.14
CA ILE F 77 16.19 5.99 6.16
C ILE F 77 15.04 5.65 7.11
N GLN F 78 15.10 6.18 8.34
CA GLN F 78 14.07 5.93 9.34
C GLN F 78 12.78 6.61 8.91
N ASP F 79 12.86 7.87 8.46
CA ASP F 79 11.71 8.58 7.86
C ASP F 79 10.99 7.66 6.88
N LEU F 80 11.75 7.00 6.02
CA LEU F 80 11.21 6.12 4.98
C LEU F 80 10.65 4.83 5.55
N GLU F 81 11.36 4.25 6.51
CA GLU F 81 10.91 3.03 7.18
C GLU F 81 9.59 3.25 7.92
N LYS F 82 9.44 4.44 8.51
CA LYS F 82 8.21 4.81 9.23
C LYS F 82 7.08 5.17 8.29
N TYR F 83 7.38 5.88 7.22
CA TYR F 83 6.37 6.19 6.21
C TYR F 83 5.79 4.93 5.58
N VAL F 84 6.64 3.93 5.29
CA VAL F 84 6.20 2.69 4.63
C VAL F 84 5.24 1.96 5.54
N GLU F 85 5.50 1.98 6.84
CA GLU F 85 4.60 1.32 7.78
C GLU F 85 3.30 2.09 8.00
N ASP F 86 3.36 3.41 8.18
CA ASP F 86 2.13 4.20 8.30
CA ASP F 86 2.15 4.21 8.30
C ASP F 86 1.30 4.11 7.02
N THR F 87 1.98 4.10 5.88
CA THR F 87 1.27 3.92 4.63
C THR F 87 0.59 2.56 4.60
N LYS F 88 1.28 1.52 5.04
CA LYS F 88 0.75 0.16 5.00
C LYS F 88 -0.43 -0.03 5.95
N ILE F 89 -0.32 0.56 7.13
CA ILE F 89 -1.36 0.45 8.14
C ILE F 89 -2.63 1.20 7.73
N ASP F 90 -2.48 2.42 7.23
CA ASP F 90 -3.64 3.19 6.82
C ASP F 90 -4.46 2.42 5.79
N LEU F 91 -3.78 1.79 4.84
CA LEU F 91 -4.43 1.07 3.74
C LEU F 91 -5.19 -0.17 4.20
N TRP F 92 -4.64 -0.90 5.17
CA TRP F 92 -5.29 -2.09 5.71
C TRP F 92 -6.46 -1.73 6.63
N SER F 93 -6.33 -0.60 7.33
CA SER F 93 -7.39 -0.13 8.20
C SER F 93 -8.60 0.26 7.35
N TYR F 94 -8.34 0.92 6.23
CA TYR F 94 -9.38 1.23 5.30
C TYR F 94 -10.01 -0.08 4.77
N ASN F 95 -9.19 -1.00 4.27
CA ASN F 95 -9.69 -2.32 3.83
C ASN F 95 -10.61 -2.98 4.88
N ALA F 96 -10.18 -2.92 6.14
CA ALA F 96 -10.94 -3.51 7.24
C ALA F 96 -12.29 -2.83 7.43
N GLU F 97 -12.30 -1.51 7.43
CA GLU F 97 -13.53 -0.75 7.65
C GLU F 97 -14.52 -1.00 6.52
N LEU F 98 -14.02 -0.95 5.29
CA LEU F 98 -14.87 -1.16 4.14
C LEU F 98 -15.39 -2.59 4.11
N LEU F 99 -14.51 -3.57 4.33
CA LEU F 99 -14.92 -4.98 4.29
C LEU F 99 -16.09 -5.27 5.22
N VAL F 100 -15.98 -4.82 6.47
CA VAL F 100 -16.99 -5.08 7.49
C VAL F 100 -18.34 -4.39 7.18
N ALA F 101 -18.30 -3.15 6.70
CA ALA F 101 -19.50 -2.39 6.39
C ALA F 101 -20.27 -2.98 5.20
N LEU F 102 -19.55 -3.33 4.13
CA LEU F 102 -20.14 -4.00 2.97
C LEU F 102 -20.79 -5.33 3.31
N GLU F 103 -20.03 -6.20 3.97
CA GLU F 103 -20.52 -7.52 4.35
C GLU F 103 -21.78 -7.35 5.18
N ASN F 104 -21.66 -6.55 6.22
CA ASN F 104 -22.76 -6.32 7.11
C ASN F 104 -24.00 -5.86 6.34
N GLN F 105 -23.85 -4.92 5.42
CA GLN F 105 -24.98 -4.52 4.57
C GLN F 105 -25.56 -5.74 3.86
N HIS F 106 -24.67 -6.46 3.20
CA HIS F 106 -25.06 -7.60 2.40
C HIS F 106 -25.74 -8.69 3.26
N THR F 107 -25.22 -8.93 4.46
CA THR F 107 -25.86 -9.88 5.38
C THR F 107 -27.26 -9.43 5.80
N ILE F 108 -27.43 -8.13 6.05
CA ILE F 108 -28.75 -7.61 6.40
C ILE F 108 -29.67 -7.87 5.22
N ASP F 109 -29.21 -7.48 4.02
CA ASP F 109 -30.05 -7.54 2.84
C ASP F 109 -30.37 -8.97 2.39
N LEU F 110 -29.44 -9.91 2.60
CA LEU F 110 -29.66 -11.31 2.19
C LEU F 110 -30.53 -12.06 3.19
N THR F 111 -30.49 -11.67 4.45
CA THR F 111 -31.43 -12.19 5.41
C THR F 111 -32.84 -11.62 5.15
N ASP F 112 -32.93 -10.37 4.72
CA ASP F 112 -34.22 -9.79 4.29
C ASP F 112 -34.77 -10.61 3.12
N ALA F 113 -33.92 -10.85 2.13
CA ALA F 113 -34.29 -11.56 0.91
C ALA F 113 -34.93 -12.93 1.16
N GLU F 114 -34.39 -13.71 2.10
CA GLU F 114 -34.89 -15.07 2.34
C GLU F 114 -36.27 -15.05 2.95
N MET F 115 -36.54 -14.00 3.73
CA MET F 115 -37.82 -13.78 4.39
C MET F 115 -38.87 -13.49 3.33
N ASN F 116 -38.51 -12.62 2.39
CA ASN F 116 -39.40 -12.34 1.27
C ASN F 116 -39.61 -13.57 0.37
N LYS F 117 -38.53 -14.30 0.08
CA LYS F 117 -38.62 -15.49 -0.76
C LYS F 117 -39.48 -16.53 -0.13
N LEU F 118 -39.47 -16.63 1.19
CA LEU F 118 -40.34 -17.58 1.85
C LEU F 118 -41.77 -17.16 1.68
N PHE F 119 -42.00 -15.86 1.83
CA PHE F 119 -43.33 -15.29 1.69
C PHE F 119 -43.89 -15.51 0.28
N GLU F 120 -43.05 -15.33 -0.73
CA GLU F 120 -43.51 -15.39 -2.11
C GLU F 120 -43.82 -16.82 -2.55
N LYS F 121 -43.09 -17.76 -1.97
CA LYS F 121 -43.18 -19.19 -2.27
C LYS F 121 -44.50 -19.70 -1.69
N THR F 122 -44.81 -19.19 -0.50
CA THR F 122 -46.07 -19.43 0.16
C THR F 122 -47.23 -18.83 -0.62
N ARG F 123 -47.17 -17.53 -0.94
CA ARG F 123 -48.19 -16.89 -1.76
C ARG F 123 -48.52 -17.70 -2.99
N ARG F 124 -47.48 -18.13 -3.69
CA ARG F 124 -47.59 -18.83 -4.98
C ARG F 124 -48.24 -20.19 -4.85
N GLN F 125 -48.01 -20.85 -3.72
CA GLN F 125 -48.61 -22.15 -3.48
C GLN F 125 -50.11 -22.07 -3.30
N LEU F 126 -50.55 -21.03 -2.59
CA LEU F 126 -51.94 -20.90 -2.13
C LEU F 126 -52.85 -20.37 -3.23
N ARG F 127 -52.26 -19.80 -4.27
CA ARG F 127 -53.04 -19.32 -5.42
C ARG F 127 -54.21 -18.43 -4.94
N GLU F 128 -55.45 -18.85 -5.21
CA GLU F 128 -56.62 -18.03 -4.99
C GLU F 128 -57.33 -18.39 -3.69
N ASN F 129 -56.75 -19.31 -2.94
CA ASN F 129 -57.35 -19.81 -1.71
C ASN F 129 -57.05 -18.94 -0.49
N ALA F 130 -56.27 -17.87 -0.68
CA ALA F 130 -55.85 -17.04 0.44
C ALA F 130 -55.56 -15.61 0.04
N GLU F 131 -55.76 -14.70 0.99
CA GLU F 131 -55.45 -13.28 0.81
C GLU F 131 -54.42 -12.84 1.83
N ASP F 132 -53.57 -11.90 1.40
CA ASP F 132 -52.50 -11.32 2.21
C ASP F 132 -53.10 -10.28 3.14
N MET F 133 -53.10 -10.57 4.45
CA MET F 133 -53.68 -9.66 5.46
CA MET F 133 -53.68 -9.68 5.46
C MET F 133 -52.73 -8.53 5.84
N GLY F 134 -51.45 -8.70 5.52
CA GLY F 134 -50.40 -7.76 5.95
C GLY F 134 -49.74 -8.37 7.16
N GLY F 135 -48.62 -7.82 7.60
CA GLY F 135 -47.91 -8.41 8.73
C GLY F 135 -47.16 -9.69 8.40
N GLY F 136 -47.26 -10.14 7.14
CA GLY F 136 -46.79 -11.46 6.76
C GLY F 136 -47.78 -12.60 6.98
N CYS F 137 -49.05 -12.27 7.23
CA CYS F 137 -50.07 -13.28 7.49
C CYS F 137 -50.98 -13.52 6.31
N PHE F 138 -51.37 -14.77 6.11
CA PHE F 138 -52.38 -15.11 5.13
C PHE F 138 -53.69 -15.53 5.82
N LYS F 139 -54.81 -15.07 5.27
CA LYS F 139 -56.11 -15.64 5.59
C LYS F 139 -56.35 -16.73 4.56
N ILE F 140 -56.54 -17.95 5.03
CA ILE F 140 -56.77 -19.09 4.13
C ILE F 140 -58.25 -19.41 4.17
N TYR F 141 -58.91 -19.27 3.02
CA TYR F 141 -60.37 -19.27 2.99
C TYR F 141 -61.00 -20.65 2.92
N HIS F 142 -60.47 -21.59 3.71
CA HIS F 142 -61.06 -22.93 3.77
C HIS F 142 -60.61 -23.66 5.03
N LYS F 143 -61.22 -24.82 5.27
CA LYS F 143 -60.86 -25.67 6.40
C LYS F 143 -59.43 -26.13 6.18
N CYS F 144 -58.62 -26.11 7.22
CA CYS F 144 -57.20 -26.36 7.07
C CYS F 144 -56.62 -27.01 8.32
N ASP F 145 -56.78 -28.32 8.44
CA ASP F 145 -56.24 -29.08 9.56
C ASP F 145 -54.70 -29.02 9.57
N ASN F 146 -54.06 -29.48 10.65
CA ASN F 146 -52.61 -29.49 10.74
C ASN F 146 -51.91 -30.20 9.57
N ALA F 147 -52.51 -31.29 9.09
CA ALA F 147 -52.00 -32.01 7.93
C ALA F 147 -51.94 -31.08 6.72
N CYS F 148 -53.00 -30.32 6.49
CA CYS F 148 -53.05 -29.41 5.37
C CYS F 148 -51.98 -28.32 5.48
N ILE F 149 -51.77 -27.80 6.68
CA ILE F 149 -50.72 -26.79 6.94
C ILE F 149 -49.36 -27.33 6.62
N GLY F 150 -49.10 -28.56 7.06
CA GLY F 150 -47.85 -29.25 6.74
C GLY F 150 -47.65 -29.36 5.25
N SER F 151 -48.71 -29.70 4.52
CA SER F 151 -48.61 -29.78 3.06
C SER F 151 -48.10 -28.46 2.49
N ILE F 152 -48.53 -27.32 3.04
CA ILE F 152 -48.05 -26.01 2.60
C ILE F 152 -46.57 -25.88 2.90
N ARG F 153 -46.22 -26.29 4.11
CA ARG F 153 -44.85 -26.18 4.61
C ARG F 153 -43.84 -27.10 3.92
N ASN F 154 -44.24 -28.30 3.52
CA ASN F 154 -43.37 -29.19 2.72
C ASN F 154 -43.59 -29.04 1.20
N GLY F 155 -44.17 -27.90 0.79
CA GLY F 155 -44.27 -27.53 -0.62
C GLY F 155 -45.21 -28.35 -1.51
N THR F 156 -46.04 -29.21 -0.91
CA THR F 156 -46.93 -30.10 -1.65
C THR F 156 -48.42 -29.68 -1.63
N TYR F 157 -48.73 -28.46 -1.20
CA TYR F 157 -50.13 -28.00 -1.16
C TYR F 157 -50.67 -27.89 -2.58
N ASP F 158 -51.78 -28.56 -2.80
CA ASP F 158 -52.46 -28.54 -4.08
C ASP F 158 -53.73 -27.70 -3.90
N HIS F 159 -53.82 -26.61 -4.65
CA HIS F 159 -54.87 -25.62 -4.45
C HIS F 159 -56.22 -25.91 -5.13
N TYR F 160 -56.24 -26.69 -6.22
CA TYR F 160 -57.50 -27.01 -6.90
C TYR F 160 -58.46 -27.74 -5.96
N ILE F 161 -57.87 -28.57 -5.10
CA ILE F 161 -58.60 -29.38 -4.15
CA ILE F 161 -58.67 -29.38 -4.22
C ILE F 161 -59.49 -28.52 -3.24
N TYR F 162 -59.03 -27.32 -2.91
CA TYR F 162 -59.80 -26.44 -2.00
C TYR F 162 -60.37 -25.17 -2.69
N ARG F 163 -60.06 -24.95 -3.98
CA ARG F 163 -60.42 -23.70 -4.68
C ARG F 163 -61.91 -23.33 -4.61
N ASP F 164 -62.79 -24.22 -5.07
CA ASP F 164 -64.24 -24.00 -4.96
C ASP F 164 -64.65 -23.55 -3.56
N GLU F 165 -64.15 -24.22 -2.53
CA GLU F 165 -64.54 -23.93 -1.15
C GLU F 165 -64.12 -22.54 -0.73
N ALA F 166 -62.93 -22.14 -1.17
CA ALA F 166 -62.35 -20.86 -0.82
C ALA F 166 -62.94 -19.73 -1.62
N LEU F 167 -63.09 -19.93 -2.92
CA LEU F 167 -63.68 -18.87 -3.73
C LEU F 167 -65.05 -18.49 -3.17
N ASN F 168 -65.78 -19.50 -2.71
CA ASN F 168 -67.02 -19.31 -1.97
C ASN F 168 -66.91 -18.37 -0.79
N ASN F 169 -65.95 -18.66 0.09
CA ASN F 169 -65.81 -17.89 1.32
C ASN F 169 -65.28 -16.46 1.15
N ARG F 170 -64.66 -16.18 0.00
CA ARG F 170 -64.12 -14.84 -0.28
C ARG F 170 -65.10 -13.90 -0.95
N PHE F 171 -66.08 -14.46 -1.66
CA PHE F 171 -67.08 -13.67 -2.40
C PHE F 171 -68.51 -14.15 -2.08
#